data_7Y4G
#
_entry.id   7Y4G
#
_cell.length_a   165.298
_cell.length_b   110.991
_cell.length_c   134.392
_cell.angle_alpha   90.00
_cell.angle_beta   91.17
_cell.angle_gamma   90.00
#
_symmetry.space_group_name_H-M   'C 1 2 1'
#
loop_
_entity.id
_entity.type
_entity.pdbx_description
1 polymer btDPP4
2 non-polymer '(2R)-4-OXO-4-[3-(TRIFLUOROMETHYL)-5,6-DIHYDRO[1,2,4]TRIAZOLO[4,3-A]PYRAZIN-7(8H)-YL]-1-(2,4,5-TRIFLUOROPHENYL)BUTAN-2-A MINE'
3 water water
#
_entity_poly.entity_id   1
_entity_poly.type   'polypeptide(L)'
_entity_poly.pdbx_seq_one_letter_code
;QKALDLKDITSGRFRPENIQGVIPMPDGEHYTQMSADGTQIIKYSFRTGEKVEVIFDVNQARECDFKNFDSYQFSPDGDK
LLIATRTTPIYRHSYTAVHYIYPLKRNDKGVTTNNIIERLSDGGPQQVPVFSPDGTMIAFVRDNNIFLVKLLYGNSESQV
TEDGKQNSVLNGIPDWVYEEEFGFNRALEFSADNTMIAFIRFDESEVPSYSFPMFAGEAPQITPLKDYPGEYTYKYPKAG
YPNSKVEVRTYDIKSHVTRTMKLPIDADGYIPRIRFTKDASKLAVMTLNRHQDRFDLYFADPRSTLCKLVLRDESPYYIK
ENVFDNIKFYPETFSLLSERDGFSHLYWYSMGGNLIKKVTNGKYEVKDFLGYDEADGSFYYTSNEESPLRKAVYKIDKKG
KKLKLSQREGTNTPLFSQSMKYYMNKFSNLDTPMLVTLNDNTGKTLKTLINNDQLKQTLSGYAIPQKEFFTFQTTDGVTL
NGWMMKPANFSTSKKYPVLMYQYSGPGSQQVLDTWGISWETYMASLGYIVVCVDGRGTGGRGEAFEKCTYLKIGVKEAKD
QVETALYLGKQPYVDKDRIGIWGWSYGGYMTLMSMSEGTPVFKAGVAVAAPTDWRFYDTIYTERFMRTPKENAEGYKESS
AFTRADKLHGNLLLVHGMADDNVHFQNCAEYAEHLVQLGKQFDMQVYTNRNHGIYGGNTRQHLYTRLTNFFLNNL
;
_entity_poly.pdbx_strand_id   A,B,C
#
loop_
_chem_comp.id
_chem_comp.type
_chem_comp.name
_chem_comp.formula
715 non-polymer '(2R)-4-OXO-4-[3-(TRIFLUOROMETHYL)-5,6-DIHYDRO[1,2,4]TRIAZOLO[4,3-A]PYRAZIN-7(8H)-YL]-1-(2,4,5-TRIFLUOROPHENYL)BUTAN-2-A MINE' 'C16 H15 F6 N5 O'
#
# COMPACT_ATOMS: atom_id res chain seq x y z
N GLN A 1 51.88 -31.53 -18.60
CA GLN A 1 51.18 -31.86 -19.85
C GLN A 1 50.36 -33.16 -19.88
N LYS A 2 50.37 -34.02 -18.84
CA LYS A 2 49.53 -35.22 -19.01
C LYS A 2 48.05 -34.87 -18.95
N ALA A 3 47.23 -35.86 -19.28
CA ALA A 3 45.79 -35.66 -19.40
C ALA A 3 45.17 -36.18 -18.14
N LEU A 4 44.18 -35.45 -17.62
CA LEU A 4 43.38 -35.93 -16.51
C LEU A 4 42.73 -37.26 -16.88
N ASP A 5 42.61 -38.12 -15.88
CA ASP A 5 41.94 -39.39 -16.03
C ASP A 5 40.74 -39.37 -15.12
N LEU A 6 39.57 -39.69 -15.69
CA LEU A 6 38.33 -39.64 -14.94
C LEU A 6 38.42 -40.52 -13.71
N LYS A 7 39.08 -41.66 -13.82
CA LYS A 7 39.12 -42.62 -12.72
C LYS A 7 39.83 -42.00 -11.52
N ASP A 8 40.83 -41.15 -11.75
CA ASP A 8 41.48 -40.38 -10.69
C ASP A 8 40.51 -39.43 -10.04
N ILE A 9 39.62 -38.85 -10.85
CA ILE A 9 38.65 -37.95 -10.26
C ILE A 9 37.63 -38.73 -9.41
N THR A 10 37.13 -39.85 -9.92
CA THR A 10 36.04 -40.45 -9.16
C THR A 10 36.57 -41.18 -7.97
N SER A 11 37.82 -41.72 -8.06
CA SER A 11 38.46 -42.38 -6.91
C SER A 11 39.04 -41.37 -5.92
N GLY A 12 38.89 -40.06 -6.15
CA GLY A 12 39.30 -39.04 -5.21
C GLY A 12 40.81 -38.92 -5.05
N ARG A 13 41.55 -39.16 -6.12
CA ARG A 13 43.00 -39.04 -6.05
C ARG A 13 43.46 -37.59 -5.81
N PHE A 14 42.66 -36.57 -6.17
CA PHE A 14 43.06 -35.18 -5.96
C PHE A 14 42.27 -34.54 -4.82
N ARG A 15 41.89 -35.36 -3.86
CA ARG A 15 41.16 -34.87 -2.72
C ARG A 15 42.19 -34.14 -1.87
N PRO A 16 42.06 -32.81 -1.64
CA PRO A 16 43.08 -32.10 -0.83
C PRO A 16 43.23 -32.64 0.62
N GLU A 17 44.46 -32.57 1.14
CA GLU A 17 44.67 -32.82 2.57
C GLU A 17 43.89 -31.84 3.41
N ASN A 18 43.33 -32.35 4.50
CA ASN A 18 42.41 -31.60 5.34
C ASN A 18 42.55 -32.11 6.78
N ILE A 19 41.70 -31.64 7.67
CA ILE A 19 41.69 -32.17 9.02
C ILE A 19 40.25 -32.54 9.37
N GLN A 20 40.07 -33.74 9.88
CA GLN A 20 38.73 -34.23 10.16
C GLN A 20 38.53 -34.44 11.64
N GLY A 21 37.29 -34.25 12.04
CA GLY A 21 36.92 -34.43 13.42
C GLY A 21 37.57 -33.43 14.34
N VAL A 22 37.54 -32.16 13.97
CA VAL A 22 38.11 -31.10 14.80
C VAL A 22 37.10 -30.67 15.84
N ILE A 23 37.49 -30.82 17.11
CA ILE A 23 36.61 -30.42 18.19
C ILE A 23 37.33 -29.45 19.12
N PRO A 24 36.80 -28.24 19.31
CA PRO A 24 37.38 -27.28 20.29
C PRO A 24 37.19 -27.75 21.73
N MET A 25 38.29 -27.95 22.44
CA MET A 25 38.09 -28.34 23.83
C MET A 25 37.59 -27.23 24.73
N PRO A 26 36.86 -27.61 25.80
CA PRO A 26 36.31 -26.60 26.75
C PRO A 26 37.31 -25.60 27.29
N ASP A 27 38.59 -25.98 27.40
CA ASP A 27 39.55 -25.06 27.99
C ASP A 27 39.68 -23.81 27.14
N GLY A 28 39.45 -23.92 25.84
CA GLY A 28 39.49 -22.75 24.97
C GLY A 28 40.86 -22.52 24.38
N GLU A 29 41.81 -23.41 24.63
CA GLU A 29 43.20 -23.28 24.22
C GLU A 29 43.59 -24.40 23.32
N HIS A 30 42.73 -25.38 23.22
CA HIS A 30 43.11 -26.59 22.59
C HIS A 30 42.00 -27.10 21.68
N TYR A 31 42.41 -27.87 20.66
CA TYR A 31 41.51 -28.64 19.82
C TYR A 31 42.05 -30.06 19.66
N THR A 32 41.14 -30.95 19.36
CA THR A 32 41.46 -32.32 19.09
C THR A 32 41.08 -32.63 17.66
N GLN A 33 41.73 -33.66 17.13
CA GLN A 33 41.41 -34.07 15.77
C GLN A 33 41.58 -35.59 15.67
N MET A 34 40.97 -36.17 14.62
CA MET A 34 41.13 -37.60 14.37
C MET A 34 42.37 -37.81 13.53
N SER A 35 43.05 -38.92 13.78
CA SER A 35 44.17 -39.31 12.96
C SER A 35 43.64 -39.72 11.59
N ALA A 36 44.54 -39.66 10.61
CA ALA A 36 44.16 -40.15 9.29
C ALA A 36 43.88 -41.65 9.35
N ASP A 37 44.72 -42.38 10.10
CA ASP A 37 44.49 -43.81 10.35
C ASP A 37 43.05 -44.11 10.79
N GLY A 38 42.37 -43.13 11.39
CA GLY A 38 41.17 -43.42 12.17
C GLY A 38 41.47 -44.21 13.45
N THR A 39 42.72 -44.25 13.92
CA THR A 39 43.06 -45.08 15.06
C THR A 39 43.47 -44.27 16.27
N GLN A 40 43.50 -42.94 16.20
CA GLN A 40 44.02 -42.11 17.29
C GLN A 40 43.21 -40.82 17.32
N ILE A 41 43.17 -40.20 18.49
CA ILE A 41 42.62 -38.85 18.66
C ILE A 41 43.67 -38.04 19.36
N ILE A 42 44.04 -36.88 18.78
CA ILE A 42 45.30 -36.20 19.18
C ILE A 42 45.08 -34.76 19.60
N LYS A 43 45.84 -34.24 20.61
CA LYS A 43 45.22 -33.04 21.16
C LYS A 43 46.20 -32.08 20.51
N TYR A 44 45.82 -30.84 20.16
CA TYR A 44 46.78 -29.84 19.69
C TYR A 44 46.45 -28.47 20.31
N SER A 45 47.43 -27.58 20.23
CA SER A 45 47.23 -26.22 20.71
C SER A 45 46.74 -25.33 19.57
N PHE A 46 45.69 -24.55 19.86
CA PHE A 46 45.28 -23.46 18.95
C PHE A 46 46.38 -22.42 18.80
N ARG A 47 47.03 -22.08 19.93
CA ARG A 47 47.98 -20.97 19.95
C ARG A 47 49.22 -21.26 19.11
N THR A 48 49.78 -22.47 19.26
CA THR A 48 51.03 -22.84 18.66
C THR A 48 50.88 -23.84 17.51
N GLY A 49 49.79 -24.61 17.49
CA GLY A 49 49.73 -25.68 16.50
C GLY A 49 50.52 -26.90 16.91
N GLU A 50 51.10 -26.90 18.11
CA GLU A 50 51.92 -28.02 18.55
C GLU A 50 51.03 -29.18 18.98
N LYS A 51 51.53 -30.40 18.70
CA LYS A 51 50.95 -31.64 19.22
C LYS A 51 51.22 -31.67 20.74
N VAL A 52 50.18 -31.58 21.55
CA VAL A 52 50.34 -31.77 22.99
C VAL A 52 50.47 -33.25 23.31
N GLU A 53 49.46 -34.07 22.95
CA GLU A 53 49.62 -35.49 23.22
C GLU A 53 48.60 -36.28 22.42
N VAL A 54 48.88 -37.56 22.26
CA VAL A 54 47.89 -38.49 21.73
C VAL A 54 47.02 -38.84 22.93
N ILE A 55 45.73 -38.48 22.88
CA ILE A 55 44.81 -38.83 23.99
C ILE A 55 44.23 -40.26 23.85
N PHE A 56 44.05 -40.78 22.61
CA PHE A 56 43.39 -42.08 22.47
C PHE A 56 44.00 -42.86 21.30
N ASP A 57 44.22 -44.14 21.52
CA ASP A 57 44.86 -44.98 20.51
C ASP A 57 44.29 -46.36 20.61
N VAL A 58 43.86 -46.89 19.48
CA VAL A 58 43.26 -48.20 19.44
C VAL A 58 44.27 -49.28 19.89
N ASN A 59 45.55 -49.15 19.50
CA ASN A 59 46.57 -50.16 19.87
C ASN A 59 47.10 -49.94 21.26
N GLN A 60 46.75 -48.81 21.85
CA GLN A 60 47.17 -48.46 23.20
C GLN A 60 45.95 -48.06 24.02
N ALA A 61 44.93 -48.93 24.11
CA ALA A 61 43.75 -48.78 24.97
C ALA A 61 43.38 -50.20 25.35
N ARG A 62 42.87 -50.39 26.56
CA ARG A 62 42.64 -51.73 27.06
C ARG A 62 41.18 -52.16 26.82
N GLU A 63 41.03 -53.42 26.40
CA GLU A 63 39.75 -54.01 26.06
C GLU A 63 39.10 -53.22 24.92
N CYS A 64 39.93 -52.78 23.99
CA CYS A 64 39.45 -52.10 22.80
C CYS A 64 39.35 -53.13 21.65
N ASP A 65 38.13 -53.41 21.23
CA ASP A 65 37.79 -54.48 20.28
C ASP A 65 37.66 -54.01 18.82
N PHE A 66 38.02 -52.79 18.51
CA PHE A 66 37.83 -52.23 17.19
C PHE A 66 39.18 -51.80 16.70
N LYS A 67 39.33 -51.81 15.39
CA LYS A 67 40.58 -51.50 14.71
C LYS A 67 40.70 -50.03 14.32
N ASN A 68 39.56 -49.44 14.01
CA ASN A 68 39.37 -48.08 13.54
C ASN A 68 38.06 -47.65 14.17
N PHE A 69 37.92 -46.34 14.29
CA PHE A 69 36.69 -45.72 14.75
C PHE A 69 36.32 -44.60 13.80
N ASP A 70 35.05 -44.20 13.86
CA ASP A 70 34.47 -43.33 12.82
C ASP A 70 34.40 -41.88 13.25
N SER A 71 34.06 -41.61 14.50
CA SER A 71 33.81 -40.25 14.94
C SER A 71 33.82 -40.28 16.47
N TYR A 72 33.80 -39.09 17.06
CA TYR A 72 34.02 -39.00 18.50
C TYR A 72 33.52 -37.65 18.99
N GLN A 73 33.29 -37.63 20.29
CA GLN A 73 32.77 -36.47 20.95
C GLN A 73 33.36 -36.36 22.35
N PHE A 74 33.71 -35.19 22.80
CA PHE A 74 34.15 -34.93 24.16
C PHE A 74 33.04 -34.62 25.13
N SER A 75 33.18 -35.08 26.36
CA SER A 75 32.23 -34.71 27.40
C SER A 75 32.37 -33.22 27.63
N PRO A 76 31.30 -32.54 28.03
CA PRO A 76 31.40 -31.11 28.20
C PRO A 76 32.48 -30.76 29.27
N ASP A 77 32.68 -31.59 30.27
CA ASP A 77 33.77 -31.41 31.24
C ASP A 77 35.17 -31.55 30.65
N GLY A 78 35.39 -32.49 29.76
CA GLY A 78 36.71 -32.74 29.22
C GLY A 78 37.37 -34.00 29.72
N ASP A 79 36.70 -34.73 30.59
CA ASP A 79 37.23 -35.97 31.11
C ASP A 79 36.86 -37.28 30.45
N LYS A 80 35.94 -37.26 29.50
CA LYS A 80 35.50 -38.48 28.86
C LYS A 80 35.34 -38.30 27.37
N LEU A 81 35.52 -39.37 26.61
CA LEU A 81 35.30 -39.30 25.18
C LEU A 81 34.24 -40.29 24.71
N LEU A 82 33.21 -39.84 24.03
CA LEU A 82 32.25 -40.81 23.45
C LEU A 82 32.69 -41.11 22.02
N ILE A 83 33.03 -42.38 21.70
CA ILE A 83 33.65 -42.79 20.42
C ILE A 83 32.65 -43.69 19.70
N ALA A 84 32.53 -43.54 18.37
CA ALA A 84 31.50 -44.24 17.59
C ALA A 84 32.18 -45.19 16.65
N THR A 85 31.62 -46.41 16.53
CA THR A 85 32.18 -47.41 15.66
C THR A 85 31.04 -48.04 14.88
N ARG A 86 31.38 -48.76 13.82
CA ARG A 86 30.33 -49.49 13.09
C ARG A 86 29.18 -48.54 12.67
N THR A 87 29.51 -47.31 12.31
CA THR A 87 28.48 -46.33 11.89
C THR A 87 27.76 -46.88 10.67
N THR A 88 26.42 -46.96 10.76
CA THR A 88 25.53 -47.49 9.72
C THR A 88 24.55 -46.40 9.29
N PRO A 89 24.73 -45.76 8.13
CA PRO A 89 23.80 -44.69 7.70
C PRO A 89 22.40 -45.22 7.50
N ILE A 90 21.42 -44.35 7.78
CA ILE A 90 20.00 -44.67 7.58
C ILE A 90 19.50 -43.75 6.49
N TYR A 91 19.32 -42.47 6.77
CA TYR A 91 19.10 -41.50 5.66
C TYR A 91 20.29 -40.53 5.55
N ARG A 92 20.05 -39.30 5.11
CA ARG A 92 21.19 -38.40 4.92
C ARG A 92 21.90 -38.11 6.25
N HIS A 93 21.15 -37.80 7.31
CA HIS A 93 21.81 -37.49 8.60
C HIS A 93 21.78 -38.60 9.68
N SER A 94 20.87 -39.57 9.60
CA SER A 94 20.69 -40.55 10.65
C SER A 94 21.56 -41.77 10.42
N TYR A 95 21.91 -42.43 11.52
CA TYR A 95 22.78 -43.61 11.52
C TYR A 95 22.71 -44.25 12.87
N THR A 96 23.05 -45.50 12.88
CA THR A 96 23.33 -46.16 14.14
C THR A 96 24.84 -46.33 14.25
N ALA A 97 25.35 -46.34 15.48
CA ALA A 97 26.73 -46.71 15.75
C ALA A 97 26.82 -47.40 17.11
N VAL A 98 27.82 -48.31 17.25
CA VAL A 98 28.19 -48.87 18.54
C VAL A 98 29.20 -47.89 19.16
N HIS A 99 28.79 -47.19 20.20
CA HIS A 99 29.59 -46.23 20.98
C HIS A 99 30.26 -46.83 22.22
N TYR A 100 31.35 -46.16 22.63
CA TYR A 100 32.21 -46.52 23.69
C TYR A 100 32.62 -45.27 24.48
N ILE A 101 32.66 -45.40 25.79
CA ILE A 101 33.11 -44.33 26.68
C ILE A 101 34.56 -44.59 27.06
N TYR A 102 35.40 -43.57 26.91
CA TYR A 102 36.84 -43.69 27.21
C TYR A 102 37.15 -42.59 28.20
N PRO A 103 37.56 -42.91 29.42
CA PRO A 103 37.86 -41.85 30.39
C PRO A 103 39.26 -41.29 30.13
N LEU A 104 39.39 -39.96 30.24
CA LEU A 104 40.66 -39.26 29.98
C LEU A 104 41.43 -39.00 31.27
N LYS A 105 41.68 -40.08 32.00
CA LYS A 105 42.36 -39.97 33.27
C LYS A 105 43.79 -40.45 33.17
N ARG A 106 44.70 -39.68 33.74
CA ARG A 106 46.09 -40.03 33.65
C ARG A 106 46.53 -41.19 34.50
N ASN A 107 47.38 -42.02 33.96
CA ASN A 107 47.92 -43.13 34.72
C ASN A 107 49.20 -42.79 35.52
N ASP A 108 49.93 -43.80 35.98
CA ASP A 108 51.18 -43.60 36.71
C ASP A 108 52.25 -42.85 35.92
N LYS A 109 52.31 -43.06 34.61
CA LYS A 109 53.23 -42.33 33.76
C LYS A 109 52.62 -41.03 33.25
N GLY A 110 51.42 -40.71 33.70
CA GLY A 110 50.82 -39.45 33.31
C GLY A 110 50.14 -39.45 31.96
N VAL A 111 49.87 -40.62 31.42
CA VAL A 111 49.29 -40.72 30.08
C VAL A 111 47.83 -41.21 30.05
N THR A 112 47.07 -40.73 29.07
CA THR A 112 45.66 -41.10 29.00
C THR A 112 45.40 -42.24 28.04
N THR A 113 46.43 -42.87 27.49
CA THR A 113 46.25 -43.93 26.49
C THR A 113 46.01 -45.36 27.06
N ASN A 114 46.37 -45.69 28.30
CA ASN A 114 46.25 -47.10 28.70
C ASN A 114 45.00 -47.39 29.52
N ASN A 115 43.95 -46.55 29.38
CA ASN A 115 42.73 -46.74 30.15
C ASN A 115 41.87 -47.85 29.54
N ILE A 116 40.80 -48.18 30.27
CA ILE A 116 39.83 -49.17 29.81
C ILE A 116 38.65 -48.42 29.18
N ILE A 117 38.15 -48.98 28.08
CA ILE A 117 37.05 -48.45 27.28
C ILE A 117 35.77 -49.23 27.59
N GLU A 118 34.65 -48.53 27.87
CA GLU A 118 33.38 -49.17 28.22
C GLU A 118 32.41 -49.03 27.07
N ARG A 119 31.87 -50.17 26.62
CA ARG A 119 30.76 -50.19 25.69
C ARG A 119 29.68 -49.29 26.34
N LEU A 120 29.18 -48.34 25.58
CA LEU A 120 28.16 -47.45 26.12
C LEU A 120 26.91 -48.21 26.52
N SER A 121 26.61 -49.34 25.89
CA SER A 121 25.37 -50.08 26.15
C SER A 121 25.56 -51.56 25.87
N ASP A 122 25.05 -52.40 26.78
CA ASP A 122 25.05 -53.83 26.50
C ASP A 122 23.97 -54.22 25.48
N GLY A 123 23.03 -53.34 25.19
CA GLY A 123 22.06 -53.58 24.17
C GLY A 123 22.60 -53.32 22.76
N GLY A 124 21.71 -52.97 21.87
CA GLY A 124 22.02 -52.88 20.45
C GLY A 124 22.59 -51.52 20.12
N PRO A 125 22.98 -51.32 18.84
CA PRO A 125 23.56 -50.02 18.38
C PRO A 125 22.62 -48.86 18.68
N GLN A 126 23.22 -47.70 18.86
CA GLN A 126 22.54 -46.52 19.36
C GLN A 126 22.54 -45.41 18.30
N GLN A 127 21.63 -44.44 18.50
CA GLN A 127 21.46 -43.23 17.69
C GLN A 127 21.63 -41.99 18.56
N VAL A 128 22.20 -40.93 18.00
CA VAL A 128 22.28 -39.56 18.57
C VAL A 128 22.58 -39.45 20.04
N PRO A 129 23.62 -40.14 20.53
CA PRO A 129 23.92 -40.00 21.95
C PRO A 129 24.44 -38.58 22.20
N VAL A 130 24.09 -38.08 23.38
CA VAL A 130 24.38 -36.71 23.79
C VAL A 130 24.70 -36.72 25.29
N PHE A 131 25.76 -35.97 25.67
CA PHE A 131 26.15 -35.83 27.08
C PHE A 131 25.21 -34.82 27.76
N SER A 132 24.98 -35.03 29.11
CA SER A 132 24.33 -33.99 29.91
C SER A 132 25.37 -32.89 30.16
N PRO A 133 24.92 -31.64 30.49
CA PRO A 133 25.88 -30.55 30.80
C PRO A 133 26.98 -30.91 31.82
N ASP A 134 26.70 -31.70 32.85
CA ASP A 134 27.81 -32.06 33.75
C ASP A 134 28.66 -33.25 33.25
N GLY A 135 28.24 -33.97 32.20
CA GLY A 135 28.98 -35.12 31.68
C GLY A 135 28.76 -36.45 32.39
N THR A 136 27.84 -36.52 33.37
CA THR A 136 27.55 -37.70 34.19
C THR A 136 26.52 -38.64 33.53
N MET A 137 25.79 -38.17 32.50
CA MET A 137 24.74 -38.91 31.81
C MET A 137 24.87 -38.79 30.29
N ILE A 138 24.41 -39.83 29.62
CA ILE A 138 24.34 -39.85 28.17
C ILE A 138 22.92 -40.31 27.85
N ALA A 139 22.18 -39.53 27.07
CA ALA A 139 20.90 -40.01 26.54
C ALA A 139 21.14 -40.52 25.08
N PHE A 140 20.46 -41.60 24.64
CA PHE A 140 20.58 -42.05 23.26
C PHE A 140 19.26 -42.66 22.83
N VAL A 141 19.14 -42.98 21.53
CA VAL A 141 17.92 -43.52 20.95
C VAL A 141 18.24 -44.86 20.31
N ARG A 142 17.30 -45.80 20.48
CA ARG A 142 17.45 -47.08 19.84
C ARG A 142 16.05 -47.62 19.66
N ASP A 143 15.75 -48.14 18.49
CA ASP A 143 14.40 -48.65 18.18
C ASP A 143 13.34 -47.61 18.48
N ASN A 144 13.67 -46.36 18.18
CA ASN A 144 12.71 -45.27 18.32
C ASN A 144 12.32 -44.97 19.79
N ASN A 145 13.06 -45.51 20.78
CA ASN A 145 12.87 -45.08 22.17
C ASN A 145 14.14 -44.39 22.72
N ILE A 146 13.93 -43.64 23.81
CA ILE A 146 15.00 -42.96 24.52
C ILE A 146 15.50 -43.83 25.70
N PHE A 147 16.82 -43.89 25.82
CA PHE A 147 17.55 -44.54 26.90
C PHE A 147 18.50 -43.57 27.63
N LEU A 148 18.67 -43.77 28.95
CA LEU A 148 19.52 -42.89 29.78
C LEU A 148 20.62 -43.71 30.44
N VAL A 149 21.87 -43.30 30.25
CA VAL A 149 23.02 -43.99 30.85
C VAL A 149 23.62 -43.07 31.92
N LYS A 150 23.67 -43.53 33.17
CA LYS A 150 24.21 -42.73 34.26
C LYS A 150 25.61 -43.23 34.57
N LEU A 151 26.63 -42.40 34.24
CA LEU A 151 28.01 -42.87 34.32
C LEU A 151 28.48 -42.92 35.76
N LEU A 152 27.88 -42.09 36.66
CA LEU A 152 28.19 -42.16 38.10
C LEU A 152 27.56 -43.37 38.79
N TYR A 153 26.67 -44.09 38.09
CA TYR A 153 25.94 -45.19 38.68
C TYR A 153 26.20 -46.44 37.88
N GLY A 154 27.46 -46.72 37.62
CA GLY A 154 27.83 -47.97 36.99
C GLY A 154 27.38 -48.08 35.57
N ASN A 155 27.35 -46.96 34.86
CA ASN A 155 26.72 -46.88 33.54
C ASN A 155 25.36 -47.59 33.61
N SER A 156 24.58 -47.15 34.61
CA SER A 156 23.16 -47.48 34.81
C SER A 156 22.32 -47.05 33.60
N GLU A 157 21.73 -48.02 32.86
CA GLU A 157 20.88 -47.75 31.69
C GLU A 157 19.40 -47.95 32.08
N SER A 158 18.60 -46.92 31.81
CA SER A 158 17.16 -46.94 32.08
C SER A 158 16.43 -46.59 30.78
N GLN A 159 15.20 -47.08 30.63
CA GLN A 159 14.41 -46.77 29.45
C GLN A 159 13.40 -45.64 29.67
N VAL A 160 13.64 -44.49 29.07
CA VAL A 160 12.74 -43.31 29.17
C VAL A 160 11.37 -43.36 28.48
N THR A 161 11.30 -43.94 27.29
CA THR A 161 10.06 -44.05 26.57
C THR A 161 9.80 -45.50 26.20
N GLU A 162 8.55 -45.93 26.24
CA GLU A 162 8.17 -47.27 25.88
C GLU A 162 7.24 -47.40 24.68
N ASP A 163 6.89 -46.31 24.03
CA ASP A 163 5.94 -46.36 22.92
C ASP A 163 6.55 -46.20 21.52
N GLY A 164 7.86 -46.18 21.45
CA GLY A 164 8.49 -46.09 20.16
C GLY A 164 8.15 -47.29 19.31
N LYS A 165 7.84 -47.05 18.06
CA LYS A 165 7.52 -48.13 17.16
C LYS A 165 7.87 -47.77 15.72
N GLN A 166 8.47 -48.70 15.01
CA GLN A 166 8.86 -48.44 13.65
C GLN A 166 7.71 -48.04 12.77
N ASN A 167 7.92 -47.00 11.98
CA ASN A 167 6.90 -46.50 11.05
C ASN A 167 5.66 -46.03 11.77
N SER A 168 5.76 -45.78 13.09
CA SER A 168 4.60 -45.39 13.87
C SER A 168 4.86 -44.23 14.84
N VAL A 169 5.82 -44.39 15.77
CA VAL A 169 6.11 -43.38 16.78
C VAL A 169 7.61 -43.33 16.95
N LEU A 170 8.17 -42.13 16.86
CA LEU A 170 9.58 -41.88 17.00
C LEU A 170 9.76 -40.98 18.20
N ASN A 171 10.70 -41.32 19.07
CA ASN A 171 11.01 -40.51 20.24
C ASN A 171 12.44 -39.96 20.12
N GLY A 172 12.54 -38.65 20.02
CA GLY A 172 13.88 -38.06 20.09
C GLY A 172 14.66 -37.95 18.80
N ILE A 173 14.15 -38.55 17.70
CA ILE A 173 14.74 -38.46 16.37
C ILE A 173 13.60 -38.12 15.41
N PRO A 174 13.85 -37.35 14.34
CA PRO A 174 12.75 -36.94 13.43
C PRO A 174 12.50 -38.05 12.40
N ASP A 175 11.33 -37.95 11.75
CA ASP A 175 10.92 -38.81 10.67
C ASP A 175 11.72 -38.41 9.42
N TRP A 176 11.43 -39.12 8.29
CA TRP A 176 12.22 -38.98 7.07
C TRP A 176 12.19 -37.52 6.59
N VAL A 177 10.97 -36.95 6.45
CA VAL A 177 10.88 -35.64 5.87
C VAL A 177 11.44 -34.55 6.82
N TYR A 178 11.20 -34.63 8.12
CA TYR A 178 11.80 -33.60 8.95
C TYR A 178 13.29 -33.67 8.87
N GLU A 179 13.84 -34.91 8.94
CA GLU A 179 15.29 -35.09 8.93
C GLU A 179 15.89 -34.45 7.70
N GLU A 180 15.33 -34.79 6.51
CA GLU A 180 15.87 -34.30 5.24
C GLU A 180 15.66 -32.80 5.13
N GLU A 181 14.44 -32.30 5.44
CA GLU A 181 14.13 -30.92 5.08
C GLU A 181 14.39 -29.88 6.17
N PHE A 182 14.40 -30.25 7.42
CA PHE A 182 14.91 -29.31 8.43
C PHE A 182 16.37 -29.62 8.80
N GLY A 183 16.95 -30.62 8.17
CA GLY A 183 18.37 -30.82 8.24
C GLY A 183 18.88 -31.11 9.65
N PHE A 184 18.37 -32.16 10.33
CA PHE A 184 18.87 -32.45 11.67
C PHE A 184 18.51 -33.89 11.99
N ASN A 185 19.18 -34.46 13.01
CA ASN A 185 18.95 -35.86 13.33
C ASN A 185 18.59 -36.10 14.77
N ARG A 186 18.50 -35.05 15.58
CA ARG A 186 18.31 -35.26 17.02
C ARG A 186 17.36 -34.24 17.59
N ALA A 187 16.34 -34.71 18.36
CA ALA A 187 15.40 -33.78 19.11
C ALA A 187 15.35 -34.27 20.56
N LEU A 188 16.48 -34.09 21.25
CA LEU A 188 16.78 -34.76 22.51
C LEU A 188 17.76 -33.87 23.25
N GLU A 189 17.36 -33.28 24.40
CA GLU A 189 18.14 -32.26 25.10
C GLU A 189 18.16 -32.50 26.61
N PHE A 190 19.28 -32.20 27.28
CA PHE A 190 19.32 -32.10 28.74
C PHE A 190 19.20 -30.61 29.17
N SER A 191 18.59 -30.36 30.37
CA SER A 191 18.50 -29.03 31.00
C SER A 191 19.88 -28.70 31.57
N ALA A 192 20.11 -27.39 31.71
CA ALA A 192 21.35 -26.87 32.30
C ALA A 192 21.55 -27.44 33.71
N ASP A 193 20.43 -27.70 34.39
CA ASP A 193 20.39 -28.38 35.67
C ASP A 193 21.00 -29.76 35.63
N ASN A 194 21.03 -30.41 34.47
CA ASN A 194 21.25 -31.84 34.42
C ASN A 194 20.05 -32.57 35.04
N THR A 195 18.87 -31.92 35.21
CA THR A 195 17.77 -32.60 35.92
C THR A 195 16.64 -33.09 35.04
N MET A 196 16.59 -32.69 33.78
CA MET A 196 15.41 -32.91 32.95
C MET A 196 15.95 -33.31 31.59
N ILE A 197 15.25 -34.20 30.92
CA ILE A 197 15.41 -34.46 29.47
C ILE A 197 14.16 -33.95 28.75
N ALA A 198 14.34 -33.23 27.62
CA ALA A 198 13.26 -32.81 26.73
C ALA A 198 13.42 -33.48 25.36
N PHE A 199 12.31 -33.80 24.70
CA PHE A 199 12.36 -34.44 23.37
C PHE A 199 11.09 -34.20 22.56
N ILE A 200 11.21 -34.29 21.24
CA ILE A 200 10.01 -34.28 20.37
C ILE A 200 9.64 -35.74 20.09
N ARG A 201 8.36 -35.99 20.15
CA ARG A 201 7.74 -37.30 19.87
C ARG A 201 6.95 -37.10 18.57
N PHE A 202 7.27 -37.94 17.56
CA PHE A 202 6.71 -37.90 16.23
C PHE A 202 5.76 -39.06 16.09
N ASP A 203 4.52 -38.75 15.80
CA ASP A 203 3.56 -39.78 15.54
C ASP A 203 3.24 -39.71 14.06
N GLU A 204 3.90 -40.58 13.31
CA GLU A 204 3.73 -40.71 11.86
C GLU A 204 2.82 -41.85 11.50
N SER A 205 1.98 -42.31 12.42
CA SER A 205 1.13 -43.48 12.13
C SER A 205 0.19 -43.23 10.94
N GLU A 206 -0.30 -41.99 10.75
CA GLU A 206 -1.26 -41.69 9.69
C GLU A 206 -0.62 -40.94 8.51
N VAL A 207 0.70 -40.82 8.52
CA VAL A 207 1.48 -40.42 7.35
C VAL A 207 1.42 -41.56 6.34
N PRO A 208 1.33 -41.33 5.03
CA PRO A 208 1.32 -42.46 4.07
C PRO A 208 2.64 -43.23 4.02
N SER A 209 2.50 -44.52 3.73
CA SER A 209 3.63 -45.39 3.48
C SER A 209 4.01 -45.28 2.04
N TYR A 210 5.25 -45.49 1.79
CA TYR A 210 5.79 -45.65 0.45
C TYR A 210 6.69 -46.88 0.48
N SER A 211 6.70 -47.65 -0.59
CA SER A 211 7.48 -48.84 -0.72
C SER A 211 8.10 -48.91 -2.14
N PHE A 212 9.36 -49.35 -2.26
CA PHE A 212 9.93 -49.65 -3.58
C PHE A 212 10.70 -50.97 -3.53
N PRO A 213 10.86 -51.64 -4.67
CA PRO A 213 11.57 -52.92 -4.68
C PRO A 213 13.04 -52.77 -4.29
N MET A 214 13.53 -53.83 -3.71
CA MET A 214 14.96 -54.09 -3.53
C MET A 214 15.32 -55.42 -4.19
N PHE A 215 16.34 -55.40 -4.99
CA PHE A 215 16.83 -56.62 -5.61
C PHE A 215 18.07 -57.07 -4.83
N ALA A 216 18.64 -58.22 -5.17
CA ALA A 216 19.92 -58.57 -4.50
C ALA A 216 21.01 -57.53 -4.83
N GLY A 217 21.17 -57.20 -6.11
CA GLY A 217 22.14 -56.23 -6.48
C GLY A 217 23.55 -56.67 -6.20
N GLU A 218 24.42 -55.68 -6.27
CA GLU A 218 25.81 -55.96 -5.97
C GLU A 218 26.37 -54.72 -5.25
N ALA A 219 27.41 -54.93 -4.43
CA ALA A 219 28.16 -53.85 -3.81
C ALA A 219 27.23 -52.87 -3.11
N PRO A 220 26.53 -53.32 -2.12
CA PRO A 220 26.52 -54.66 -1.52
C PRO A 220 25.55 -55.61 -2.18
N GLN A 221 25.79 -56.89 -2.07
CA GLN A 221 24.81 -57.89 -2.48
C GLN A 221 23.83 -58.05 -1.29
N ILE A 222 22.52 -58.02 -1.54
CA ILE A 222 21.54 -58.34 -0.50
C ILE A 222 21.17 -59.82 -0.68
N THR A 223 21.93 -60.70 -0.03
CA THR A 223 21.83 -62.13 -0.37
C THR A 223 20.48 -62.77 -0.21
N PRO A 224 19.66 -62.44 0.80
CA PRO A 224 18.31 -63.03 0.87
C PRO A 224 17.48 -62.78 -0.38
N LEU A 225 17.87 -61.84 -1.22
CA LEU A 225 16.98 -61.48 -2.34
C LEU A 225 17.44 -62.05 -3.69
N LYS A 226 18.28 -63.07 -3.64
CA LYS A 226 18.88 -63.62 -4.82
C LYS A 226 17.86 -64.21 -5.77
N ASP A 227 16.79 -64.83 -5.23
CA ASP A 227 15.78 -65.47 -6.07
C ASP A 227 14.52 -64.63 -6.18
N TYR A 228 13.98 -64.14 -5.08
CA TYR A 228 12.79 -63.38 -5.00
C TYR A 228 13.15 -62.01 -4.44
N PRO A 229 12.73 -60.95 -5.10
CA PRO A 229 13.05 -59.59 -4.62
C PRO A 229 12.28 -59.23 -3.37
N GLY A 230 12.75 -58.20 -2.73
CA GLY A 230 12.09 -57.76 -1.53
C GLY A 230 11.66 -56.35 -1.72
N GLU A 231 11.54 -55.59 -0.63
CA GLU A 231 11.07 -54.21 -0.74
C GLU A 231 11.57 -53.43 0.49
N TYR A 232 11.51 -52.11 0.37
CA TYR A 232 11.78 -51.18 1.47
C TYR A 232 10.51 -50.31 1.67
N THR A 233 10.02 -50.20 2.92
CA THR A 233 8.85 -49.41 3.23
C THR A 233 9.16 -48.41 4.33
N TYR A 234 8.57 -47.22 4.22
CA TYR A 234 8.79 -46.13 5.18
C TYR A 234 7.71 -45.07 4.94
N LYS A 235 7.61 -44.15 5.89
CA LYS A 235 6.62 -43.12 5.86
C LYS A 235 7.15 -41.92 5.12
N TYR A 236 6.43 -41.50 4.09
CA TYR A 236 6.89 -40.40 3.27
C TYR A 236 5.65 -39.68 2.74
N PRO A 237 5.33 -38.50 3.26
CA PRO A 237 4.17 -37.75 2.74
C PRO A 237 4.53 -36.95 1.50
N LYS A 238 3.81 -37.20 0.40
CA LYS A 238 4.00 -36.33 -0.75
C LYS A 238 3.33 -35.00 -0.53
N ALA A 239 3.64 -34.06 -1.42
CA ALA A 239 3.10 -32.68 -1.28
C ALA A 239 1.59 -32.68 -0.97
N GLY A 240 1.18 -31.96 0.13
CA GLY A 240 -0.25 -31.89 0.49
C GLY A 240 -0.78 -33.06 1.35
N TYR A 241 0.00 -34.11 1.58
CA TYR A 241 -0.46 -35.22 2.43
C TYR A 241 -0.11 -34.94 3.89
N PRO A 242 -0.65 -35.71 4.83
CA PRO A 242 -0.48 -35.33 6.23
C PRO A 242 0.92 -35.65 6.73
N ASN A 243 1.44 -34.74 7.55
CA ASN A 243 2.71 -34.89 8.24
C ASN A 243 2.49 -35.55 9.61
N SER A 244 3.59 -35.93 10.23
CA SER A 244 3.56 -36.44 11.59
C SER A 244 2.92 -35.42 12.54
N LYS A 245 2.14 -35.96 13.48
CA LYS A 245 1.73 -35.18 14.63
C LYS A 245 2.89 -35.12 15.68
N VAL A 246 3.21 -33.94 16.17
CA VAL A 246 4.43 -33.85 16.98
C VAL A 246 4.11 -33.17 18.30
N GLU A 247 4.85 -33.49 19.35
CA GLU A 247 4.67 -32.76 20.56
C GLU A 247 6.00 -32.79 21.29
N VAL A 248 6.12 -31.91 22.29
CA VAL A 248 7.31 -31.87 23.14
C VAL A 248 7.04 -32.50 24.51
N ARG A 249 7.91 -33.42 24.90
CA ARG A 249 7.71 -34.03 26.18
C ARG A 249 8.97 -33.85 27.05
N THR A 250 8.78 -33.86 28.38
CA THR A 250 9.91 -33.83 29.28
C THR A 250 9.83 -35.01 30.25
N TYR A 251 11.00 -35.41 30.73
CA TYR A 251 11.13 -36.51 31.67
C TYR A 251 12.01 -36.01 32.82
N ASP A 252 11.50 -36.17 34.04
CA ASP A 252 12.17 -35.75 35.24
C ASP A 252 13.11 -36.87 35.66
N ILE A 253 14.43 -36.62 35.57
CA ILE A 253 15.42 -37.68 35.86
C ILE A 253 15.27 -38.20 37.29
N LYS A 254 15.06 -37.32 38.29
CA LYS A 254 14.98 -37.86 39.65
C LYS A 254 13.59 -38.46 39.95
N SER A 255 12.53 -37.90 39.36
CA SER A 255 11.12 -38.26 39.54
C SER A 255 10.66 -39.42 38.66
N HIS A 256 11.16 -39.50 37.44
CA HIS A 256 10.69 -40.45 36.41
C HIS A 256 9.27 -40.08 35.92
N VAL A 257 8.80 -38.84 36.12
CA VAL A 257 7.51 -38.41 35.59
C VAL A 257 7.71 -37.82 34.21
N THR A 258 6.81 -38.15 33.30
CA THR A 258 6.83 -37.63 31.92
C THR A 258 5.69 -36.63 31.78
N ARG A 259 6.00 -35.50 31.17
CA ARG A 259 5.06 -34.39 31.00
C ARG A 259 5.08 -33.96 29.55
N THR A 260 3.96 -33.36 29.10
CA THR A 260 3.81 -32.80 27.74
C THR A 260 3.73 -31.27 27.78
N MET A 261 4.53 -30.59 26.99
CA MET A 261 4.47 -29.11 26.99
C MET A 261 3.18 -28.65 26.32
N LYS A 262 2.60 -27.61 26.90
CA LYS A 262 1.36 -27.06 26.40
C LYS A 262 1.68 -26.03 25.34
N LEU A 263 2.03 -26.54 24.19
CA LEU A 263 2.42 -25.67 23.11
C LEU A 263 1.26 -25.41 22.21
N PRO A 264 0.95 -24.14 21.99
CA PRO A 264 -0.15 -23.78 21.12
C PRO A 264 0.37 -23.70 19.72
N ILE A 265 0.11 -24.73 18.96
CA ILE A 265 0.66 -24.83 17.64
C ILE A 265 -0.51 -25.23 16.80
N ASP A 266 -0.46 -24.98 15.51
CA ASP A 266 -1.51 -25.39 14.62
C ASP A 266 -1.48 -26.89 14.46
N ALA A 267 -2.59 -27.46 14.08
CA ALA A 267 -2.70 -28.90 13.94
C ALA A 267 -1.73 -29.42 12.92
N ASP A 268 -1.52 -28.66 11.87
CA ASP A 268 -0.63 -29.05 10.79
C ASP A 268 0.72 -28.33 10.81
N GLY A 269 1.09 -27.81 11.95
CA GLY A 269 2.38 -27.16 12.08
C GLY A 269 3.59 -28.01 12.35
N TYR A 270 4.75 -27.41 12.37
CA TYR A 270 5.97 -28.13 12.58
C TYR A 270 6.76 -27.73 13.82
N ILE A 271 7.61 -28.61 14.31
CA ILE A 271 8.51 -28.17 15.40
C ILE A 271 9.91 -28.49 14.90
N PRO A 272 10.52 -27.61 14.14
CA PRO A 272 11.77 -27.99 13.53
C PRO A 272 12.94 -28.15 14.57
N ARG A 273 12.82 -27.60 15.81
CA ARG A 273 13.86 -27.74 16.81
C ARG A 273 13.34 -27.61 18.24
N ILE A 274 14.09 -28.22 19.14
CA ILE A 274 14.04 -27.84 20.54
C ILE A 274 15.50 -27.62 21.01
N ARG A 275 15.67 -26.73 21.97
CA ARG A 275 17.00 -26.43 22.45
C ARG A 275 16.92 -25.97 23.90
N PHE A 276 17.57 -26.68 24.86
CA PHE A 276 17.63 -26.09 26.21
C PHE A 276 18.50 -24.84 26.22
N THR A 277 18.01 -23.81 26.90
CA THR A 277 18.75 -22.56 26.98
C THR A 277 19.84 -22.70 28.08
N LYS A 278 20.55 -21.59 28.43
CA LYS A 278 21.41 -21.62 29.60
C LYS A 278 20.58 -21.55 30.90
N ASP A 279 19.33 -21.07 30.81
CA ASP A 279 18.36 -21.17 31.91
C ASP A 279 17.85 -22.64 32.06
N ALA A 280 18.00 -23.20 33.27
CA ALA A 280 17.60 -24.60 33.55
C ALA A 280 16.08 -24.80 33.43
N SER A 281 15.32 -23.70 33.68
CA SER A 281 13.88 -23.73 33.68
C SER A 281 13.29 -23.24 32.36
N LYS A 282 14.11 -23.07 31.31
CA LYS A 282 13.67 -22.55 30.01
C LYS A 282 14.18 -23.43 28.86
N LEU A 283 13.23 -24.07 28.15
CA LEU A 283 13.46 -24.93 26.98
C LEU A 283 12.93 -24.20 25.73
N ALA A 284 13.83 -23.89 24.77
CA ALA A 284 13.40 -23.22 23.54
C ALA A 284 12.72 -24.23 22.67
N VAL A 285 11.52 -23.86 22.18
CA VAL A 285 10.81 -24.67 21.22
C VAL A 285 10.58 -23.82 19.98
N MET A 286 11.14 -24.26 18.81
CA MET A 286 11.01 -23.50 17.56
C MET A 286 9.86 -24.10 16.80
N THR A 287 8.89 -23.25 16.34
CA THR A 287 7.71 -23.77 15.63
C THR A 287 7.43 -22.96 14.36
N LEU A 288 6.91 -23.66 13.34
CA LEU A 288 6.47 -23.06 12.06
C LEU A 288 5.04 -23.50 11.83
N ASN A 289 4.31 -22.68 11.10
CA ASN A 289 3.06 -23.11 10.50
C ASN A 289 3.34 -23.87 9.21
N ARG A 290 2.29 -24.50 8.69
CA ARG A 290 2.45 -25.27 7.48
C ARG A 290 2.87 -24.41 6.31
N HIS A 291 2.40 -23.15 6.26
CA HIS A 291 2.94 -22.35 5.14
C HIS A 291 4.41 -21.99 5.39
N GLN A 292 4.95 -22.23 6.60
CA GLN A 292 6.39 -22.03 6.85
C GLN A 292 6.81 -20.54 6.69
N ASP A 293 5.87 -19.64 6.88
CA ASP A 293 6.20 -18.21 6.85
C ASP A 293 6.00 -17.52 8.21
N ARG A 294 5.70 -18.27 9.30
CA ARG A 294 5.58 -17.73 10.65
C ARG A 294 6.45 -18.56 11.59
N PHE A 295 7.61 -18.04 11.97
CA PHE A 295 8.49 -18.70 12.94
C PHE A 295 8.16 -18.18 14.33
N ASP A 296 7.65 -19.03 15.22
CA ASP A 296 7.29 -18.66 16.60
C ASP A 296 8.22 -19.35 17.56
N LEU A 297 8.98 -18.56 18.33
CA LEU A 297 9.94 -19.11 19.29
C LEU A 297 9.28 -19.10 20.64
N TYR A 298 9.11 -20.29 21.22
CA TYR A 298 8.51 -20.38 22.54
C TYR A 298 9.54 -20.81 23.59
N PHE A 299 9.35 -20.33 24.84
CA PHE A 299 10.11 -20.78 26.01
C PHE A 299 9.16 -21.62 26.83
N ALA A 300 9.45 -22.93 26.96
CA ALA A 300 8.61 -23.87 27.69
C ALA A 300 9.23 -24.15 29.07
N ASP A 301 8.40 -24.20 30.13
CA ASP A 301 8.85 -24.68 31.45
C ASP A 301 8.73 -26.21 31.47
N PRO A 302 9.87 -26.94 31.57
CA PRO A 302 9.83 -28.43 31.53
C PRO A 302 9.03 -29.08 32.67
N ARG A 303 8.87 -28.39 33.82
CA ARG A 303 8.08 -28.86 34.97
C ARG A 303 6.61 -28.43 34.98
N SER A 304 6.32 -27.12 34.78
CA SER A 304 4.95 -26.60 34.86
C SER A 304 4.20 -26.86 33.56
N THR A 305 4.94 -27.19 32.50
CA THR A 305 4.48 -27.36 31.10
C THR A 305 4.14 -26.03 30.40
N LEU A 306 4.25 -24.88 31.09
CA LEU A 306 3.75 -23.62 30.55
C LEU A 306 4.72 -23.12 29.49
N CYS A 307 4.17 -22.61 28.36
CA CYS A 307 4.95 -22.17 27.18
C CYS A 307 4.60 -20.69 26.94
N LYS A 308 5.63 -19.89 26.74
CA LYS A 308 5.50 -18.45 26.57
C LYS A 308 6.09 -18.13 25.20
N LEU A 309 5.28 -17.44 24.35
CA LEU A 309 5.73 -16.87 23.07
C LEU A 309 6.83 -15.81 23.29
N VAL A 310 8.04 -16.03 22.78
CA VAL A 310 9.13 -15.10 23.04
C VAL A 310 9.35 -14.21 21.85
N LEU A 311 9.18 -14.78 20.67
CA LEU A 311 9.51 -14.08 19.45
C LEU A 311 8.60 -14.57 18.34
N ARG A 312 8.09 -13.67 17.51
CA ARG A 312 7.41 -14.06 16.25
C ARG A 312 8.14 -13.38 15.10
N ASP A 313 8.58 -14.17 14.12
CA ASP A 313 9.26 -13.65 12.94
C ASP A 313 8.45 -14.09 11.72
N GLU A 314 7.99 -13.15 10.93
CA GLU A 314 7.12 -13.50 9.83
C GLU A 314 7.62 -13.09 8.46
N SER A 315 7.29 -13.86 7.46
CA SER A 315 7.67 -13.58 6.08
C SER A 315 6.49 -13.60 5.04
N PRO A 316 6.48 -12.72 4.00
CA PRO A 316 5.47 -12.85 2.94
C PRO A 316 5.78 -14.02 2.05
N TYR A 317 6.96 -14.67 2.24
CA TYR A 317 7.30 -15.84 1.43
C TYR A 317 7.43 -17.02 2.38
N TYR A 318 8.62 -17.26 3.00
CA TYR A 318 8.80 -18.38 3.89
C TYR A 318 10.06 -18.21 4.75
N ILE A 319 10.12 -18.92 5.85
CA ILE A 319 11.28 -18.88 6.70
C ILE A 319 12.22 -20.02 6.27
N LYS A 320 13.49 -19.69 6.07
CA LYS A 320 14.39 -20.77 5.66
C LYS A 320 14.92 -21.49 6.87
N GLU A 321 15.17 -22.76 6.63
CA GLU A 321 15.64 -23.78 7.57
C GLU A 321 16.97 -23.41 8.27
N ASN A 322 17.88 -22.78 7.49
CA ASN A 322 19.16 -22.32 8.02
C ASN A 322 19.02 -21.39 9.25
N VAL A 323 17.89 -20.72 9.49
CA VAL A 323 17.81 -19.84 10.68
C VAL A 323 17.99 -20.67 11.99
N PHE A 324 17.40 -21.89 12.03
CA PHE A 324 17.25 -22.51 13.33
C PHE A 324 18.59 -22.80 14.01
N ASP A 325 19.61 -23.21 13.25
CA ASP A 325 20.82 -23.57 13.97
C ASP A 325 21.70 -22.37 14.20
N ASN A 326 21.25 -21.19 13.79
CA ASN A 326 21.99 -20.00 14.11
C ASN A 326 21.49 -19.35 15.40
N ILE A 327 20.53 -19.99 16.09
CA ILE A 327 20.01 -19.47 17.37
C ILE A 327 20.85 -20.05 18.50
N LYS A 328 21.72 -19.21 19.07
CA LYS A 328 22.65 -19.59 20.13
C LYS A 328 22.29 -18.85 21.42
N PHE A 329 22.23 -19.56 22.56
CA PHE A 329 21.78 -18.97 23.82
C PHE A 329 22.99 -18.70 24.71
N TYR A 330 22.86 -17.68 25.47
CA TYR A 330 23.85 -17.14 26.40
C TYR A 330 23.11 -16.83 27.70
N PRO A 331 23.82 -16.50 28.80
CA PRO A 331 23.11 -16.26 30.09
C PRO A 331 21.93 -15.27 29.98
N GLU A 332 22.11 -14.18 29.27
CA GLU A 332 21.11 -13.12 29.21
C GLU A 332 20.60 -12.80 27.81
N THR A 333 21.03 -13.53 26.79
CA THR A 333 20.81 -13.10 25.42
C THR A 333 20.80 -14.30 24.51
N PHE A 334 20.29 -14.11 23.31
CA PHE A 334 20.38 -15.10 22.25
C PHE A 334 20.45 -14.43 20.87
N SER A 335 21.08 -15.12 19.92
CA SER A 335 21.20 -14.68 18.52
C SER A 335 20.02 -15.19 17.66
N LEU A 336 19.77 -14.47 16.56
CA LEU A 336 18.75 -14.84 15.58
C LEU A 336 19.19 -14.30 14.19
N LEU A 337 19.21 -15.17 13.18
CA LEU A 337 19.34 -14.76 11.77
C LEU A 337 17.95 -14.60 11.19
N SER A 338 17.73 -13.50 10.49
CA SER A 338 16.42 -13.23 9.94
C SER A 338 16.61 -12.45 8.66
N GLU A 339 15.69 -12.69 7.73
CA GLU A 339 15.63 -12.07 6.40
C GLU A 339 14.56 -10.99 6.33
N ARG A 340 14.17 -10.45 7.49
CA ARG A 340 13.09 -9.46 7.55
C ARG A 340 13.39 -8.23 6.66
N ASP A 341 14.64 -7.76 6.63
CA ASP A 341 14.93 -6.53 5.87
C ASP A 341 15.28 -6.84 4.44
N GLY A 342 15.07 -8.09 4.00
CA GLY A 342 15.36 -8.51 2.64
C GLY A 342 16.70 -9.21 2.48
N PHE A 343 17.53 -9.26 3.54
CA PHE A 343 18.81 -9.97 3.53
C PHE A 343 18.99 -10.78 4.82
N SER A 344 19.67 -11.89 4.73
CA SER A 344 19.97 -12.65 5.94
C SER A 344 20.96 -11.88 6.85
N HIS A 345 20.44 -11.41 8.00
CA HIS A 345 21.20 -10.57 8.92
C HIS A 345 21.04 -11.05 10.38
N LEU A 346 22.02 -10.62 11.22
CA LEU A 346 22.13 -11.12 12.58
C LEU A 346 21.51 -10.13 13.52
N TYR A 347 20.67 -10.64 14.42
CA TYR A 347 19.93 -9.85 15.42
C TYR A 347 20.27 -10.41 16.79
N TRP A 348 20.31 -9.55 17.80
CA TRP A 348 20.75 -9.87 19.15
C TRP A 348 19.59 -9.52 20.04
N TYR A 349 19.12 -10.52 20.78
CA TYR A 349 17.91 -10.43 21.59
C TYR A 349 18.22 -10.65 23.08
N SER A 350 17.39 -10.05 23.93
CA SER A 350 17.47 -10.42 25.33
C SER A 350 16.73 -11.73 25.55
N MET A 351 16.95 -12.23 26.69
CA MET A 351 16.35 -13.48 26.98
C MET A 351 14.81 -13.35 27.31
N GLY A 352 14.33 -12.12 27.52
CA GLY A 352 12.90 -11.83 27.50
C GLY A 352 12.27 -11.71 26.11
N GLY A 353 13.07 -11.67 25.05
CA GLY A 353 12.45 -11.61 23.73
C GLY A 353 12.43 -10.27 23.04
N ASN A 354 13.15 -9.40 23.57
CA ASN A 354 13.28 -8.01 23.40
C ASN A 354 14.52 -7.70 22.62
N LEU A 355 14.30 -7.05 21.46
CA LEU A 355 15.37 -6.83 20.49
C LEU A 355 16.35 -5.81 21.08
N ILE A 356 17.60 -6.21 21.27
CA ILE A 356 18.64 -5.28 21.70
C ILE A 356 19.21 -4.55 20.48
N LYS A 357 19.64 -5.29 19.45
CA LYS A 357 20.12 -4.57 18.26
C LYS A 357 20.21 -5.50 17.05
N LYS A 358 20.15 -4.86 15.86
CA LYS A 358 20.45 -5.46 14.57
C LYS A 358 21.98 -5.39 14.34
N VAL A 359 22.68 -6.53 14.40
CA VAL A 359 24.14 -6.47 14.48
C VAL A 359 24.74 -6.09 13.13
N THR A 360 24.28 -6.77 12.06
CA THR A 360 24.69 -6.56 10.67
C THR A 360 23.55 -5.89 9.85
N ASN A 361 23.96 -5.05 8.91
CA ASN A 361 23.05 -4.42 7.95
C ASN A 361 23.84 -4.15 6.68
N GLY A 362 23.15 -4.17 5.55
CA GLY A 362 23.78 -3.97 4.25
C GLY A 362 23.31 -5.02 3.27
N LYS A 363 23.67 -4.80 2.02
CA LYS A 363 23.08 -5.65 0.97
C LYS A 363 24.01 -6.80 0.65
N TYR A 364 24.22 -7.61 1.71
CA TYR A 364 25.03 -8.81 1.64
C TYR A 364 24.34 -9.77 2.61
N GLU A 365 24.74 -11.03 2.64
CA GLU A 365 24.12 -11.99 3.49
C GLU A 365 25.06 -12.60 4.51
N VAL A 366 24.63 -12.69 5.75
CA VAL A 366 25.39 -13.40 6.75
C VAL A 366 25.09 -14.88 6.51
N LYS A 367 26.11 -15.72 6.50
CA LYS A 367 25.95 -17.14 6.30
C LYS A 367 25.82 -17.90 7.61
N ASP A 368 26.75 -17.68 8.54
CA ASP A 368 26.72 -18.36 9.81
C ASP A 368 27.08 -17.48 10.97
N PHE A 369 26.43 -17.62 12.11
CA PHE A 369 26.81 -16.90 13.30
C PHE A 369 27.73 -17.79 14.06
N LEU A 370 28.95 -17.34 14.29
CA LEU A 370 29.92 -18.19 14.94
C LEU A 370 29.97 -18.03 16.43
N GLY A 371 29.74 -16.82 16.93
CA GLY A 371 29.68 -16.76 18.39
C GLY A 371 29.86 -15.35 18.86
N TYR A 372 29.69 -15.20 20.17
CA TYR A 372 29.72 -13.93 20.87
C TYR A 372 30.74 -14.05 22.00
N ASP A 373 31.64 -13.09 22.07
CA ASP A 373 32.62 -12.99 23.13
C ASP A 373 32.14 -11.94 24.12
N GLU A 374 31.89 -12.37 25.36
CA GLU A 374 31.39 -11.45 26.37
C GLU A 374 32.44 -10.48 26.89
N ALA A 375 33.72 -10.84 26.77
CA ALA A 375 34.80 -9.97 27.25
C ALA A 375 34.74 -8.59 26.60
N ASP A 376 34.60 -8.54 25.26
CA ASP A 376 34.46 -7.26 24.56
C ASP A 376 33.07 -6.95 24.01
N GLY A 377 32.11 -7.86 24.18
CA GLY A 377 30.80 -7.66 23.60
C GLY A 377 30.74 -7.87 22.09
N SER A 378 31.57 -8.74 21.54
CA SER A 378 31.84 -8.70 20.11
C SER A 378 31.23 -9.94 19.40
N PHE A 379 30.88 -9.83 18.10
CA PHE A 379 30.19 -10.90 17.38
C PHE A 379 31.01 -11.39 16.22
N TYR A 380 31.08 -12.70 16.07
CA TYR A 380 31.81 -13.35 15.01
C TYR A 380 30.82 -14.08 14.13
N TYR A 381 30.99 -13.91 12.81
CA TYR A 381 30.06 -14.47 11.81
C TYR A 381 30.83 -14.58 10.48
N THR A 382 30.27 -15.34 9.58
CA THR A 382 30.73 -15.33 8.20
C THR A 382 29.68 -14.61 7.32
N SER A 383 30.21 -13.94 6.27
CA SER A 383 29.34 -13.37 5.26
C SER A 383 29.99 -13.35 3.86
N ASN A 384 29.17 -12.94 2.90
CA ASN A 384 29.59 -12.78 1.51
C ASN A 384 29.67 -11.30 1.13
N GLU A 385 29.94 -10.42 2.10
CA GLU A 385 30.01 -8.97 1.82
C GLU A 385 30.98 -8.64 0.68
N GLU A 386 32.11 -9.36 0.60
CA GLU A 386 33.05 -9.15 -0.50
C GLU A 386 32.38 -9.36 -1.83
N SER A 387 31.62 -10.49 -2.01
CA SER A 387 30.90 -10.81 -3.27
C SER A 387 30.06 -12.06 -3.05
N PRO A 388 28.97 -12.26 -3.78
CA PRO A 388 28.21 -13.50 -3.62
C PRO A 388 29.05 -14.74 -3.89
N LEU A 389 30.21 -14.61 -4.50
CA LEU A 389 31.02 -15.76 -4.83
C LEU A 389 31.96 -16.19 -3.68
N ARG A 390 32.03 -15.37 -2.59
CA ARG A 390 33.05 -15.51 -1.55
C ARG A 390 32.40 -15.52 -0.17
N LYS A 391 33.21 -15.98 0.81
CA LYS A 391 32.80 -16.00 2.19
C LYS A 391 34.04 -15.64 3.00
N ALA A 392 33.92 -14.70 3.91
CA ALA A 392 35.03 -14.35 4.80
C ALA A 392 34.56 -14.26 6.24
N VAL A 393 35.49 -14.37 7.18
CA VAL A 393 35.16 -14.33 8.60
C VAL A 393 35.22 -12.91 9.05
N TYR A 394 34.23 -12.50 9.80
CA TYR A 394 34.18 -11.13 10.22
C TYR A 394 33.93 -10.97 11.71
N LYS A 395 34.33 -9.84 12.26
CA LYS A 395 34.03 -9.53 13.65
C LYS A 395 33.42 -8.14 13.79
N ILE A 396 32.36 -8.01 14.55
CA ILE A 396 31.78 -6.71 14.81
C ILE A 396 31.83 -6.48 16.32
N ASP A 397 32.43 -5.37 16.75
CA ASP A 397 32.57 -5.04 18.17
C ASP A 397 31.31 -4.46 18.76
N LYS A 398 31.27 -4.27 20.07
CA LYS A 398 30.09 -3.77 20.76
C LYS A 398 29.60 -2.42 20.25
N LYS A 399 30.49 -1.52 19.85
CA LYS A 399 30.13 -0.22 19.31
C LYS A 399 29.80 -0.19 17.82
N GLY A 400 29.90 -1.33 17.14
CA GLY A 400 29.62 -1.40 15.70
C GLY A 400 30.73 -1.40 14.68
N LYS A 401 31.97 -1.49 15.15
CA LYS A 401 33.11 -1.48 14.25
C LYS A 401 33.37 -2.85 13.67
N LYS A 402 33.50 -2.90 12.36
CA LYS A 402 33.65 -4.18 11.71
C LYS A 402 35.01 -4.42 11.17
N LEU A 403 35.57 -5.56 11.49
CA LEU A 403 36.84 -5.94 10.93
C LEU A 403 36.74 -7.28 10.19
N LYS A 404 37.25 -7.35 8.96
CA LYS A 404 37.29 -8.61 8.27
C LYS A 404 38.52 -9.37 8.72
N LEU A 405 38.36 -10.60 9.15
CA LEU A 405 39.49 -11.33 9.68
C LEU A 405 40.30 -12.17 8.71
N SER A 406 39.71 -12.57 7.59
CA SER A 406 40.40 -13.38 6.62
C SER A 406 41.41 -12.51 5.87
N GLN A 407 42.64 -13.05 5.75
CA GLN A 407 43.94 -12.82 5.04
C GLN A 407 43.76 -12.96 3.56
N ARG A 408 42.94 -13.90 3.13
CA ARG A 408 42.82 -14.18 1.72
C ARG A 408 41.34 -14.21 1.29
N GLU A 409 41.03 -13.73 0.05
CA GLU A 409 39.69 -13.78 -0.55
C GLU A 409 39.44 -15.09 -1.29
N GLY A 410 38.27 -15.65 -1.01
CA GLY A 410 37.81 -16.91 -1.56
C GLY A 410 36.74 -17.47 -0.65
N THR A 411 36.99 -18.66 -0.14
CA THR A 411 36.07 -19.34 0.76
C THR A 411 36.81 -19.62 2.06
N ASN A 412 36.31 -19.04 3.14
CA ASN A 412 36.93 -19.17 4.46
C ASN A 412 35.93 -19.83 5.37
N THR A 413 36.28 -20.99 5.89
CA THR A 413 35.42 -21.67 6.83
C THR A 413 36.14 -21.73 8.15
N PRO A 414 35.62 -21.04 9.15
CA PRO A 414 36.27 -21.02 10.48
C PRO A 414 35.64 -21.97 11.50
N LEU A 415 36.47 -22.52 12.39
CA LEU A 415 35.95 -23.28 13.54
C LEU A 415 36.58 -22.64 14.79
N PHE A 416 35.82 -21.81 15.50
CA PHE A 416 36.32 -21.08 16.66
C PHE A 416 36.56 -21.97 17.88
N SER A 417 37.46 -21.54 18.77
CA SER A 417 37.69 -22.23 20.01
C SER A 417 36.57 -21.86 20.99
N GLN A 418 36.47 -22.61 22.10
CA GLN A 418 35.39 -22.41 23.07
C GLN A 418 35.27 -20.97 23.55
N SER A 419 36.42 -20.29 23.63
CA SER A 419 36.64 -18.99 24.22
C SER A 419 36.59 -17.85 23.18
N MET A 420 36.53 -18.17 21.89
CA MET A 420 36.60 -17.19 20.80
C MET A 420 37.97 -16.55 20.63
N LYS A 421 39.00 -17.04 21.36
CA LYS A 421 40.36 -16.52 21.29
C LYS A 421 41.08 -16.89 20.01
N TYR A 422 40.88 -18.12 19.54
CA TYR A 422 41.51 -18.65 18.35
C TYR A 422 40.44 -19.31 17.48
N TYR A 423 40.80 -19.52 16.22
CA TYR A 423 39.95 -20.28 15.29
C TYR A 423 40.85 -21.01 14.29
N MET A 424 40.34 -22.16 13.84
CA MET A 424 40.93 -22.88 12.73
C MET A 424 40.30 -22.38 11.44
N ASN A 425 41.15 -22.03 10.47
CA ASN A 425 40.65 -21.62 9.17
C ASN A 425 41.06 -22.61 8.06
N LYS A 426 40.00 -23.21 7.44
CA LYS A 426 40.05 -23.88 6.11
C LYS A 426 39.72 -22.91 4.97
N PHE A 427 40.68 -22.73 4.08
CA PHE A 427 40.58 -21.76 3.00
C PHE A 427 40.79 -22.40 1.63
N SER A 428 39.99 -21.97 0.63
CA SER A 428 40.16 -22.24 -0.82
C SER A 428 39.64 -21.10 -1.67
N ASN A 429 40.13 -21.10 -2.92
CA ASN A 429 39.59 -20.29 -4.00
C ASN A 429 39.83 -21.07 -5.30
N LEU A 430 39.57 -20.45 -6.45
CA LEU A 430 39.71 -21.16 -7.72
C LEU A 430 41.10 -21.79 -7.83
N ASP A 431 42.16 -21.11 -7.31
CA ASP A 431 43.54 -21.59 -7.44
C ASP A 431 44.17 -22.21 -6.18
N THR A 432 43.43 -22.34 -5.06
CA THR A 432 44.02 -22.90 -3.86
C THR A 432 43.19 -24.03 -3.35
N PRO A 433 43.73 -25.25 -3.42
CA PRO A 433 42.95 -26.43 -3.05
C PRO A 433 42.55 -26.43 -1.60
N MET A 434 43.51 -26.29 -0.70
CA MET A 434 43.14 -26.21 0.71
C MET A 434 44.29 -25.59 1.45
N LEU A 435 43.99 -24.52 2.16
CA LEU A 435 44.99 -24.12 3.11
C LEU A 435 44.45 -23.79 4.48
N VAL A 436 44.95 -24.65 5.37
CA VAL A 436 44.57 -24.79 6.76
C VAL A 436 45.58 -24.09 7.62
N THR A 437 45.06 -23.12 8.36
CA THR A 437 45.87 -22.26 9.21
C THR A 437 45.24 -22.25 10.58
N LEU A 438 46.00 -21.76 11.55
CA LEU A 438 45.45 -21.49 12.88
C LEU A 438 45.55 -19.98 13.04
N ASN A 439 44.47 -19.35 13.48
CA ASN A 439 44.49 -17.90 13.53
C ASN A 439 43.96 -17.44 14.87
N ASP A 440 44.41 -16.24 15.25
CA ASP A 440 43.77 -15.68 16.44
C ASP A 440 42.54 -14.82 16.02
N ASN A 441 41.79 -14.30 17.01
CA ASN A 441 40.55 -13.58 16.71
C ASN A 441 40.77 -12.17 16.12
N THR A 442 42.03 -11.74 15.88
CA THR A 442 42.30 -10.60 15.00
C THR A 442 42.57 -11.01 13.53
N GLY A 443 42.71 -12.30 13.18
CA GLY A 443 43.03 -12.71 11.83
C GLY A 443 44.45 -13.12 11.54
N LYS A 444 45.31 -13.05 12.52
CA LYS A 444 46.69 -13.38 12.31
C LYS A 444 46.88 -14.85 12.18
N THR A 445 47.68 -15.24 11.22
CA THR A 445 48.01 -16.64 11.06
C THR A 445 49.03 -16.96 12.14
N LEU A 446 48.67 -17.84 13.05
CA LEU A 446 49.61 -18.32 14.03
C LEU A 446 50.46 -19.45 13.43
N LYS A 447 49.84 -20.27 12.58
CA LYS A 447 50.55 -21.40 12.05
C LYS A 447 49.82 -21.81 10.79
N THR A 448 50.56 -22.31 9.85
CA THR A 448 49.95 -22.90 8.68
C THR A 448 50.13 -24.40 8.86
N LEU A 449 49.03 -25.11 9.17
CA LEU A 449 49.06 -26.57 9.34
C LEU A 449 49.16 -27.32 8.02
N ILE A 450 48.45 -26.88 6.98
CA ILE A 450 48.42 -27.60 5.70
C ILE A 450 48.40 -26.64 4.52
N ASN A 451 49.23 -26.87 3.52
CA ASN A 451 49.23 -26.04 2.32
C ASN A 451 48.94 -26.80 1.03
N ASN A 452 48.87 -28.12 1.13
CA ASN A 452 48.62 -28.98 -0.04
C ASN A 452 49.63 -28.81 -1.18
N ASP A 453 50.90 -28.59 -0.84
CA ASP A 453 51.93 -28.43 -1.84
C ASP A 453 52.14 -29.67 -2.67
N GLN A 454 52.06 -30.82 -2.04
CA GLN A 454 52.20 -32.06 -2.75
C GLN A 454 51.12 -32.19 -3.80
N LEU A 455 49.89 -31.81 -3.47
CA LEU A 455 48.82 -31.84 -4.45
C LEU A 455 49.13 -30.92 -5.61
N LYS A 456 49.62 -29.74 -5.32
CA LYS A 456 49.91 -28.82 -6.39
C LYS A 456 50.99 -29.39 -7.30
N GLN A 457 51.98 -30.03 -6.72
CA GLN A 457 53.04 -30.63 -7.51
C GLN A 457 52.59 -31.77 -8.39
N THR A 458 51.75 -32.62 -7.85
CA THR A 458 51.20 -33.69 -8.65
C THR A 458 50.39 -33.09 -9.76
N LEU A 459 49.61 -32.08 -9.43
CA LEU A 459 48.79 -31.44 -10.43
C LEU A 459 49.65 -30.82 -11.49
N SER A 460 50.76 -30.22 -11.10
CA SER A 460 51.65 -29.54 -12.06
C SER A 460 51.95 -30.36 -13.32
N GLY A 461 52.10 -31.66 -13.18
CA GLY A 461 52.30 -32.52 -14.34
C GLY A 461 51.11 -32.75 -15.23
N TYR A 462 49.90 -32.41 -14.78
CA TYR A 462 48.71 -32.52 -15.60
C TYR A 462 48.31 -31.21 -16.31
N ALA A 463 47.59 -31.30 -17.41
CA ALA A 463 47.08 -30.14 -18.16
C ALA A 463 45.70 -29.84 -17.62
N ILE A 464 45.61 -28.86 -16.76
CA ILE A 464 44.38 -28.59 -16.01
C ILE A 464 43.69 -27.40 -16.66
N PRO A 465 42.49 -27.54 -17.22
CA PRO A 465 41.69 -26.34 -17.55
C PRO A 465 41.54 -25.43 -16.34
N GLN A 466 41.42 -24.12 -16.58
CA GLN A 466 41.18 -23.22 -15.43
C GLN A 466 39.81 -22.53 -15.55
N LYS A 467 39.09 -22.47 -14.42
CA LYS A 467 37.86 -21.70 -14.32
C LYS A 467 38.19 -20.24 -14.32
N GLU A 468 37.32 -19.45 -14.93
CA GLU A 468 37.35 -18.02 -14.69
C GLU A 468 35.92 -17.54 -14.47
N PHE A 469 35.76 -16.54 -13.58
CA PHE A 469 34.40 -16.04 -13.41
C PHE A 469 34.09 -15.07 -14.52
N PHE A 470 32.78 -14.85 -14.72
CA PHE A 470 32.28 -13.84 -15.65
C PHE A 470 30.84 -13.50 -15.24
N THR A 471 30.33 -12.42 -15.79
CA THR A 471 28.94 -12.03 -15.59
C THR A 471 28.45 -11.78 -16.98
N PHE A 472 27.15 -11.80 -17.14
CA PHE A 472 26.55 -11.26 -18.36
C PHE A 472 25.15 -10.77 -18.01
N GLN A 473 24.57 -10.01 -18.95
CA GLN A 473 23.27 -9.34 -18.78
C GLN A 473 22.24 -10.12 -19.55
N THR A 474 21.21 -10.58 -18.87
CA THR A 474 20.04 -11.19 -19.57
C THR A 474 19.30 -10.14 -20.41
N THR A 475 18.35 -10.60 -21.25
CA THR A 475 17.60 -9.66 -22.09
C THR A 475 16.65 -8.78 -21.29
N ASP A 476 16.33 -9.10 -20.05
CA ASP A 476 15.57 -8.17 -19.23
C ASP A 476 16.42 -7.40 -18.23
N GLY A 477 17.74 -7.38 -18.42
CA GLY A 477 18.63 -6.48 -17.68
C GLY A 477 19.19 -6.99 -16.35
N VAL A 478 19.05 -8.30 -16.05
CA VAL A 478 19.54 -8.88 -14.83
C VAL A 478 20.99 -9.34 -15.01
N THR A 479 21.83 -8.99 -14.05
CA THR A 479 23.20 -9.53 -14.01
C THR A 479 23.25 -10.94 -13.43
N LEU A 480 23.79 -11.91 -14.21
CA LEU A 480 23.98 -13.25 -13.72
C LEU A 480 25.45 -13.57 -13.61
N ASN A 481 25.81 -14.22 -12.51
CA ASN A 481 27.18 -14.71 -12.34
C ASN A 481 27.39 -16.11 -12.93
N GLY A 482 28.52 -16.32 -13.62
CA GLY A 482 28.75 -17.70 -14.05
C GLY A 482 30.23 -17.99 -14.01
N TRP A 483 30.63 -19.26 -14.19
CA TRP A 483 32.05 -19.54 -14.41
C TRP A 483 32.18 -20.28 -15.72
N MET A 484 33.35 -20.09 -16.35
CA MET A 484 33.63 -20.71 -17.63
C MET A 484 34.98 -21.44 -17.52
N MET A 485 35.05 -22.64 -18.08
CA MET A 485 36.25 -23.43 -17.96
C MET A 485 36.51 -23.89 -19.38
N LYS A 486 37.70 -23.57 -19.89
CA LYS A 486 38.11 -23.82 -21.25
C LYS A 486 39.20 -24.84 -21.27
N PRO A 487 39.35 -25.59 -22.36
CA PRO A 487 40.50 -26.51 -22.43
C PRO A 487 41.80 -25.72 -22.31
N ALA A 488 42.81 -26.40 -21.75
CA ALA A 488 44.14 -25.80 -21.57
C ALA A 488 44.77 -25.41 -22.88
N ASN A 489 44.33 -26.00 -24.00
CA ASN A 489 44.80 -25.65 -25.34
C ASN A 489 43.89 -24.66 -26.08
N PHE A 490 43.11 -23.90 -25.36
CA PHE A 490 42.13 -23.03 -25.99
C PHE A 490 42.55 -22.10 -27.08
N SER A 491 41.77 -22.09 -28.15
CA SER A 491 42.03 -21.12 -29.18
C SER A 491 40.84 -20.33 -29.63
N THR A 492 41.02 -19.02 -29.72
CA THR A 492 39.97 -18.13 -30.19
C THR A 492 39.72 -18.37 -31.65
N SER A 493 40.65 -18.97 -32.36
CA SER A 493 40.44 -19.35 -33.74
C SER A 493 39.45 -20.48 -33.90
N LYS A 494 39.44 -21.42 -32.97
CA LYS A 494 38.56 -22.58 -33.04
C LYS A 494 37.16 -22.39 -32.49
N LYS A 495 36.22 -23.15 -33.00
CA LYS A 495 34.86 -23.08 -32.48
C LYS A 495 34.67 -24.31 -31.67
N TYR A 496 33.96 -24.17 -30.57
CA TYR A 496 33.88 -25.27 -29.66
C TYR A 496 32.48 -25.72 -29.16
N PRO A 497 32.30 -27.03 -28.83
CA PRO A 497 31.03 -27.39 -28.15
C PRO A 497 31.04 -26.94 -26.69
N VAL A 498 29.82 -26.85 -26.13
CA VAL A 498 29.58 -26.34 -24.78
C VAL A 498 28.82 -27.35 -23.92
N LEU A 499 29.23 -27.52 -22.68
CA LEU A 499 28.47 -28.25 -21.68
C LEU A 499 28.14 -27.27 -20.56
N MET A 500 26.86 -27.00 -20.38
CA MET A 500 26.35 -26.20 -19.28
C MET A 500 26.02 -27.09 -18.09
N TYR A 501 26.44 -26.67 -16.90
CA TYR A 501 26.13 -27.37 -15.67
C TYR A 501 25.42 -26.41 -14.75
N GLN A 502 24.42 -26.90 -14.00
CA GLN A 502 23.66 -26.05 -13.06
C GLN A 502 22.95 -26.92 -12.05
N TYR A 503 22.66 -26.30 -10.91
CA TYR A 503 21.78 -26.89 -9.90
C TYR A 503 20.48 -26.13 -9.82
N SER A 504 20.54 -24.82 -9.59
CA SER A 504 19.42 -23.89 -9.86
C SER A 504 18.30 -23.87 -8.82
N GLY A 505 18.36 -24.69 -7.78
CA GLY A 505 17.36 -24.81 -6.74
C GLY A 505 17.32 -23.57 -5.87
N PRO A 506 16.17 -23.33 -5.29
CA PRO A 506 15.97 -22.15 -4.42
C PRO A 506 17.05 -21.93 -3.36
N GLY A 507 17.75 -20.81 -3.41
CA GLY A 507 18.74 -20.48 -2.41
C GLY A 507 20.09 -21.07 -2.62
N SER A 508 20.26 -21.90 -3.66
CA SER A 508 21.51 -22.61 -3.86
C SER A 508 22.50 -21.75 -4.62
N GLN A 509 23.79 -22.17 -4.63
CA GLN A 509 24.78 -21.52 -5.48
C GLN A 509 25.77 -22.56 -5.89
N GLN A 510 26.11 -22.59 -7.18
CA GLN A 510 27.25 -23.35 -7.67
C GLN A 510 28.39 -22.48 -8.19
N VAL A 511 28.17 -21.19 -8.37
CA VAL A 511 29.22 -20.25 -8.79
C VAL A 511 29.90 -19.69 -7.53
N LEU A 512 30.98 -20.36 -7.06
CA LEU A 512 31.59 -20.02 -5.76
C LEU A 512 33.11 -20.02 -5.86
N ASP A 513 33.76 -19.08 -5.18
CA ASP A 513 35.21 -18.98 -5.28
C ASP A 513 35.87 -20.06 -4.42
N THR A 514 35.80 -21.27 -4.94
CA THR A 514 36.31 -22.38 -4.19
C THR A 514 36.89 -23.38 -5.17
N TRP A 515 37.69 -24.27 -4.64
CA TRP A 515 38.48 -25.15 -5.48
C TRP A 515 37.82 -26.54 -5.64
N GLY A 516 38.07 -27.13 -6.80
CA GLY A 516 37.66 -28.50 -7.09
C GLY A 516 38.15 -28.93 -8.46
N ILE A 517 38.29 -30.23 -8.63
CA ILE A 517 38.42 -30.83 -9.95
C ILE A 517 37.32 -31.83 -10.02
N SER A 518 36.43 -31.68 -11.00
CA SER A 518 35.23 -32.51 -11.04
C SER A 518 35.12 -33.18 -12.43
N TRP A 519 34.01 -33.87 -12.65
CA TRP A 519 33.71 -34.38 -14.00
C TRP A 519 33.68 -33.24 -15.03
N GLU A 520 33.09 -32.08 -14.67
CA GLU A 520 33.17 -30.92 -15.52
C GLU A 520 34.60 -30.59 -15.90
N THR A 521 35.53 -30.64 -14.94
CA THR A 521 36.90 -30.33 -15.31
C THR A 521 37.42 -31.32 -16.36
N TYR A 522 37.03 -32.62 -16.20
CA TYR A 522 37.41 -33.64 -17.18
C TYR A 522 36.78 -33.33 -18.53
N MET A 523 35.49 -32.93 -18.57
CA MET A 523 34.88 -32.59 -19.85
C MET A 523 35.69 -31.49 -20.54
N ALA A 524 36.07 -30.46 -19.77
CA ALA A 524 36.87 -29.36 -20.32
C ALA A 524 38.16 -29.87 -20.90
N SER A 525 38.79 -30.81 -20.22
CA SER A 525 40.03 -31.31 -20.78
C SER A 525 39.82 -32.14 -22.03
N LEU A 526 38.59 -32.62 -22.28
CA LEU A 526 38.29 -33.31 -23.54
C LEU A 526 37.90 -32.34 -24.68
N GLY A 527 37.94 -31.04 -24.46
CA GLY A 527 37.71 -30.09 -25.55
C GLY A 527 36.40 -29.34 -25.51
N TYR A 528 35.69 -29.39 -24.41
CA TYR A 528 34.46 -28.66 -24.23
C TYR A 528 34.74 -27.38 -23.45
N ILE A 529 33.96 -26.35 -23.77
CA ILE A 529 33.79 -25.22 -22.88
C ILE A 529 32.69 -25.57 -21.91
N VAL A 530 33.04 -25.61 -20.61
CA VAL A 530 32.07 -25.95 -19.61
C VAL A 530 31.73 -24.68 -18.87
N VAL A 531 30.41 -24.41 -18.79
CA VAL A 531 29.91 -23.17 -18.19
C VAL A 531 28.90 -23.47 -17.11
N CYS A 532 28.93 -22.70 -16.02
CA CYS A 532 27.89 -22.88 -15.02
C CYS A 532 27.38 -21.47 -14.65
N VAL A 533 26.07 -21.25 -14.74
CA VAL A 533 25.50 -19.94 -14.35
C VAL A 533 24.45 -20.16 -13.27
N ASP A 534 24.48 -19.34 -12.21
CA ASP A 534 23.50 -19.35 -11.13
C ASP A 534 22.35 -18.39 -11.55
N GLY A 535 21.20 -18.91 -11.93
CA GLY A 535 20.11 -18.08 -12.45
C GLY A 535 19.28 -17.44 -11.35
N ARG A 536 18.14 -16.82 -11.73
CA ARG A 536 17.21 -16.29 -10.75
C ARG A 536 16.66 -17.42 -9.91
N GLY A 537 16.40 -17.17 -8.62
CA GLY A 537 16.04 -18.23 -7.71
C GLY A 537 17.19 -18.68 -6.79
N THR A 538 18.47 -18.42 -7.18
CA THR A 538 19.65 -18.90 -6.43
C THR A 538 19.94 -17.94 -5.27
N GLY A 539 20.81 -18.39 -4.37
CA GLY A 539 21.04 -17.69 -3.12
C GLY A 539 22.19 -16.68 -3.19
N GLY A 540 22.34 -16.01 -2.07
CA GLY A 540 23.48 -15.18 -1.87
C GLY A 540 23.29 -13.77 -2.30
N ARG A 541 22.17 -13.47 -2.96
CA ARG A 541 21.95 -12.15 -3.50
C ARG A 541 20.72 -11.49 -2.92
N GLY A 542 20.23 -12.00 -1.78
CA GLY A 542 19.12 -11.38 -1.07
C GLY A 542 17.81 -12.08 -1.42
N GLU A 543 16.77 -11.70 -0.67
CA GLU A 543 15.44 -12.35 -0.76
C GLU A 543 14.76 -12.12 -2.09
N ALA A 544 14.72 -10.92 -2.61
CA ALA A 544 14.00 -10.69 -3.87
C ALA A 544 14.54 -11.58 -4.98
N PHE A 545 15.89 -11.67 -5.10
CA PHE A 545 16.51 -12.46 -6.15
C PHE A 545 16.18 -13.94 -6.00
N GLU A 546 16.20 -14.43 -4.75
CA GLU A 546 15.98 -15.84 -4.46
C GLU A 546 14.54 -16.23 -4.61
N LYS A 547 13.62 -15.43 -4.10
CA LYS A 547 12.23 -15.86 -3.93
C LYS A 547 11.28 -15.28 -4.95
N CYS A 548 11.81 -14.65 -6.00
CA CYS A 548 10.94 -14.26 -7.14
C CYS A 548 10.26 -15.45 -7.81
N THR A 549 10.62 -16.68 -7.47
CA THR A 549 10.13 -17.95 -8.04
C THR A 549 8.98 -18.49 -7.27
N TYR A 550 8.63 -17.86 -6.16
CA TYR A 550 7.68 -18.38 -5.16
C TYR A 550 6.31 -18.70 -5.79
N LEU A 551 5.75 -19.86 -5.47
CA LEU A 551 4.46 -20.37 -5.99
C LEU A 551 4.56 -20.86 -7.45
N LYS A 552 5.71 -20.69 -8.14
CA LYS A 552 5.76 -21.27 -9.50
C LYS A 552 7.23 -21.57 -9.86
N ILE A 553 7.84 -22.51 -9.15
CA ILE A 553 9.26 -22.71 -9.30
C ILE A 553 9.61 -23.29 -10.66
N GLY A 554 10.92 -23.22 -11.00
CA GLY A 554 11.43 -23.82 -12.23
C GLY A 554 11.24 -22.96 -13.47
N VAL A 555 10.15 -22.22 -13.64
CA VAL A 555 9.94 -21.49 -14.90
C VAL A 555 11.03 -20.42 -15.13
N LYS A 556 11.23 -19.56 -14.12
CA LYS A 556 12.16 -18.46 -14.31
C LYS A 556 13.60 -18.96 -14.43
N GLU A 557 13.90 -20.04 -13.68
CA GLU A 557 15.22 -20.64 -13.69
C GLU A 557 15.53 -21.17 -15.06
N ALA A 558 14.50 -21.70 -15.72
CA ALA A 558 14.66 -22.27 -17.04
C ALA A 558 14.88 -21.20 -18.08
N LYS A 559 14.16 -20.10 -17.97
CA LYS A 559 14.48 -19.02 -18.90
C LYS A 559 15.89 -18.52 -18.71
N ASP A 560 16.35 -18.39 -17.47
CA ASP A 560 17.72 -17.91 -17.35
C ASP A 560 18.74 -18.95 -17.92
N GLN A 561 18.47 -20.26 -17.81
CA GLN A 561 19.40 -21.21 -18.48
C GLN A 561 19.32 -21.08 -20.01
N VAL A 562 18.14 -20.84 -20.56
CA VAL A 562 18.06 -20.55 -21.99
C VAL A 562 18.78 -19.24 -22.35
N GLU A 563 18.63 -18.23 -21.52
CA GLU A 563 19.34 -16.99 -21.80
C GLU A 563 20.87 -17.24 -21.77
N THR A 564 21.36 -18.04 -20.80
CA THR A 564 22.76 -18.39 -20.78
C THR A 564 23.21 -19.10 -22.10
N ALA A 565 22.43 -20.06 -22.58
CA ALA A 565 22.76 -20.72 -23.87
C ALA A 565 22.76 -19.74 -25.06
N LEU A 566 21.81 -18.81 -25.10
CA LEU A 566 21.81 -17.84 -26.20
C LEU A 566 23.05 -16.98 -26.12
N TYR A 567 23.38 -16.54 -24.90
CA TYR A 567 24.55 -15.67 -24.76
C TYR A 567 25.81 -16.42 -25.18
N LEU A 568 25.96 -17.69 -24.75
CA LEU A 568 27.12 -18.47 -25.17
C LEU A 568 27.10 -18.64 -26.67
N GLY A 569 25.91 -18.83 -27.24
CA GLY A 569 25.81 -19.11 -28.65
C GLY A 569 26.28 -17.97 -29.52
N LYS A 570 26.24 -16.73 -28.97
CA LYS A 570 26.71 -15.55 -29.68
C LYS A 570 28.24 -15.45 -29.64
N GLN A 571 28.90 -16.24 -28.82
CA GLN A 571 30.34 -16.06 -28.75
C GLN A 571 31.01 -16.70 -29.96
N PRO A 572 32.06 -16.10 -30.49
CA PRO A 572 32.63 -16.62 -31.73
C PRO A 572 33.38 -17.94 -31.57
N TYR A 573 33.73 -18.34 -30.35
CA TYR A 573 34.42 -19.61 -30.12
C TYR A 573 33.47 -20.74 -29.73
N VAL A 574 32.16 -20.50 -29.77
CA VAL A 574 31.16 -21.46 -29.32
C VAL A 574 30.30 -21.87 -30.48
N ASP A 575 30.23 -23.20 -30.76
CA ASP A 575 29.34 -23.68 -31.81
C ASP A 575 27.96 -23.82 -31.25
N LYS A 576 27.08 -22.91 -31.65
CA LYS A 576 25.78 -22.87 -31.01
C LYS A 576 24.98 -24.11 -31.28
N ASP A 577 25.36 -24.92 -32.24
CA ASP A 577 24.57 -26.13 -32.48
C ASP A 577 25.02 -27.30 -31.64
N ARG A 578 25.96 -27.08 -30.75
CA ARG A 578 26.55 -28.12 -29.95
C ARG A 578 26.58 -27.70 -28.51
N ILE A 579 25.44 -27.31 -27.99
CA ILE A 579 25.35 -26.91 -26.59
C ILE A 579 24.57 -27.94 -25.82
N GLY A 580 25.17 -28.50 -24.76
CA GLY A 580 24.47 -29.49 -23.95
C GLY A 580 24.30 -28.93 -22.55
N ILE A 581 23.45 -29.58 -21.77
CA ILE A 581 23.19 -29.13 -20.38
C ILE A 581 22.94 -30.33 -19.49
N TRP A 582 23.36 -30.25 -18.21
CA TRP A 582 23.02 -31.40 -17.36
C TRP A 582 22.95 -30.89 -15.91
N GLY A 583 22.42 -31.75 -15.04
CA GLY A 583 22.43 -31.49 -13.64
C GLY A 583 21.82 -32.69 -12.94
N TRP A 584 21.92 -32.66 -11.60
CA TRP A 584 21.60 -33.74 -10.68
C TRP A 584 20.64 -33.19 -9.66
N SER A 585 19.62 -33.95 -9.34
CA SER A 585 18.63 -33.55 -8.36
C SER A 585 17.77 -32.38 -8.87
N TYR A 586 17.71 -31.22 -8.17
CA TYR A 586 17.05 -30.08 -8.75
C TYR A 586 17.68 -29.73 -10.09
N GLY A 587 18.98 -29.98 -10.22
CA GLY A 587 19.65 -29.69 -11.47
C GLY A 587 19.16 -30.58 -12.61
N GLY A 588 18.76 -31.81 -12.30
CA GLY A 588 18.23 -32.68 -13.34
C GLY A 588 16.83 -32.24 -13.79
N TYR A 589 15.99 -31.91 -12.81
CA TYR A 589 14.71 -31.28 -13.10
C TYR A 589 14.90 -30.03 -13.99
N MET A 590 15.97 -29.21 -13.65
CA MET A 590 16.15 -27.99 -14.45
C MET A 590 16.61 -28.33 -15.85
N THR A 591 17.32 -29.44 -16.00
CA THR A 591 17.65 -29.88 -17.36
C THR A 591 16.38 -30.15 -18.19
N LEU A 592 15.44 -30.89 -17.65
CA LEU A 592 14.19 -31.11 -18.41
C LEU A 592 13.47 -29.78 -18.68
N MET A 593 13.30 -28.94 -17.65
CA MET A 593 12.60 -27.67 -17.83
C MET A 593 13.24 -26.83 -18.90
N SER A 594 14.58 -26.78 -18.86
CA SER A 594 15.31 -25.94 -19.78
C SER A 594 15.27 -26.50 -21.18
N MET A 595 15.36 -27.83 -21.32
CA MET A 595 15.33 -28.44 -22.65
C MET A 595 13.93 -28.39 -23.27
N SER A 596 12.89 -28.09 -22.47
CA SER A 596 11.52 -27.96 -23.01
C SER A 596 10.90 -26.59 -22.71
N GLU A 597 11.74 -25.60 -22.60
CA GLU A 597 11.26 -24.25 -22.43
C GLU A 597 10.57 -23.68 -23.67
N GLY A 598 10.81 -24.20 -24.88
CA GLY A 598 10.21 -23.65 -26.10
C GLY A 598 11.23 -23.12 -27.11
N THR A 599 12.32 -22.55 -26.65
CA THR A 599 13.38 -22.10 -27.56
C THR A 599 14.31 -23.28 -27.78
N PRO A 600 14.42 -23.79 -28.95
CA PRO A 600 15.19 -25.04 -29.15
C PRO A 600 16.70 -24.81 -29.14
N VAL A 601 17.33 -24.47 -28.00
CA VAL A 601 18.75 -24.12 -28.04
C VAL A 601 19.71 -25.28 -27.69
N PHE A 602 19.23 -26.36 -27.07
CA PHE A 602 20.12 -27.41 -26.57
C PHE A 602 20.12 -28.57 -27.56
N LYS A 603 21.31 -29.10 -27.83
CA LYS A 603 21.41 -30.29 -28.66
C LYS A 603 21.17 -31.57 -27.85
N ALA A 604 21.57 -31.58 -26.55
CA ALA A 604 21.54 -32.78 -25.73
C ALA A 604 21.50 -32.36 -24.28
N GLY A 605 21.06 -33.27 -23.42
CA GLY A 605 21.12 -33.05 -22.00
C GLY A 605 20.99 -34.34 -21.20
N VAL A 606 21.41 -34.29 -19.91
CA VAL A 606 21.34 -35.41 -18.99
C VAL A 606 20.72 -34.91 -17.71
N ALA A 607 19.67 -35.57 -17.25
CA ALA A 607 18.97 -35.27 -16.00
C ALA A 607 19.13 -36.45 -15.09
N VAL A 608 19.85 -36.26 -13.99
CA VAL A 608 20.13 -37.31 -13.03
C VAL A 608 19.22 -37.08 -11.82
N ALA A 609 18.54 -38.14 -11.42
CA ALA A 609 17.72 -38.18 -10.21
C ALA A 609 16.79 -36.99 -10.17
N ALA A 610 16.07 -36.74 -11.31
CA ALA A 610 15.33 -35.50 -11.46
C ALA A 610 13.90 -35.63 -10.90
N PRO A 611 13.43 -34.68 -10.04
CA PRO A 611 11.98 -34.54 -9.85
C PRO A 611 11.38 -34.14 -11.18
N THR A 612 10.13 -34.61 -11.47
CA THR A 612 9.49 -34.35 -12.76
C THR A 612 8.10 -33.79 -12.58
N ASP A 613 7.47 -34.06 -11.43
CA ASP A 613 6.25 -33.36 -11.03
C ASP A 613 6.28 -33.14 -9.53
N TRP A 614 6.08 -31.90 -9.07
CA TRP A 614 6.33 -31.61 -7.67
C TRP A 614 5.34 -32.34 -6.77
N ARG A 615 4.20 -32.77 -7.30
CA ARG A 615 3.37 -33.56 -6.46
C ARG A 615 4.00 -34.90 -6.09
N PHE A 616 5.05 -35.36 -6.77
CA PHE A 616 5.68 -36.56 -6.32
C PHE A 616 6.67 -36.33 -5.20
N TYR A 617 7.06 -35.04 -4.95
CA TYR A 617 8.11 -34.77 -3.94
C TYR A 617 7.50 -34.55 -2.56
N ASP A 618 8.32 -34.30 -1.49
CA ASP A 618 7.80 -34.38 -0.13
C ASP A 618 7.13 -33.06 0.29
N THR A 619 6.49 -33.07 1.46
CA THR A 619 5.73 -31.91 1.99
C THR A 619 6.64 -30.74 2.31
N ILE A 620 7.62 -30.89 3.21
CA ILE A 620 8.28 -29.70 3.76
C ILE A 620 9.01 -28.91 2.64
N TYR A 621 9.74 -29.58 1.77
CA TYR A 621 10.46 -28.82 0.76
C TYR A 621 9.49 -28.22 -0.24
N THR A 622 8.67 -29.07 -0.89
CA THR A 622 7.79 -28.62 -1.96
C THR A 622 6.92 -27.49 -1.48
N GLU A 623 6.24 -27.68 -0.36
CA GLU A 623 5.29 -26.68 0.12
C GLU A 623 5.99 -25.39 0.55
N ARG A 624 7.26 -25.46 0.99
CA ARG A 624 7.96 -24.22 1.35
C ARG A 624 7.89 -23.24 0.21
N PHE A 625 8.08 -23.74 -1.05
CA PHE A 625 8.06 -22.91 -2.28
C PHE A 625 6.74 -22.90 -3.02
N MET A 626 5.86 -23.84 -2.75
CA MET A 626 4.72 -24.02 -3.66
C MET A 626 3.43 -24.15 -2.92
N ARG A 627 3.44 -24.20 -1.59
CA ARG A 627 2.25 -24.56 -0.82
C ARG A 627 1.74 -25.91 -1.27
N THR A 628 0.43 -26.26 -1.03
CA THR A 628 -0.05 -27.62 -1.35
C THR A 628 -0.65 -27.64 -2.75
N PRO A 629 -0.74 -28.83 -3.38
CA PRO A 629 -1.41 -28.93 -4.70
C PRO A 629 -2.81 -28.43 -4.65
N LYS A 630 -3.51 -28.57 -3.54
CA LYS A 630 -4.91 -28.12 -3.58
C LYS A 630 -5.05 -26.61 -3.52
N GLU A 631 -4.14 -25.93 -2.76
CA GLU A 631 -4.10 -24.47 -2.74
C GLU A 631 -3.44 -23.84 -3.95
N ASN A 632 -2.65 -24.57 -4.75
CA ASN A 632 -1.82 -23.95 -5.79
C ASN A 632 -1.82 -24.82 -7.04
N ALA A 633 -3.02 -25.21 -7.47
CA ALA A 633 -3.15 -26.17 -8.57
C ALA A 633 -2.46 -25.70 -9.81
N GLU A 634 -2.69 -24.44 -10.13
CA GLU A 634 -2.13 -23.98 -11.39
C GLU A 634 -0.64 -23.83 -11.30
N GLY A 635 -0.11 -23.42 -10.15
CA GLY A 635 1.35 -23.38 -9.96
C GLY A 635 2.00 -24.74 -10.12
N TYR A 636 1.41 -25.79 -9.52
CA TYR A 636 1.98 -27.14 -9.69
C TYR A 636 1.95 -27.53 -11.15
N LYS A 637 0.84 -27.27 -11.83
CA LYS A 637 0.82 -27.61 -13.25
C LYS A 637 1.90 -26.85 -14.04
N GLU A 638 2.04 -25.56 -13.77
CA GLU A 638 2.99 -24.82 -14.60
C GLU A 638 4.44 -25.18 -14.28
N SER A 639 4.75 -25.59 -13.01
CA SER A 639 6.13 -25.97 -12.66
C SER A 639 6.50 -27.39 -13.11
N SER A 640 5.55 -28.14 -13.65
CA SER A 640 5.75 -29.55 -13.89
C SER A 640 6.52 -29.71 -15.19
N ALA A 641 7.56 -30.58 -15.20
CA ALA A 641 8.15 -30.96 -16.47
C ALA A 641 7.15 -31.66 -17.41
N PHE A 642 6.07 -32.27 -16.90
CA PHE A 642 5.10 -32.96 -17.82
C PHE A 642 4.39 -31.99 -18.75
N THR A 643 3.93 -30.85 -18.21
CA THR A 643 3.11 -29.92 -18.95
C THR A 643 3.84 -29.42 -20.21
N ARG A 644 5.13 -29.13 -20.11
CA ARG A 644 5.87 -28.61 -21.26
C ARG A 644 6.62 -29.71 -22.02
N ALA A 645 6.44 -31.01 -21.68
CA ALA A 645 7.23 -32.09 -22.31
C ALA A 645 7.09 -32.15 -23.83
N ASP A 646 5.94 -31.78 -24.38
CA ASP A 646 5.87 -31.77 -25.84
C ASP A 646 6.85 -30.77 -26.45
N LYS A 647 7.37 -29.79 -25.74
CA LYS A 647 8.35 -28.93 -26.41
C LYS A 647 9.82 -29.42 -26.20
N LEU A 648 9.99 -30.63 -25.64
CA LEU A 648 11.34 -31.18 -25.41
C LEU A 648 12.10 -31.19 -26.73
N HIS A 649 13.28 -30.59 -26.71
CA HIS A 649 14.09 -30.55 -27.92
C HIS A 649 15.52 -30.86 -27.51
N GLY A 650 16.23 -31.64 -28.29
CA GLY A 650 17.55 -32.20 -28.00
C GLY A 650 17.43 -33.65 -27.57
N ASN A 651 18.54 -34.36 -27.59
CA ASN A 651 18.59 -35.76 -27.14
C ASN A 651 18.77 -35.79 -25.63
N LEU A 652 17.87 -36.47 -24.89
CA LEU A 652 17.87 -36.51 -23.43
C LEU A 652 18.29 -37.88 -22.89
N LEU A 653 19.11 -37.89 -21.82
CA LEU A 653 19.39 -39.13 -21.09
C LEU A 653 18.82 -38.98 -19.69
N LEU A 654 17.99 -39.91 -19.29
CA LEU A 654 17.45 -39.89 -17.95
C LEU A 654 18.22 -40.92 -17.13
N VAL A 655 18.73 -40.48 -15.97
CA VAL A 655 19.46 -41.35 -15.07
C VAL A 655 18.73 -41.37 -13.75
N HIS A 656 18.52 -42.55 -13.17
CA HIS A 656 17.86 -42.48 -11.88
C HIS A 656 18.32 -43.71 -11.06
N GLY A 657 18.38 -43.61 -9.73
CA GLY A 657 18.51 -44.83 -8.90
C GLY A 657 17.18 -45.39 -8.45
N MET A 658 17.02 -46.73 -8.56
CA MET A 658 15.68 -47.27 -8.39
C MET A 658 15.31 -47.31 -6.93
N ALA A 659 16.28 -47.26 -6.02
CA ALA A 659 15.98 -47.21 -4.58
C ALA A 659 16.09 -45.80 -4.01
N ASP A 660 15.80 -44.79 -4.84
CA ASP A 660 15.91 -43.41 -4.40
C ASP A 660 14.79 -43.15 -3.38
N ASP A 661 15.15 -42.99 -2.09
CA ASP A 661 14.15 -42.69 -1.06
C ASP A 661 13.84 -41.20 -1.00
N ASN A 662 14.52 -40.40 -1.85
CA ASN A 662 14.40 -38.94 -1.80
C ASN A 662 13.56 -38.46 -2.98
N VAL A 663 14.07 -38.57 -4.22
CA VAL A 663 13.27 -38.32 -5.43
C VAL A 663 12.90 -39.71 -5.91
N HIS A 664 11.67 -40.14 -5.63
CA HIS A 664 11.26 -41.50 -5.95
C HIS A 664 11.47 -41.82 -7.44
N PHE A 665 11.85 -43.05 -7.73
CA PHE A 665 12.00 -43.54 -9.11
C PHE A 665 10.67 -43.37 -9.88
N GLN A 666 9.54 -43.34 -9.19
CA GLN A 666 8.23 -42.93 -9.77
C GLN A 666 8.41 -41.69 -10.63
N ASN A 667 9.22 -40.68 -10.20
CA ASN A 667 9.35 -39.48 -11.04
C ASN A 667 9.79 -39.83 -12.47
N CYS A 668 10.84 -40.63 -12.57
CA CYS A 668 11.42 -40.99 -13.84
C CYS A 668 10.50 -41.92 -14.60
N ALA A 669 9.97 -42.95 -13.93
CA ALA A 669 9.06 -43.91 -14.63
C ALA A 669 7.81 -43.21 -15.27
N GLU A 670 7.18 -42.30 -14.51
CA GLU A 670 5.96 -41.56 -15.01
C GLU A 670 6.31 -40.60 -16.13
N TYR A 671 7.44 -39.87 -15.95
CA TYR A 671 7.84 -38.93 -17.00
C TYR A 671 8.23 -39.63 -18.26
N ALA A 672 9.01 -40.69 -18.18
CA ALA A 672 9.40 -41.45 -19.38
C ALA A 672 8.19 -41.93 -20.18
N GLU A 673 7.16 -42.44 -19.50
CA GLU A 673 5.98 -42.89 -20.24
C GLU A 673 5.22 -41.72 -20.89
N HIS A 674 5.19 -40.59 -20.23
CA HIS A 674 4.66 -39.40 -20.90
C HIS A 674 5.44 -39.14 -22.18
N LEU A 675 6.77 -39.16 -22.07
CA LEU A 675 7.58 -38.95 -23.25
C LEU A 675 7.28 -40.01 -24.29
N VAL A 676 7.18 -41.29 -23.91
CA VAL A 676 6.88 -42.33 -24.91
C VAL A 676 5.60 -41.98 -25.69
N GLN A 677 4.53 -41.63 -24.96
CA GLN A 677 3.26 -41.36 -25.66
C GLN A 677 3.28 -40.06 -26.46
N LEU A 678 4.11 -39.10 -26.10
CA LEU A 678 4.27 -38.00 -27.01
C LEU A 678 5.13 -38.36 -28.22
N GLY A 679 5.73 -39.55 -28.32
CA GLY A 679 6.67 -39.77 -29.43
C GLY A 679 8.08 -39.15 -29.32
N LYS A 680 8.53 -38.73 -28.15
CA LYS A 680 9.88 -38.21 -27.92
C LYS A 680 10.83 -39.38 -27.68
N GLN A 681 11.96 -39.41 -28.40
CA GLN A 681 13.02 -40.39 -28.22
C GLN A 681 13.92 -39.83 -27.14
N PHE A 682 14.37 -40.69 -26.26
CA PHE A 682 15.31 -40.37 -25.18
C PHE A 682 15.97 -41.70 -24.85
N ASP A 683 16.90 -41.65 -23.95
CA ASP A 683 17.78 -42.70 -23.51
C ASP A 683 17.63 -42.80 -22.00
N MET A 684 17.96 -43.96 -21.42
CA MET A 684 17.78 -44.12 -19.97
C MET A 684 18.98 -44.85 -19.38
N GLN A 685 19.25 -44.64 -18.10
CA GLN A 685 20.20 -45.51 -17.39
C GLN A 685 19.64 -45.62 -15.98
N VAL A 686 19.07 -46.76 -15.58
CA VAL A 686 18.54 -46.87 -14.25
C VAL A 686 19.51 -47.75 -13.46
N TYR A 687 19.63 -47.42 -12.18
CA TYR A 687 20.62 -48.09 -11.31
C TYR A 687 19.95 -48.89 -10.21
N THR A 688 20.16 -50.20 -10.24
CA THR A 688 19.54 -51.10 -9.32
C THR A 688 19.98 -50.82 -7.90
N ASN A 689 19.01 -50.70 -6.99
CA ASN A 689 19.24 -50.59 -5.55
C ASN A 689 20.00 -49.30 -5.20
N ARG A 690 20.08 -48.29 -6.08
CA ARG A 690 20.85 -47.08 -5.75
C ARG A 690 19.91 -45.95 -5.31
N ASN A 691 20.40 -45.09 -4.38
CA ASN A 691 19.57 -44.03 -3.84
C ASN A 691 19.87 -42.72 -4.57
N HIS A 692 19.49 -41.58 -3.97
CA HIS A 692 19.69 -40.29 -4.56
C HIS A 692 21.17 -39.99 -4.81
N GLY A 693 22.15 -40.65 -4.09
CA GLY A 693 23.58 -40.43 -4.36
C GLY A 693 24.18 -41.23 -5.50
N ILE A 694 23.46 -42.24 -6.01
CA ILE A 694 23.86 -43.21 -7.01
C ILE A 694 25.35 -43.57 -6.84
N TYR A 695 25.65 -44.42 -5.86
CA TYR A 695 27.08 -44.71 -5.60
C TYR A 695 27.18 -46.13 -5.16
N GLY A 696 28.38 -46.71 -5.28
CA GLY A 696 28.56 -48.02 -4.71
C GLY A 696 29.40 -48.86 -5.59
N GLY A 697 30.57 -49.27 -5.10
CA GLY A 697 31.46 -49.99 -5.98
C GLY A 697 31.84 -49.17 -7.20
N ASN A 698 31.78 -49.80 -8.37
CA ASN A 698 32.14 -49.12 -9.62
C ASN A 698 31.05 -48.14 -10.15
N THR A 699 29.97 -47.91 -9.41
CA THR A 699 28.79 -47.13 -9.89
C THR A 699 29.16 -45.73 -10.37
N ARG A 700 29.85 -44.93 -9.54
CA ARG A 700 30.11 -43.55 -9.97
C ARG A 700 31.01 -43.53 -11.18
N GLN A 701 32.05 -44.34 -11.20
CA GLN A 701 32.88 -44.34 -12.40
C GLN A 701 32.05 -44.73 -13.60
N HIS A 702 31.19 -45.75 -13.42
CA HIS A 702 30.34 -46.21 -14.53
C HIS A 702 29.41 -45.08 -15.00
N LEU A 703 28.86 -44.35 -14.05
CA LEU A 703 27.89 -43.29 -14.35
C LEU A 703 28.48 -42.12 -15.09
N TYR A 704 29.62 -41.61 -14.58
CA TYR A 704 30.28 -40.50 -15.27
C TYR A 704 30.88 -40.97 -16.58
N THR A 705 31.25 -42.25 -16.69
CA THR A 705 31.68 -42.68 -18.01
C THR A 705 30.47 -42.61 -18.96
N ARG A 706 29.28 -43.00 -18.48
CA ARG A 706 28.08 -42.97 -19.32
C ARG A 706 27.76 -41.52 -19.74
N LEU A 707 27.89 -40.58 -18.80
CA LEU A 707 27.60 -39.20 -19.16
C LEU A 707 28.62 -38.72 -20.16
N THR A 708 29.91 -39.03 -19.92
CA THR A 708 30.93 -38.61 -20.88
C THR A 708 30.57 -39.08 -22.31
N ASN A 709 30.33 -40.39 -22.44
CA ASN A 709 30.11 -40.93 -23.79
C ASN A 709 28.85 -40.32 -24.41
N PHE A 710 27.83 -40.05 -23.56
CA PHE A 710 26.56 -39.50 -24.08
C PHE A 710 26.78 -38.13 -24.73
N PHE A 711 27.50 -37.22 -24.02
CA PHE A 711 27.78 -35.92 -24.64
C PHE A 711 28.80 -36.06 -25.76
N LEU A 712 29.76 -37.00 -25.65
CA LEU A 712 30.69 -37.15 -26.77
C LEU A 712 29.91 -37.53 -28.02
N ASN A 713 28.91 -38.42 -27.86
CA ASN A 713 28.15 -38.91 -29.03
C ASN A 713 27.12 -37.87 -29.48
N ASN A 714 26.53 -37.14 -28.57
CA ASN A 714 25.46 -36.26 -29.08
C ASN A 714 25.92 -34.82 -29.38
N LEU A 715 27.14 -34.37 -29.00
CA LEU A 715 27.70 -33.00 -29.23
C LEU A 715 28.88 -32.81 -30.21
N GLN B 1 -15.08 16.87 -46.13
CA GLN B 1 -13.93 17.67 -45.71
C GLN B 1 -14.17 18.44 -44.41
N LYS B 2 -15.38 18.43 -43.90
CA LYS B 2 -15.65 19.05 -42.62
C LYS B 2 -14.92 18.30 -41.49
N ALA B 3 -14.64 18.99 -40.40
CA ALA B 3 -13.97 18.35 -39.29
C ALA B 3 -14.89 18.01 -38.16
N LEU B 4 -14.60 16.90 -37.51
CA LEU B 4 -15.39 16.46 -36.40
C LEU B 4 -15.40 17.40 -35.22
N ASP B 5 -16.54 17.48 -34.55
CA ASP B 5 -16.66 18.32 -33.39
C ASP B 5 -16.78 17.39 -32.19
N LEU B 6 -16.07 17.71 -31.13
CA LEU B 6 -16.11 16.88 -29.94
C LEU B 6 -17.49 16.87 -29.38
N LYS B 7 -18.14 18.00 -29.44
CA LYS B 7 -19.46 18.11 -28.89
C LYS B 7 -20.41 17.19 -29.59
N ASP B 8 -20.29 17.08 -30.90
CA ASP B 8 -21.14 16.15 -31.61
C ASP B 8 -20.92 14.74 -31.13
N ILE B 9 -19.67 14.39 -30.80
CA ILE B 9 -19.40 13.05 -30.29
C ILE B 9 -19.96 12.85 -28.86
N THR B 10 -19.78 13.84 -27.96
CA THR B 10 -20.30 13.63 -26.61
C THR B 10 -21.80 13.84 -26.58
N SER B 11 -22.34 14.65 -27.47
CA SER B 11 -23.79 14.74 -27.52
C SER B 11 -24.42 13.53 -28.22
N GLY B 12 -23.62 12.55 -28.67
CA GLY B 12 -24.15 11.40 -29.38
C GLY B 12 -24.80 11.69 -30.72
N ARG B 13 -24.38 12.75 -31.43
CA ARG B 13 -24.97 13.07 -32.72
C ARG B 13 -24.74 11.95 -33.75
N PHE B 14 -23.79 11.06 -33.52
CA PHE B 14 -23.53 10.01 -34.48
C PHE B 14 -24.03 8.65 -34.01
N ARG B 15 -24.84 8.64 -32.95
CA ARG B 15 -25.58 7.43 -32.66
C ARG B 15 -26.28 6.77 -33.87
N PRO B 16 -25.88 5.55 -34.25
CA PRO B 16 -26.59 4.88 -35.34
C PRO B 16 -28.01 4.57 -34.88
N GLU B 17 -28.95 4.67 -35.81
CA GLU B 17 -30.32 4.29 -35.48
C GLU B 17 -30.36 2.83 -35.05
N ASN B 18 -31.16 2.55 -34.04
CA ASN B 18 -31.26 1.20 -33.54
C ASN B 18 -32.68 0.98 -33.12
N ILE B 19 -32.95 -0.16 -32.49
CA ILE B 19 -34.28 -0.41 -31.98
C ILE B 19 -34.27 -0.75 -30.49
N GLN B 20 -35.14 -0.12 -29.72
CA GLN B 20 -35.16 -0.32 -28.29
C GLN B 20 -36.27 -1.16 -27.71
N GLY B 21 -35.96 -1.87 -26.64
CA GLY B 21 -36.95 -2.65 -25.94
C GLY B 21 -37.64 -3.66 -26.80
N VAL B 22 -36.88 -4.48 -27.50
CA VAL B 22 -37.46 -5.54 -28.34
C VAL B 22 -37.69 -6.82 -27.54
N ILE B 23 -38.92 -7.40 -27.55
CA ILE B 23 -38.97 -8.15 -26.32
C ILE B 23 -39.63 -9.21 -27.20
N PRO B 24 -39.25 -10.42 -27.31
CA PRO B 24 -40.16 -11.25 -28.11
C PRO B 24 -41.50 -11.55 -27.42
N MET B 25 -42.62 -11.36 -28.11
CA MET B 25 -43.94 -11.83 -27.60
C MET B 25 -43.98 -13.36 -27.43
N PRO B 26 -44.70 -13.83 -26.41
CA PRO B 26 -44.72 -15.28 -26.13
C PRO B 26 -45.24 -16.15 -27.26
N ASP B 27 -46.08 -15.60 -28.17
CA ASP B 27 -46.73 -16.42 -29.21
C ASP B 27 -45.70 -17.11 -30.11
N GLY B 28 -44.50 -16.52 -30.28
CA GLY B 28 -43.39 -17.06 -31.06
C GLY B 28 -43.29 -16.54 -32.47
N GLU B 29 -44.16 -15.61 -32.85
CA GLU B 29 -44.18 -15.09 -34.18
C GLU B 29 -44.06 -13.58 -34.24
N HIS B 30 -44.17 -12.87 -33.12
CA HIS B 30 -44.16 -11.40 -33.07
C HIS B 30 -43.20 -10.93 -31.98
N TYR B 31 -42.81 -9.67 -32.11
CA TYR B 31 -42.05 -9.01 -31.08
C TYR B 31 -42.64 -7.62 -30.91
N THR B 32 -42.43 -7.06 -29.73
CA THR B 32 -42.73 -5.64 -29.53
C THR B 32 -41.46 -4.84 -29.37
N GLN B 33 -41.59 -3.56 -29.68
CA GLN B 33 -40.52 -2.59 -29.51
C GLN B 33 -41.17 -1.30 -29.08
N MET B 34 -40.36 -0.48 -28.45
CA MET B 34 -40.78 0.78 -27.87
C MET B 34 -40.56 1.91 -28.89
N SER B 35 -41.48 2.89 -28.92
CA SER B 35 -41.34 4.02 -29.83
C SER B 35 -40.19 4.93 -29.37
N ALA B 36 -39.65 5.72 -30.32
CA ALA B 36 -38.60 6.70 -29.99
C ALA B 36 -39.11 7.75 -29.02
N ASP B 37 -40.35 8.21 -29.24
CA ASP B 37 -40.99 9.13 -28.31
C ASP B 37 -40.88 8.67 -26.85
N GLY B 38 -40.67 7.38 -26.59
CA GLY B 38 -40.91 6.87 -25.22
C GLY B 38 -42.40 6.91 -24.80
N THR B 39 -43.33 7.06 -25.75
CA THR B 39 -44.74 7.15 -25.46
C THR B 39 -45.58 5.99 -25.99
N GLN B 40 -45.01 4.98 -26.67
CA GLN B 40 -45.79 3.90 -27.27
C GLN B 40 -45.03 2.58 -27.26
N ILE B 41 -45.78 1.48 -27.35
CA ILE B 41 -45.27 0.14 -27.57
C ILE B 41 -46.02 -0.44 -28.73
N ILE B 42 -45.29 -0.93 -29.74
CA ILE B 42 -45.88 -1.42 -30.99
C ILE B 42 -45.44 -2.84 -31.36
N LYS B 43 -46.32 -3.65 -31.93
CA LYS B 43 -46.02 -5.04 -32.33
C LYS B 43 -45.72 -5.18 -33.79
N TYR B 44 -44.78 -6.07 -34.14
CA TYR B 44 -44.39 -6.27 -35.51
C TYR B 44 -44.25 -7.74 -35.69
N SER B 45 -44.01 -8.19 -36.92
CA SER B 45 -43.82 -9.60 -37.20
C SER B 45 -42.37 -9.98 -37.40
N PHE B 46 -41.94 -11.07 -36.78
CA PHE B 46 -40.59 -11.55 -36.98
C PHE B 46 -40.32 -11.97 -38.42
N ARG B 47 -41.25 -12.69 -39.03
CA ARG B 47 -41.12 -13.09 -40.43
C ARG B 47 -41.19 -12.02 -41.52
N THR B 48 -42.13 -11.09 -41.41
CA THR B 48 -42.32 -10.07 -42.44
C THR B 48 -41.75 -8.70 -42.12
N GLY B 49 -41.67 -8.37 -40.83
CA GLY B 49 -41.19 -7.08 -40.43
C GLY B 49 -42.18 -5.95 -40.45
N GLU B 50 -43.44 -6.24 -40.71
CA GLU B 50 -44.40 -5.14 -40.83
C GLU B 50 -45.15 -4.85 -39.56
N LYS B 51 -45.58 -3.61 -39.41
CA LYS B 51 -46.27 -3.22 -38.21
C LYS B 51 -47.68 -3.73 -38.16
N VAL B 52 -47.96 -4.62 -37.21
CA VAL B 52 -49.33 -5.05 -37.04
C VAL B 52 -50.16 -4.01 -36.32
N GLU B 53 -49.70 -3.57 -35.14
CA GLU B 53 -50.41 -2.55 -34.36
C GLU B 53 -49.68 -1.92 -33.18
N VAL B 54 -50.18 -0.81 -32.68
CA VAL B 54 -49.65 -0.21 -31.47
C VAL B 54 -50.53 -0.80 -30.40
N ILE B 55 -49.92 -1.41 -29.39
CA ILE B 55 -50.68 -2.01 -28.33
C ILE B 55 -50.80 -1.14 -27.11
N PHE B 56 -49.87 -0.19 -26.89
CA PHE B 56 -50.02 0.76 -25.80
C PHE B 56 -49.62 2.12 -26.25
N ASP B 57 -50.37 3.14 -25.88
CA ASP B 57 -49.99 4.51 -26.18
C ASP B 57 -50.31 5.34 -24.98
N VAL B 58 -49.37 6.19 -24.56
CA VAL B 58 -49.58 7.08 -23.46
C VAL B 58 -50.72 8.10 -23.69
N ASN B 59 -50.80 8.67 -24.88
CA ASN B 59 -51.81 9.69 -25.17
C ASN B 59 -53.19 9.15 -25.49
N GLN B 60 -53.28 7.85 -25.69
CA GLN B 60 -54.56 7.22 -25.93
C GLN B 60 -55.08 6.42 -24.77
N ALA B 61 -54.41 6.43 -23.63
CA ALA B 61 -54.79 5.56 -22.52
C ALA B 61 -55.45 6.28 -21.40
N ARG B 62 -56.34 5.58 -20.73
CA ARG B 62 -57.10 6.21 -19.69
C ARG B 62 -56.44 6.18 -18.37
N GLU B 63 -56.54 7.27 -17.64
CA GLU B 63 -55.91 7.40 -16.35
C GLU B 63 -54.38 7.25 -16.37
N CYS B 64 -53.75 7.71 -17.44
CA CYS B 64 -52.30 7.64 -17.60
C CYS B 64 -51.67 8.95 -17.21
N ASP B 65 -51.20 9.02 -15.98
CA ASP B 65 -50.58 10.22 -15.46
C ASP B 65 -49.30 10.65 -16.17
N PHE B 66 -48.49 9.70 -16.57
CA PHE B 66 -47.21 10.00 -17.18
C PHE B 66 -47.18 10.32 -18.65
N LYS B 67 -46.20 11.12 -19.08
CA LYS B 67 -46.03 11.46 -20.48
C LYS B 67 -45.05 10.56 -21.18
N ASN B 68 -44.20 9.87 -20.43
CA ASN B 68 -43.24 8.94 -21.01
C ASN B 68 -42.98 7.73 -20.11
N PHE B 69 -42.48 6.66 -20.68
CA PHE B 69 -42.13 5.49 -19.89
C PHE B 69 -40.78 4.97 -20.32
N ASP B 70 -40.14 4.20 -19.45
CA ASP B 70 -38.76 3.76 -19.67
C ASP B 70 -38.51 2.33 -20.06
N SER B 71 -39.25 1.38 -19.48
CA SER B 71 -39.10 -0.02 -19.81
C SER B 71 -40.39 -0.79 -19.63
N TYR B 72 -40.43 -2.00 -20.14
CA TYR B 72 -41.60 -2.84 -20.00
C TYR B 72 -41.40 -4.31 -20.13
N GLN B 73 -42.35 -5.09 -19.63
CA GLN B 73 -42.32 -6.52 -19.83
C GLN B 73 -43.72 -7.04 -20.08
N PHE B 74 -43.82 -8.26 -20.58
CA PHE B 74 -45.09 -8.89 -20.85
C PHE B 74 -45.41 -9.99 -19.90
N SER B 75 -46.69 -10.22 -19.65
CA SER B 75 -47.08 -11.36 -18.87
C SER B 75 -46.78 -12.57 -19.69
N PRO B 76 -46.40 -13.66 -19.05
CA PRO B 76 -46.16 -14.88 -19.81
C PRO B 76 -47.45 -15.26 -20.54
N ASP B 77 -48.60 -15.04 -19.92
CA ASP B 77 -49.91 -15.32 -20.50
C ASP B 77 -50.17 -14.46 -21.76
N GLY B 78 -49.49 -13.33 -21.92
CA GLY B 78 -49.64 -12.50 -23.09
C GLY B 78 -50.79 -11.52 -23.03
N ASP B 79 -51.57 -11.50 -21.95
CA ASP B 79 -52.72 -10.60 -21.86
C ASP B 79 -52.41 -9.26 -21.18
N LYS B 80 -51.19 -9.08 -20.61
CA LYS B 80 -50.89 -7.92 -19.76
C LYS B 80 -49.46 -7.42 -19.98
N LEU B 81 -49.31 -6.10 -19.86
CA LEU B 81 -48.02 -5.40 -19.85
C LEU B 81 -47.75 -4.85 -18.47
N LEU B 82 -46.51 -4.92 -18.02
CA LEU B 82 -46.04 -4.17 -16.85
C LEU B 82 -45.09 -3.11 -17.36
N ILE B 83 -45.41 -1.85 -17.04
CA ILE B 83 -44.77 -0.66 -17.57
C ILE B 83 -44.08 0.08 -16.44
N ALA B 84 -42.82 0.47 -16.66
CA ALA B 84 -42.00 1.10 -15.64
C ALA B 84 -41.84 2.57 -15.98
N THR B 85 -42.05 3.45 -14.99
CA THR B 85 -41.95 4.92 -15.09
C THR B 85 -41.12 5.40 -13.92
N ARG B 86 -40.67 6.66 -14.02
CA ARG B 86 -39.87 7.33 -13.00
C ARG B 86 -38.61 6.53 -12.67
N THR B 87 -37.97 5.88 -13.63
CA THR B 87 -36.85 5.05 -13.27
C THR B 87 -35.75 5.89 -12.57
N THR B 88 -35.37 5.48 -11.37
CA THR B 88 -34.36 6.15 -10.55
C THR B 88 -33.25 5.16 -10.29
N PRO B 89 -32.09 5.29 -10.92
CA PRO B 89 -31.01 4.32 -10.68
C PRO B 89 -30.51 4.36 -9.24
N ILE B 90 -30.01 3.22 -8.79
CA ILE B 90 -29.40 3.10 -7.49
C ILE B 90 -27.93 2.80 -7.75
N TYR B 91 -27.56 1.56 -8.15
CA TYR B 91 -26.23 1.26 -8.65
C TYR B 91 -26.26 0.96 -10.16
N ARG B 92 -25.34 0.12 -10.62
CA ARG B 92 -25.25 -0.09 -12.07
C ARG B 92 -26.50 -0.78 -12.60
N HIS B 93 -26.98 -1.81 -11.92
CA HIS B 93 -28.15 -2.56 -12.42
C HIS B 93 -29.44 -2.29 -11.65
N SER B 94 -29.35 -1.82 -10.38
CA SER B 94 -30.52 -1.68 -9.52
C SER B 94 -31.18 -0.33 -9.73
N TYR B 95 -32.47 -0.29 -9.45
CA TYR B 95 -33.22 0.94 -9.65
C TYR B 95 -34.56 0.80 -9.00
N THR B 96 -35.20 1.95 -8.75
CA THR B 96 -36.63 1.93 -8.44
C THR B 96 -37.39 2.48 -9.62
N ALA B 97 -38.61 2.00 -9.80
CA ALA B 97 -39.57 2.58 -10.75
C ALA B 97 -40.98 2.38 -10.20
N VAL B 98 -41.85 3.32 -10.59
CA VAL B 98 -43.29 3.19 -10.40
C VAL B 98 -43.84 2.39 -11.57
N HIS B 99 -44.28 1.19 -11.32
CA HIS B 99 -44.79 0.34 -12.38
C HIS B 99 -46.33 0.38 -12.48
N TYR B 100 -46.82 -0.03 -13.64
CA TYR B 100 -48.23 0.01 -13.99
C TYR B 100 -48.60 -1.27 -14.73
N ILE B 101 -49.79 -1.75 -14.45
CA ILE B 101 -50.37 -2.89 -15.12
C ILE B 101 -51.31 -2.37 -16.19
N TYR B 102 -51.13 -2.87 -17.41
CA TYR B 102 -51.93 -2.43 -18.52
C TYR B 102 -52.49 -3.66 -19.21
N PRO B 103 -53.81 -3.80 -19.25
CA PRO B 103 -54.41 -4.97 -19.89
C PRO B 103 -54.48 -4.75 -21.40
N LEU B 104 -54.16 -5.79 -22.14
CA LEU B 104 -54.21 -5.72 -23.60
C LEU B 104 -55.50 -6.31 -24.13
N LYS B 105 -56.61 -5.85 -23.62
CA LYS B 105 -57.82 -6.44 -24.11
C LYS B 105 -58.42 -5.44 -25.08
N ARG B 106 -58.82 -6.01 -26.24
CA ARG B 106 -59.34 -5.29 -27.38
C ARG B 106 -60.67 -4.69 -27.02
N ASN B 107 -60.82 -3.41 -27.27
CA ASN B 107 -62.06 -2.75 -26.94
C ASN B 107 -63.02 -3.02 -28.07
N ASP B 108 -64.19 -2.37 -28.01
CA ASP B 108 -65.26 -2.56 -28.99
C ASP B 108 -64.81 -2.22 -30.40
N LYS B 109 -63.89 -1.26 -30.57
CA LYS B 109 -63.46 -0.98 -31.93
C LYS B 109 -62.19 -1.71 -32.30
N GLY B 110 -61.81 -2.71 -31.52
CA GLY B 110 -60.74 -3.61 -31.85
C GLY B 110 -59.32 -3.21 -31.49
N VAL B 111 -59.13 -2.12 -30.71
CA VAL B 111 -57.82 -1.56 -30.34
C VAL B 111 -57.55 -1.81 -28.85
N THR B 112 -56.27 -2.01 -28.53
CA THR B 112 -55.94 -2.22 -27.13
C THR B 112 -55.49 -0.92 -26.46
N THR B 113 -55.56 0.22 -27.17
CA THR B 113 -54.95 1.48 -26.71
C THR B 113 -55.74 2.24 -25.66
N ASN B 114 -57.06 2.08 -25.58
CA ASN B 114 -57.90 2.92 -24.73
C ASN B 114 -58.19 2.30 -23.36
N ASN B 115 -57.47 1.24 -22.96
CA ASN B 115 -57.80 0.60 -21.67
C ASN B 115 -57.28 1.47 -20.52
N ILE B 116 -57.72 1.14 -19.29
CA ILE B 116 -57.26 1.90 -18.13
C ILE B 116 -56.03 1.23 -17.55
N ILE B 117 -55.09 2.08 -17.13
CA ILE B 117 -53.83 1.63 -16.58
C ILE B 117 -53.93 1.73 -15.05
N GLU B 118 -53.49 0.68 -14.37
CA GLU B 118 -53.60 0.50 -12.92
C GLU B 118 -52.21 0.58 -12.29
N ARG B 119 -52.05 1.33 -11.19
CA ARG B 119 -50.79 1.28 -10.45
C ARG B 119 -50.46 -0.11 -9.96
N LEU B 120 -49.21 -0.56 -10.15
CA LEU B 120 -48.89 -1.89 -9.59
C LEU B 120 -49.13 -1.94 -8.07
N SER B 121 -48.98 -0.81 -7.36
CA SER B 121 -48.99 -0.69 -5.90
C SER B 121 -49.35 0.73 -5.52
N ASP B 122 -50.20 0.88 -4.51
CA ASP B 122 -50.45 2.21 -3.93
C ASP B 122 -49.34 2.70 -3.02
N GLY B 123 -48.40 1.81 -2.66
CA GLY B 123 -47.22 2.16 -1.88
C GLY B 123 -46.14 2.83 -2.70
N GLY B 124 -44.90 2.66 -2.26
CA GLY B 124 -43.85 3.38 -2.93
C GLY B 124 -43.33 2.70 -4.19
N PRO B 125 -42.33 3.32 -4.82
CA PRO B 125 -41.76 2.73 -6.03
C PRO B 125 -41.19 1.35 -5.77
N GLN B 126 -41.14 0.50 -6.81
CA GLN B 126 -40.78 -0.90 -6.63
C GLN B 126 -39.48 -1.28 -7.33
N GLN B 127 -38.88 -2.40 -6.91
CA GLN B 127 -37.69 -2.90 -7.54
C GLN B 127 -37.96 -4.33 -8.06
N VAL B 128 -37.32 -4.64 -9.18
CA VAL B 128 -37.22 -5.95 -9.81
C VAL B 128 -38.54 -6.71 -9.77
N PRO B 129 -39.70 -6.11 -10.18
CA PRO B 129 -40.92 -6.89 -10.24
C PRO B 129 -40.84 -8.01 -11.26
N VAL B 130 -41.49 -9.16 -10.95
CA VAL B 130 -41.41 -10.34 -11.81
C VAL B 130 -42.74 -11.05 -11.75
N PHE B 131 -43.21 -11.54 -12.90
CA PHE B 131 -44.47 -12.32 -12.96
C PHE B 131 -44.30 -13.78 -12.53
N SER B 132 -45.35 -14.34 -11.98
CA SER B 132 -45.36 -15.78 -11.83
C SER B 132 -45.55 -16.43 -13.21
N PRO B 133 -45.14 -17.69 -13.36
CA PRO B 133 -45.28 -18.36 -14.68
C PRO B 133 -46.68 -18.30 -15.29
N ASP B 134 -47.73 -18.35 -14.47
CA ASP B 134 -49.09 -18.24 -15.00
C ASP B 134 -49.49 -16.80 -15.27
N GLY B 135 -48.70 -15.81 -14.90
CA GLY B 135 -49.12 -14.43 -15.10
C GLY B 135 -50.11 -13.88 -14.08
N THR B 136 -50.50 -14.64 -13.02
CA THR B 136 -51.52 -14.14 -12.09
C THR B 136 -50.94 -13.34 -10.94
N MET B 137 -49.63 -13.38 -10.73
CA MET B 137 -49.04 -12.74 -9.57
C MET B 137 -47.78 -11.99 -9.96
N ILE B 138 -47.52 -10.96 -9.18
CA ILE B 138 -46.29 -10.16 -9.32
C ILE B 138 -45.61 -10.04 -7.98
N ALA B 139 -44.33 -10.43 -7.91
CA ALA B 139 -43.54 -10.15 -6.71
C ALA B 139 -42.53 -9.03 -6.95
N PHE B 140 -42.37 -8.16 -5.97
CA PHE B 140 -41.39 -7.08 -6.14
C PHE B 140 -40.69 -6.81 -4.81
N VAL B 141 -39.68 -5.94 -4.84
CA VAL B 141 -38.94 -5.60 -3.64
C VAL B 141 -39.11 -4.11 -3.37
N ARG B 142 -39.30 -3.73 -2.10
CA ARG B 142 -39.37 -2.33 -1.74
C ARG B 142 -38.86 -2.20 -0.31
N ASP B 143 -38.00 -1.23 -0.08
CA ASP B 143 -37.46 -1.06 1.26
C ASP B 143 -36.86 -2.38 1.79
N ASN B 144 -36.19 -3.12 0.87
CA ASN B 144 -35.50 -4.38 1.13
C ASN B 144 -36.44 -5.54 1.54
N ASN B 145 -37.78 -5.45 1.34
CA ASN B 145 -38.74 -6.51 1.65
C ASN B 145 -39.41 -6.91 0.35
N ILE B 146 -39.91 -8.15 0.31
CA ILE B 146 -40.61 -8.73 -0.83
C ILE B 146 -42.11 -8.55 -0.60
N PHE B 147 -42.81 -8.12 -1.65
CA PHE B 147 -44.26 -7.93 -1.66
C PHE B 147 -44.80 -8.75 -2.79
N LEU B 148 -46.02 -9.26 -2.60
CA LEU B 148 -46.75 -10.05 -3.58
C LEU B 148 -48.08 -9.38 -3.96
N VAL B 149 -48.36 -9.28 -5.26
CA VAL B 149 -49.60 -8.69 -5.73
C VAL B 149 -50.37 -9.80 -6.48
N LYS B 150 -51.61 -10.02 -6.08
CA LYS B 150 -52.48 -11.00 -6.72
C LYS B 150 -53.47 -10.29 -7.66
N LEU B 151 -53.27 -10.49 -8.99
CA LEU B 151 -53.97 -9.77 -10.08
C LEU B 151 -55.41 -10.26 -10.25
N LEU B 152 -55.69 -11.49 -9.85
CA LEU B 152 -57.01 -12.09 -9.88
C LEU B 152 -57.90 -11.65 -8.72
N TYR B 153 -57.35 -11.02 -7.70
CA TYR B 153 -58.15 -10.62 -6.55
C TYR B 153 -57.94 -9.12 -6.34
N GLY B 154 -58.24 -8.32 -7.36
CA GLY B 154 -58.14 -6.88 -7.20
C GLY B 154 -56.74 -6.35 -6.97
N ASN B 155 -55.72 -6.98 -7.57
CA ASN B 155 -54.31 -6.60 -7.28
C ASN B 155 -54.07 -6.46 -5.74
N SER B 156 -54.51 -7.48 -5.02
CA SER B 156 -54.32 -7.57 -3.57
C SER B 156 -52.82 -7.68 -3.19
N GLU B 157 -52.29 -6.71 -2.43
CA GLU B 157 -50.87 -6.67 -2.09
C GLU B 157 -50.63 -7.19 -0.65
N SER B 158 -49.69 -8.13 -0.49
CA SER B 158 -49.31 -8.64 0.82
C SER B 158 -47.80 -8.58 1.01
N GLN B 159 -47.38 -8.56 2.25
CA GLN B 159 -45.98 -8.39 2.52
C GLN B 159 -45.37 -9.73 2.86
N VAL B 160 -44.42 -10.19 2.04
CA VAL B 160 -43.91 -11.55 2.21
C VAL B 160 -42.81 -11.58 3.27
N THR B 161 -42.00 -10.51 3.34
CA THR B 161 -40.93 -10.46 4.34
C THR B 161 -41.10 -9.19 5.14
N GLU B 162 -40.55 -9.20 6.35
CA GLU B 162 -40.75 -8.11 7.27
C GLU B 162 -39.45 -7.66 7.94
N ASP B 163 -38.35 -8.35 7.69
CA ASP B 163 -37.11 -8.05 8.36
C ASP B 163 -36.19 -7.23 7.49
N GLY B 164 -36.67 -6.78 6.32
CA GLY B 164 -35.81 -5.98 5.46
C GLY B 164 -35.43 -4.69 6.15
N LYS B 165 -34.18 -4.24 5.91
CA LYS B 165 -33.71 -3.02 6.56
C LYS B 165 -32.47 -2.49 5.86
N GLN B 166 -32.46 -1.18 5.63
CA GLN B 166 -31.40 -0.57 4.90
C GLN B 166 -30.08 -0.85 5.55
N ASN B 167 -29.14 -1.28 4.74
CA ASN B 167 -27.76 -1.52 5.20
C ASN B 167 -27.68 -2.64 6.20
N SER B 168 -28.67 -3.48 6.20
CA SER B 168 -28.66 -4.56 7.16
C SER B 168 -29.13 -5.89 6.58
N VAL B 169 -30.37 -5.96 6.14
CA VAL B 169 -30.96 -7.20 5.65
C VAL B 169 -31.68 -6.87 4.34
N LEU B 170 -31.30 -7.55 3.26
CA LEU B 170 -31.95 -7.38 1.98
C LEU B 170 -32.66 -8.68 1.60
N ASN B 171 -33.92 -8.58 1.20
CA ASN B 171 -34.66 -9.76 0.75
C ASN B 171 -34.92 -9.62 -0.73
N GLY B 172 -34.38 -10.53 -1.54
CA GLY B 172 -34.69 -10.58 -2.94
C GLY B 172 -33.82 -9.75 -3.89
N ILE B 173 -32.91 -8.89 -3.38
CA ILE B 173 -32.03 -8.09 -4.21
C ILE B 173 -30.63 -8.23 -3.63
N PRO B 174 -29.63 -8.18 -4.44
CA PRO B 174 -28.27 -8.31 -3.92
C PRO B 174 -27.77 -7.03 -3.26
N ASP B 175 -26.75 -7.24 -2.42
CA ASP B 175 -26.00 -6.15 -1.82
C ASP B 175 -25.11 -5.54 -2.93
N TRP B 176 -24.31 -4.53 -2.60
CA TRP B 176 -23.61 -3.83 -3.66
C TRP B 176 -22.66 -4.78 -4.42
N VAL B 177 -21.79 -5.49 -3.69
CA VAL B 177 -20.72 -6.22 -4.33
C VAL B 177 -21.27 -7.40 -5.09
N TYR B 178 -22.33 -8.08 -4.58
CA TYR B 178 -23.02 -9.14 -5.37
C TYR B 178 -23.58 -8.54 -6.65
N GLU B 179 -24.23 -7.40 -6.53
CA GLU B 179 -24.87 -6.85 -7.72
C GLU B 179 -23.83 -6.51 -8.79
N GLU B 180 -22.76 -5.84 -8.40
CA GLU B 180 -21.77 -5.39 -9.35
C GLU B 180 -20.96 -6.55 -9.91
N GLU B 181 -20.52 -7.48 -9.07
CA GLU B 181 -19.56 -8.50 -9.46
C GLU B 181 -20.20 -9.81 -9.95
N PHE B 182 -21.39 -10.20 -9.47
CA PHE B 182 -22.08 -11.32 -10.13
C PHE B 182 -23.07 -10.79 -11.15
N GLY B 183 -23.12 -9.46 -11.34
CA GLY B 183 -23.84 -8.90 -12.49
C GLY B 183 -25.32 -9.20 -12.61
N PHE B 184 -26.16 -8.81 -11.65
CA PHE B 184 -27.59 -9.09 -11.64
C PHE B 184 -28.23 -8.17 -10.62
N ASN B 185 -29.53 -8.08 -10.66
CA ASN B 185 -30.19 -7.25 -9.66
C ASN B 185 -31.33 -7.94 -8.91
N ARG B 186 -31.67 -9.19 -9.22
CA ARG B 186 -32.84 -9.85 -8.64
C ARG B 186 -32.50 -11.29 -8.18
N ALA B 187 -32.90 -11.59 -6.91
CA ALA B 187 -32.79 -12.93 -6.38
C ALA B 187 -34.15 -13.34 -5.88
N LEU B 188 -35.06 -13.43 -6.85
CA LEU B 188 -36.48 -13.55 -6.53
C LEU B 188 -37.17 -14.35 -7.62
N GLU B 189 -37.68 -15.58 -7.31
CA GLU B 189 -38.26 -16.43 -8.34
C GLU B 189 -39.57 -17.11 -7.89
N PHE B 190 -40.41 -17.32 -8.88
CA PHE B 190 -41.62 -18.09 -8.71
C PHE B 190 -41.39 -19.58 -9.07
N SER B 191 -42.24 -20.38 -8.55
CA SER B 191 -42.26 -21.77 -8.94
C SER B 191 -43.00 -21.99 -10.25
N ALA B 192 -42.54 -23.01 -11.00
CA ALA B 192 -43.26 -23.47 -12.18
C ALA B 192 -44.67 -23.91 -11.82
N ASP B 193 -44.81 -24.47 -10.61
CA ASP B 193 -46.04 -24.77 -9.89
C ASP B 193 -46.92 -23.51 -9.65
N ASN B 194 -46.35 -22.30 -9.52
CA ASN B 194 -47.05 -21.08 -9.07
C ASN B 194 -47.38 -21.12 -7.55
N THR B 195 -46.83 -22.11 -6.79
CA THR B 195 -47.12 -22.30 -5.36
C THR B 195 -46.00 -21.84 -4.40
N MET B 196 -44.81 -21.46 -4.91
CA MET B 196 -43.71 -21.12 -4.02
C MET B 196 -43.02 -19.89 -4.61
N ILE B 197 -42.59 -19.00 -3.75
CA ILE B 197 -41.65 -17.95 -4.09
C ILE B 197 -40.36 -18.32 -3.37
N ALA B 198 -39.22 -18.19 -4.08
CA ALA B 198 -37.89 -18.38 -3.49
C ALA B 198 -37.14 -17.08 -3.60
N PHE B 199 -36.23 -16.84 -2.65
CA PHE B 199 -35.45 -15.62 -2.69
C PHE B 199 -34.15 -15.81 -1.90
N ILE B 200 -33.17 -14.95 -2.19
CA ILE B 200 -31.96 -14.93 -1.39
C ILE B 200 -32.07 -13.81 -0.36
N ARG B 201 -31.59 -14.07 0.86
CA ARG B 201 -31.57 -13.07 1.90
C ARG B 201 -30.16 -12.71 2.24
N PHE B 202 -29.84 -11.43 2.21
CA PHE B 202 -28.52 -10.99 2.49
C PHE B 202 -28.45 -10.31 3.83
N ASP B 203 -27.59 -10.80 4.70
CA ASP B 203 -27.38 -10.19 5.97
C ASP B 203 -26.04 -9.51 5.87
N GLU B 204 -26.07 -8.20 5.74
CA GLU B 204 -24.87 -7.43 5.58
C GLU B 204 -24.53 -6.65 6.81
N SER B 205 -25.13 -6.99 7.93
CA SER B 205 -24.96 -6.24 9.14
C SER B 205 -23.52 -6.19 9.59
N GLU B 206 -22.81 -7.29 9.41
CA GLU B 206 -21.42 -7.34 9.77
C GLU B 206 -20.52 -7.02 8.59
N VAL B 207 -21.08 -6.67 7.45
CA VAL B 207 -20.26 -6.20 6.35
C VAL B 207 -19.80 -4.76 6.69
N PRO B 208 -18.56 -4.40 6.35
CA PRO B 208 -18.13 -3.06 6.73
C PRO B 208 -18.86 -1.89 6.03
N SER B 209 -19.07 -0.79 6.75
CA SER B 209 -19.67 0.37 6.12
C SER B 209 -18.61 1.17 5.43
N TYR B 210 -19.05 1.87 4.41
CA TYR B 210 -18.22 2.85 3.71
C TYR B 210 -19.04 4.11 3.51
N SER B 211 -18.39 5.27 3.71
CA SER B 211 -19.06 6.57 3.57
C SER B 211 -18.21 7.54 2.77
N PHE B 212 -18.80 8.33 1.89
CA PHE B 212 -18.07 9.48 1.33
C PHE B 212 -18.95 10.75 1.31
N PRO B 213 -18.33 11.96 1.27
CA PRO B 213 -19.09 13.21 1.27
C PRO B 213 -19.96 13.38 0.04
N MET B 214 -21.07 14.09 0.25
CA MET B 214 -21.89 14.57 -0.86
C MET B 214 -21.98 16.08 -0.66
N PHE B 215 -21.72 16.83 -1.71
CA PHE B 215 -21.88 18.29 -1.67
C PHE B 215 -23.16 18.64 -2.35
N ALA B 216 -23.53 19.93 -2.38
CA ALA B 216 -24.74 20.30 -3.15
C ALA B 216 -24.51 20.04 -4.63
N GLY B 217 -23.42 20.52 -5.15
CA GLY B 217 -23.11 20.24 -6.52
C GLY B 217 -24.09 20.90 -7.47
N GLU B 218 -24.05 20.41 -8.72
CA GLU B 218 -24.95 20.89 -9.78
C GLU B 218 -25.28 19.73 -10.72
N ALA B 219 -26.42 19.82 -11.42
CA ALA B 219 -26.83 18.83 -12.42
C ALA B 219 -26.73 17.40 -11.92
N PRO B 220 -27.43 17.04 -10.86
CA PRO B 220 -28.35 17.83 -10.04
C PRO B 220 -27.75 18.60 -8.89
N GLN B 221 -28.43 19.61 -8.46
CA GLN B 221 -28.12 20.25 -7.19
C GLN B 221 -28.79 19.49 -6.07
N ILE B 222 -28.08 19.16 -5.00
CA ILE B 222 -28.69 18.52 -3.82
C ILE B 222 -28.89 19.68 -2.85
N THR B 223 -30.05 20.34 -2.95
CA THR B 223 -30.29 21.59 -2.22
C THR B 223 -30.19 21.57 -0.71
N PRO B 224 -30.62 20.53 0.02
CA PRO B 224 -30.36 20.52 1.48
C PRO B 224 -28.88 20.67 1.82
N LEU B 225 -27.97 20.45 0.86
CA LEU B 225 -26.53 20.46 1.19
C LEU B 225 -25.86 21.79 0.80
N LYS B 226 -26.64 22.81 0.59
CA LYS B 226 -26.07 24.06 0.15
C LYS B 226 -25.10 24.68 1.16
N ASP B 227 -25.34 24.53 2.47
CA ASP B 227 -24.44 25.13 3.45
C ASP B 227 -23.51 24.11 4.10
N TYR B 228 -24.05 22.99 4.54
CA TYR B 228 -23.32 21.97 5.17
C TYR B 228 -23.37 20.71 4.32
N PRO B 229 -22.25 20.10 4.01
CA PRO B 229 -22.29 18.87 3.19
C PRO B 229 -22.90 17.71 3.94
N GLY B 230 -23.24 16.68 3.17
CA GLY B 230 -23.84 15.48 3.73
C GLY B 230 -22.97 14.34 3.37
N GLU B 231 -23.53 13.13 3.33
CA GLU B 231 -22.70 11.96 3.05
C GLU B 231 -23.60 10.84 2.53
N TYR B 232 -22.97 9.84 1.91
CA TYR B 232 -23.60 8.60 1.45
C TYR B 232 -22.90 7.45 2.14
N THR B 233 -23.67 6.54 2.75
CA THR B 233 -23.13 5.38 3.50
C THR B 233 -23.77 4.12 2.97
N TYR B 234 -23.00 3.03 2.90
CA TYR B 234 -23.51 1.76 2.38
C TYR B 234 -22.46 0.72 2.72
N LYS B 235 -22.80 -0.56 2.51
CA LYS B 235 -21.89 -1.66 2.86
C LYS B 235 -21.07 -2.02 1.64
N TYR B 236 -19.74 -2.06 1.82
CA TYR B 236 -18.75 -2.33 0.81
C TYR B 236 -17.61 -3.09 1.47
N PRO B 237 -17.51 -4.37 1.16
CA PRO B 237 -16.39 -5.16 1.69
C PRO B 237 -15.16 -4.99 0.80
N LYS B 238 -14.09 -4.48 1.37
CA LYS B 238 -12.87 -4.46 0.56
C LYS B 238 -12.19 -5.85 0.57
N ALA B 239 -11.27 -6.07 -0.34
CA ALA B 239 -10.63 -7.38 -0.50
C ALA B 239 -10.27 -8.01 0.84
N GLY B 240 -10.71 -9.27 1.07
CA GLY B 240 -10.37 -9.96 2.32
C GLY B 240 -11.27 -9.65 3.52
N TYR B 241 -12.11 -8.63 3.46
CA TYR B 241 -13.10 -8.32 4.53
C TYR B 241 -14.35 -9.16 4.31
N PRO B 242 -15.25 -9.21 5.32
CA PRO B 242 -16.39 -10.15 5.26
C PRO B 242 -17.49 -9.77 4.33
N ASN B 243 -18.01 -10.79 3.64
CA ASN B 243 -19.12 -10.67 2.72
C ASN B 243 -20.40 -10.89 3.45
N SER B 244 -21.50 -10.65 2.75
CA SER B 244 -22.80 -10.85 3.36
C SER B 244 -22.93 -12.29 3.83
N LYS B 245 -23.66 -12.48 4.93
CA LYS B 245 -24.16 -13.83 5.24
C LYS B 245 -25.45 -14.07 4.49
N VAL B 246 -25.53 -15.10 3.70
CA VAL B 246 -26.68 -15.17 2.80
C VAL B 246 -27.28 -16.57 2.73
N GLU B 247 -28.58 -16.62 2.50
CA GLU B 247 -29.26 -17.88 2.54
C GLU B 247 -30.44 -17.78 1.60
N VAL B 248 -30.95 -18.95 1.25
CA VAL B 248 -32.08 -19.13 0.36
C VAL B 248 -33.28 -19.47 1.18
N ARG B 249 -34.39 -18.79 0.91
CA ARG B 249 -35.61 -19.06 1.65
C ARG B 249 -36.71 -19.24 0.64
N THR B 250 -37.74 -19.99 1.07
CA THR B 250 -38.94 -20.20 0.29
C THR B 250 -40.14 -19.78 1.12
N TYR B 251 -41.17 -19.34 0.41
CA TYR B 251 -42.42 -18.91 1.00
C TYR B 251 -43.52 -19.52 0.15
N ASP B 252 -44.48 -20.19 0.78
CA ASP B 252 -45.68 -20.83 0.17
C ASP B 252 -46.82 -19.83 -0.10
N ILE B 253 -47.31 -19.65 -1.37
CA ILE B 253 -48.32 -18.60 -1.55
C ILE B 253 -49.51 -18.89 -0.64
N LYS B 254 -50.03 -20.09 -0.72
CA LYS B 254 -51.32 -20.31 -0.07
C LYS B 254 -51.16 -20.58 1.41
N SER B 255 -50.05 -21.14 1.80
CA SER B 255 -49.82 -21.45 3.20
C SER B 255 -49.23 -20.30 4.05
N HIS B 256 -48.46 -19.37 3.45
CA HIS B 256 -47.86 -18.22 4.11
C HIS B 256 -46.70 -18.68 4.98
N VAL B 257 -46.22 -19.85 4.74
CA VAL B 257 -45.08 -20.37 5.49
C VAL B 257 -43.75 -20.06 4.82
N THR B 258 -42.74 -19.78 5.64
CA THR B 258 -41.40 -19.49 5.18
C THR B 258 -40.39 -20.54 5.66
N ARG B 259 -39.52 -21.00 4.79
CA ARG B 259 -38.53 -22.00 5.17
C ARG B 259 -37.17 -21.57 4.66
N THR B 260 -36.13 -21.99 5.37
CA THR B 260 -34.75 -21.67 5.01
C THR B 260 -34.14 -22.97 4.48
N MET B 261 -33.52 -22.90 3.29
CA MET B 261 -32.91 -24.10 2.73
C MET B 261 -31.63 -24.53 3.45
N LYS B 262 -31.52 -25.86 3.66
CA LYS B 262 -30.40 -26.48 4.41
C LYS B 262 -29.27 -26.75 3.43
N LEU B 263 -28.65 -25.64 2.99
CA LEU B 263 -27.79 -25.67 1.86
C LEU B 263 -26.40 -25.86 2.41
N PRO B 264 -25.67 -26.91 2.01
CA PRO B 264 -24.31 -27.10 2.50
C PRO B 264 -23.47 -26.04 1.80
N ILE B 265 -23.12 -25.05 2.62
CA ILE B 265 -22.39 -23.90 2.15
C ILE B 265 -21.24 -23.51 3.05
N ASP B 266 -20.14 -23.17 2.44
CA ASP B 266 -19.03 -22.68 3.21
C ASP B 266 -19.51 -21.39 3.86
N ALA B 267 -19.11 -21.17 5.08
CA ALA B 267 -19.55 -20.00 5.82
C ALA B 267 -19.22 -18.73 5.08
N ASP B 268 -18.20 -18.78 4.27
CA ASP B 268 -17.76 -17.62 3.52
C ASP B 268 -17.95 -17.85 2.05
N GLY B 269 -18.82 -18.76 1.69
CA GLY B 269 -19.11 -18.99 0.31
C GLY B 269 -20.12 -17.97 -0.20
N TYR B 270 -20.37 -18.06 -1.51
CA TYR B 270 -21.28 -17.17 -2.24
C TYR B 270 -22.40 -18.01 -2.82
N ILE B 271 -23.54 -17.34 -3.03
CA ILE B 271 -24.70 -17.83 -3.82
C ILE B 271 -25.00 -16.82 -4.90
N PRO B 272 -24.31 -16.86 -6.06
CA PRO B 272 -24.57 -15.89 -7.18
C PRO B 272 -25.94 -15.94 -7.82
N ARG B 273 -26.64 -17.05 -7.78
CA ARG B 273 -27.95 -17.06 -8.42
C ARG B 273 -28.78 -18.14 -7.79
N ILE B 274 -30.07 -17.94 -7.90
CA ILE B 274 -31.06 -18.99 -7.75
C ILE B 274 -31.97 -18.87 -8.95
N ARG B 275 -32.51 -20.02 -9.37
CA ARG B 275 -33.34 -20.15 -10.56
C ARG B 275 -34.19 -21.36 -10.33
N PHE B 276 -35.52 -21.20 -10.40
CA PHE B 276 -36.36 -22.37 -10.44
C PHE B 276 -36.25 -23.08 -11.78
N THR B 277 -36.15 -24.41 -11.70
CA THR B 277 -36.14 -25.28 -12.84
C THR B 277 -37.60 -25.44 -13.34
N LYS B 278 -37.79 -26.27 -14.36
CA LYS B 278 -39.14 -26.66 -14.82
C LYS B 278 -39.84 -27.62 -13.84
N ASP B 279 -39.05 -28.35 -13.04
CA ASP B 279 -39.60 -29.19 -11.99
C ASP B 279 -39.99 -28.30 -10.79
N ALA B 280 -41.24 -28.39 -10.37
CA ALA B 280 -41.69 -27.55 -9.26
C ALA B 280 -40.96 -27.85 -7.97
N SER B 281 -40.51 -29.09 -7.72
CA SER B 281 -39.83 -29.39 -6.46
C SER B 281 -38.28 -29.34 -6.56
N LYS B 282 -37.72 -28.67 -7.59
CA LYS B 282 -36.28 -28.42 -7.67
C LYS B 282 -36.03 -26.93 -7.90
N LEU B 283 -35.36 -26.32 -6.96
CA LEU B 283 -34.91 -24.95 -7.11
C LEU B 283 -33.40 -25.01 -7.31
N ALA B 284 -32.88 -24.52 -8.43
CA ALA B 284 -31.43 -24.48 -8.63
C ALA B 284 -30.81 -23.36 -7.78
N VAL B 285 -29.73 -23.69 -7.05
CA VAL B 285 -28.96 -22.75 -6.24
C VAL B 285 -27.51 -22.88 -6.71
N MET B 286 -26.93 -21.78 -7.16
CA MET B 286 -25.62 -21.79 -7.72
C MET B 286 -24.73 -21.34 -6.60
N THR B 287 -23.66 -22.08 -6.34
CA THR B 287 -22.79 -21.71 -5.23
C THR B 287 -21.32 -21.66 -5.68
N LEU B 288 -20.54 -20.77 -5.05
CA LEU B 288 -19.10 -20.76 -5.22
C LEU B 288 -18.43 -20.83 -3.86
N ASN B 289 -17.23 -21.41 -3.81
CA ASN B 289 -16.42 -21.10 -2.62
C ASN B 289 -15.78 -19.70 -2.71
N ARG B 290 -15.17 -19.28 -1.58
CA ARG B 290 -14.67 -17.91 -1.53
C ARG B 290 -13.56 -17.72 -2.57
N HIS B 291 -12.82 -18.81 -2.82
CA HIS B 291 -11.82 -18.85 -3.86
C HIS B 291 -12.42 -18.83 -5.26
N GLN B 292 -13.77 -19.00 -5.40
CA GLN B 292 -14.48 -18.88 -6.69
C GLN B 292 -13.95 -19.83 -7.75
N ASP B 293 -13.36 -20.97 -7.33
CA ASP B 293 -12.83 -22.00 -8.21
C ASP B 293 -13.54 -23.32 -8.03
N ARG B 294 -14.58 -23.38 -7.22
CA ARG B 294 -15.40 -24.59 -7.16
C ARG B 294 -16.85 -24.11 -7.27
N PHE B 295 -17.50 -24.37 -8.43
CA PHE B 295 -18.92 -24.10 -8.64
C PHE B 295 -19.72 -25.36 -8.29
N ASP B 296 -20.56 -25.35 -7.24
CA ASP B 296 -21.44 -26.50 -6.94
C ASP B 296 -22.87 -26.07 -7.26
N LEU B 297 -23.51 -26.73 -8.17
CA LEU B 297 -24.91 -26.48 -8.42
C LEU B 297 -25.73 -27.46 -7.56
N TYR B 298 -26.60 -26.90 -6.71
CA TYR B 298 -27.52 -27.68 -5.89
C TYR B 298 -28.96 -27.57 -6.40
N PHE B 299 -29.73 -28.64 -6.24
CA PHE B 299 -31.20 -28.68 -6.46
C PHE B 299 -31.84 -28.89 -5.08
N ALA B 300 -32.51 -27.84 -4.57
CA ALA B 300 -33.15 -27.89 -3.28
C ALA B 300 -34.66 -28.06 -3.48
N ASP B 301 -35.25 -28.93 -2.65
CA ASP B 301 -36.68 -29.04 -2.61
C ASP B 301 -37.31 -27.90 -1.81
N PRO B 302 -38.21 -27.07 -2.42
CA PRO B 302 -38.74 -25.85 -1.75
C PRO B 302 -39.52 -26.16 -0.50
N ARG B 303 -40.13 -27.34 -0.42
CA ARG B 303 -40.92 -27.69 0.76
C ARG B 303 -40.12 -28.48 1.79
N SER B 304 -39.27 -29.42 1.39
CA SER B 304 -38.56 -30.21 2.38
C SER B 304 -37.36 -29.49 3.01
N THR B 305 -36.97 -28.32 2.55
CA THR B 305 -35.74 -27.63 3.03
C THR B 305 -34.49 -28.38 2.72
N LEU B 306 -34.55 -29.33 1.80
CA LEU B 306 -33.39 -30.20 1.57
C LEU B 306 -32.63 -30.03 0.28
N CYS B 307 -31.32 -30.07 0.37
CA CYS B 307 -30.47 -29.81 -0.79
C CYS B 307 -29.60 -30.94 -1.29
N LYS B 308 -29.62 -31.14 -2.58
CA LYS B 308 -28.75 -32.12 -3.20
C LYS B 308 -27.75 -31.58 -4.21
N LEU B 309 -26.48 -31.94 -4.08
CA LEU B 309 -25.49 -31.55 -5.07
C LEU B 309 -25.72 -32.27 -6.34
N VAL B 310 -25.82 -31.55 -7.42
CA VAL B 310 -26.05 -32.14 -8.72
C VAL B 310 -24.82 -32.05 -9.60
N LEU B 311 -24.04 -31.01 -9.43
CA LEU B 311 -22.92 -30.78 -10.31
C LEU B 311 -21.81 -30.01 -9.65
N ARG B 312 -20.59 -30.45 -9.86
CA ARG B 312 -19.46 -29.67 -9.39
C ARG B 312 -18.54 -29.46 -10.56
N ASP B 313 -18.19 -28.20 -10.79
CA ASP B 313 -17.27 -27.80 -11.85
C ASP B 313 -16.14 -27.03 -11.19
N GLU B 314 -14.91 -27.51 -11.33
CA GLU B 314 -13.78 -26.89 -10.65
C GLU B 314 -12.79 -26.36 -11.67
N SER B 315 -12.02 -25.39 -11.26
CA SER B 315 -11.04 -24.81 -12.08
C SER B 315 -9.73 -24.71 -11.32
N PRO B 316 -8.60 -24.87 -12.01
CA PRO B 316 -7.33 -24.48 -11.38
C PRO B 316 -7.18 -22.98 -11.21
N TYR B 317 -8.05 -22.17 -11.86
CA TYR B 317 -8.02 -20.69 -11.81
C TYR B 317 -9.23 -20.24 -11.03
N TYR B 318 -10.37 -20.03 -11.68
CA TYR B 318 -11.59 -19.52 -11.09
C TYR B 318 -12.69 -19.72 -12.14
N ILE B 319 -13.92 -19.75 -11.67
CA ILE B 319 -15.13 -19.82 -12.50
C ILE B 319 -15.54 -18.41 -12.78
N LYS B 320 -15.80 -18.09 -14.05
CA LYS B 320 -16.23 -16.76 -14.43
C LYS B 320 -17.75 -16.56 -14.23
N GLU B 321 -18.09 -15.28 -13.95
CA GLU B 321 -19.45 -14.71 -13.81
C GLU B 321 -20.38 -15.09 -14.96
N ASN B 322 -19.89 -14.99 -16.20
CA ASN B 322 -20.58 -15.34 -17.45
C ASN B 322 -21.37 -16.65 -17.38
N VAL B 323 -20.87 -17.65 -16.65
CA VAL B 323 -21.47 -18.99 -16.77
C VAL B 323 -22.88 -18.99 -16.23
N PHE B 324 -23.15 -18.21 -15.15
CA PHE B 324 -24.41 -18.38 -14.37
C PHE B 324 -25.66 -18.13 -15.20
N ASP B 325 -25.66 -17.12 -16.08
CA ASP B 325 -26.87 -16.81 -16.86
C ASP B 325 -26.93 -17.56 -18.19
N ASN B 326 -25.95 -18.43 -18.42
CA ASN B 326 -26.08 -19.29 -19.56
C ASN B 326 -26.62 -20.68 -19.19
N ILE B 327 -27.03 -20.85 -17.92
CA ILE B 327 -27.64 -22.09 -17.43
C ILE B 327 -29.14 -21.96 -17.63
N LYS B 328 -29.69 -22.63 -18.63
CA LYS B 328 -31.13 -22.59 -18.95
C LYS B 328 -31.75 -23.99 -18.73
N PHE B 329 -32.81 -24.06 -17.96
CA PHE B 329 -33.44 -25.33 -17.62
C PHE B 329 -34.53 -25.81 -18.55
N TYR B 330 -34.53 -27.10 -18.84
CA TYR B 330 -35.47 -27.66 -19.78
C TYR B 330 -36.14 -28.83 -19.06
N PRO B 331 -37.12 -29.47 -19.69
CA PRO B 331 -37.79 -30.52 -18.91
C PRO B 331 -36.92 -31.67 -18.36
N GLU B 332 -36.01 -32.23 -19.12
CA GLU B 332 -35.19 -33.30 -18.57
C GLU B 332 -33.74 -32.92 -18.57
N THR B 333 -33.46 -31.66 -18.87
CA THR B 333 -32.09 -31.26 -19.05
C THR B 333 -31.71 -29.84 -18.68
N PHE B 334 -30.41 -29.56 -18.70
CA PHE B 334 -29.92 -28.21 -18.49
C PHE B 334 -28.59 -27.90 -19.19
N SER B 335 -28.42 -26.68 -19.64
CA SER B 335 -27.21 -26.14 -20.30
C SER B 335 -26.18 -25.65 -19.28
N LEU B 336 -24.93 -25.62 -19.69
CA LEU B 336 -23.85 -25.10 -18.83
C LEU B 336 -22.70 -24.68 -19.72
N LEU B 337 -22.19 -23.48 -19.56
CA LEU B 337 -20.95 -23.11 -20.23
C LEU B 337 -19.79 -23.31 -19.28
N SER B 338 -18.72 -23.90 -19.80
CA SER B 338 -17.62 -24.25 -18.92
C SER B 338 -16.32 -24.15 -19.68
N GLU B 339 -15.26 -23.79 -18.95
CA GLU B 339 -13.90 -23.64 -19.45
C GLU B 339 -13.03 -24.82 -19.04
N ARG B 340 -13.66 -25.97 -18.76
CA ARG B 340 -12.91 -27.08 -18.23
C ARG B 340 -11.79 -27.49 -19.19
N ASP B 341 -12.00 -27.46 -20.52
CA ASP B 341 -10.96 -27.92 -21.48
C ASP B 341 -9.98 -26.83 -21.89
N GLY B 342 -10.07 -25.65 -21.24
CA GLY B 342 -9.27 -24.48 -21.58
C GLY B 342 -9.98 -23.46 -22.46
N PHE B 343 -11.21 -23.76 -22.97
CA PHE B 343 -12.03 -22.81 -23.75
C PHE B 343 -13.47 -22.86 -23.27
N SER B 344 -14.15 -21.73 -23.38
CA SER B 344 -15.56 -21.65 -23.01
C SER B 344 -16.37 -22.47 -23.99
N HIS B 345 -16.96 -23.55 -23.52
CA HIS B 345 -17.76 -24.42 -24.37
C HIS B 345 -19.10 -24.76 -23.72
N LEU B 346 -20.03 -25.23 -24.58
CA LEU B 346 -21.38 -25.55 -24.17
C LEU B 346 -21.52 -27.05 -23.82
N TYR B 347 -22.12 -27.32 -22.66
CA TYR B 347 -22.32 -28.67 -22.20
C TYR B 347 -23.80 -28.88 -21.91
N TRP B 348 -24.24 -30.12 -22.07
CA TRP B 348 -25.64 -30.43 -22.00
C TRP B 348 -25.79 -31.59 -21.02
N TYR B 349 -26.51 -31.33 -19.92
CA TYR B 349 -26.56 -32.21 -18.77
C TYR B 349 -27.98 -32.72 -18.57
N SER B 350 -28.12 -33.94 -18.00
CA SER B 350 -29.40 -34.36 -17.52
C SER B 350 -29.73 -33.75 -16.16
N MET B 351 -31.02 -33.79 -15.81
CA MET B 351 -31.45 -33.24 -14.53
C MET B 351 -30.91 -34.05 -13.34
N GLY B 352 -30.38 -35.26 -13.57
CA GLY B 352 -29.62 -36.01 -12.56
C GLY B 352 -28.15 -35.58 -12.35
N GLY B 353 -27.66 -34.70 -13.19
CA GLY B 353 -26.30 -34.23 -13.09
C GLY B 353 -25.35 -34.98 -13.99
N ASN B 354 -25.88 -35.86 -14.83
CA ASN B 354 -25.08 -36.68 -15.74
C ASN B 354 -24.82 -35.91 -17.04
N LEU B 355 -23.56 -35.81 -17.45
CA LEU B 355 -23.24 -35.08 -18.67
C LEU B 355 -23.82 -35.87 -19.84
N ILE B 356 -24.73 -35.25 -20.60
CA ILE B 356 -25.31 -35.92 -21.77
C ILE B 356 -24.37 -35.78 -22.95
N LYS B 357 -23.87 -34.56 -23.18
CA LYS B 357 -22.86 -34.39 -24.25
C LYS B 357 -22.17 -33.03 -24.19
N LYS B 358 -20.99 -32.98 -24.78
CA LYS B 358 -20.28 -31.74 -25.01
C LYS B 358 -20.67 -31.24 -26.41
N VAL B 359 -21.43 -30.16 -26.49
CA VAL B 359 -22.06 -29.78 -27.77
C VAL B 359 -21.04 -29.15 -28.68
N THR B 360 -20.24 -28.22 -28.15
CA THR B 360 -19.26 -27.46 -28.92
C THR B 360 -17.86 -27.95 -28.54
N ASN B 361 -16.94 -27.84 -29.50
CA ASN B 361 -15.54 -28.22 -29.29
C ASN B 361 -14.67 -27.42 -30.23
N GLY B 362 -13.41 -27.22 -29.85
CA GLY B 362 -12.45 -26.54 -30.69
C GLY B 362 -11.72 -25.46 -29.95
N LYS B 363 -10.78 -24.83 -30.65
CA LYS B 363 -9.95 -23.79 -30.02
C LYS B 363 -10.54 -22.38 -30.27
N TYR B 364 -11.75 -22.23 -29.74
CA TYR B 364 -12.47 -20.97 -29.85
C TYR B 364 -13.41 -20.83 -28.63
N GLU B 365 -14.05 -19.69 -28.47
CA GLU B 365 -14.92 -19.45 -27.33
C GLU B 365 -16.37 -19.26 -27.61
N VAL B 366 -17.23 -19.96 -26.89
CA VAL B 366 -18.65 -19.78 -27.01
C VAL B 366 -19.05 -18.63 -26.10
N LYS B 367 -19.53 -17.55 -26.69
CA LYS B 367 -19.95 -16.41 -25.92
C LYS B 367 -21.27 -16.51 -25.15
N ASP B 368 -22.32 -16.91 -25.83
CA ASP B 368 -23.63 -16.98 -25.21
C ASP B 368 -24.38 -18.19 -25.69
N PHE B 369 -25.13 -18.84 -24.82
CA PHE B 369 -25.99 -19.93 -25.25
C PHE B 369 -27.33 -19.25 -25.43
N LEU B 370 -27.85 -19.26 -26.63
CA LEU B 370 -29.10 -18.62 -26.90
C LEU B 370 -30.23 -19.56 -26.58
N GLY B 371 -30.09 -20.85 -26.90
CA GLY B 371 -31.15 -21.72 -26.42
C GLY B 371 -31.13 -23.04 -27.13
N TYR B 372 -32.08 -23.88 -26.72
CA TYR B 372 -32.24 -25.22 -27.29
C TYR B 372 -33.67 -25.35 -27.76
N ASP B 373 -33.85 -25.95 -28.91
CA ASP B 373 -35.20 -26.18 -29.36
C ASP B 373 -35.50 -27.68 -29.42
N GLU B 374 -36.53 -28.13 -28.71
CA GLU B 374 -36.92 -29.56 -28.70
C GLU B 374 -37.37 -30.15 -30.02
N ALA B 375 -38.06 -29.37 -30.82
CA ALA B 375 -38.55 -29.92 -32.04
C ALA B 375 -37.43 -30.42 -32.96
N ASP B 376 -36.40 -29.62 -33.18
CA ASP B 376 -35.32 -30.04 -34.06
C ASP B 376 -34.18 -30.69 -33.28
N GLY B 377 -34.15 -30.56 -31.96
CA GLY B 377 -33.03 -31.06 -31.13
C GLY B 377 -31.83 -30.15 -31.23
N SER B 378 -32.02 -28.98 -31.79
CA SER B 378 -30.91 -28.07 -32.02
C SER B 378 -30.42 -27.18 -30.89
N PHE B 379 -29.17 -26.72 -30.99
CA PHE B 379 -28.62 -25.79 -30.01
C PHE B 379 -28.21 -24.51 -30.73
N TYR B 380 -28.52 -23.33 -30.17
CA TYR B 380 -28.18 -22.03 -30.78
C TYR B 380 -27.25 -21.25 -29.85
N TYR B 381 -26.17 -20.71 -30.42
CA TYR B 381 -25.17 -20.02 -29.60
C TYR B 381 -24.42 -19.02 -30.43
N THR B 382 -23.62 -18.15 -29.75
CA THR B 382 -22.71 -17.24 -30.41
C THR B 382 -21.26 -17.68 -30.07
N SER B 383 -20.32 -17.40 -30.98
CA SER B 383 -18.91 -17.64 -30.67
C SER B 383 -18.01 -16.77 -31.52
N ASN B 384 -16.70 -16.85 -31.22
CA ASN B 384 -15.69 -16.13 -31.94
C ASN B 384 -14.87 -17.08 -32.83
N GLU B 385 -15.48 -18.21 -33.24
CA GLU B 385 -14.78 -19.22 -34.06
C GLU B 385 -14.06 -18.64 -35.31
N GLU B 386 -14.64 -17.65 -36.00
CA GLU B 386 -13.92 -16.99 -37.12
C GLU B 386 -12.61 -16.33 -36.70
N SER B 387 -12.66 -15.54 -35.64
CA SER B 387 -11.59 -14.70 -35.15
C SER B 387 -11.87 -14.12 -33.77
N PRO B 388 -10.85 -13.97 -32.93
CA PRO B 388 -11.09 -13.37 -31.60
C PRO B 388 -11.70 -11.96 -31.69
N LEU B 389 -11.64 -11.36 -32.89
CA LEU B 389 -12.14 -10.01 -33.11
C LEU B 389 -13.60 -10.05 -33.42
N ARG B 390 -14.18 -11.24 -33.47
CA ARG B 390 -15.48 -11.35 -34.10
C ARG B 390 -16.45 -12.20 -33.31
N LYS B 391 -17.74 -12.01 -33.61
CA LYS B 391 -18.79 -12.88 -33.04
C LYS B 391 -19.85 -13.20 -34.04
N ALA B 392 -20.22 -14.48 -34.09
CA ALA B 392 -21.24 -14.89 -35.02
C ALA B 392 -22.19 -15.85 -34.33
N VAL B 393 -23.37 -16.01 -34.97
CA VAL B 393 -24.41 -16.95 -34.52
C VAL B 393 -24.22 -18.30 -35.22
N TYR B 394 -24.32 -19.38 -34.43
CA TYR B 394 -24.16 -20.73 -34.94
C TYR B 394 -25.26 -21.68 -34.45
N LYS B 395 -25.53 -22.74 -35.22
CA LYS B 395 -26.49 -23.78 -34.81
C LYS B 395 -25.79 -25.12 -34.85
N ILE B 396 -26.08 -25.96 -33.89
CA ILE B 396 -25.55 -27.32 -33.91
C ILE B 396 -26.78 -28.17 -33.71
N ASP B 397 -27.00 -29.12 -34.60
CA ASP B 397 -28.15 -29.99 -34.48
C ASP B 397 -27.95 -31.20 -33.63
N LYS B 398 -28.94 -32.08 -33.60
CA LYS B 398 -28.88 -33.26 -32.78
C LYS B 398 -27.76 -34.14 -33.25
N LYS B 399 -27.58 -34.21 -34.55
CA LYS B 399 -26.51 -35.00 -35.13
C LYS B 399 -25.16 -34.42 -34.80
N GLY B 400 -25.10 -33.12 -34.56
CA GLY B 400 -23.80 -32.50 -34.35
C GLY B 400 -23.28 -31.70 -35.52
N LYS B 401 -24.11 -31.53 -36.53
CA LYS B 401 -23.74 -30.75 -37.68
C LYS B 401 -23.87 -29.31 -37.34
N LYS B 402 -22.86 -28.53 -37.71
CA LYS B 402 -22.84 -27.13 -37.38
C LYS B 402 -23.01 -26.20 -38.57
N LEU B 403 -23.90 -25.24 -38.46
CA LEU B 403 -24.00 -24.23 -39.50
C LEU B 403 -23.83 -22.84 -38.91
N LYS B 404 -23.13 -21.95 -39.60
CA LYS B 404 -23.02 -20.58 -39.15
C LYS B 404 -24.14 -19.80 -39.81
N LEU B 405 -25.04 -19.25 -39.01
CA LEU B 405 -26.18 -18.55 -39.52
C LEU B 405 -25.89 -17.16 -39.99
N SER B 406 -24.96 -16.51 -39.34
CA SER B 406 -24.66 -15.11 -39.62
C SER B 406 -24.19 -14.99 -41.06
N GLN B 407 -24.75 -14.05 -41.79
CA GLN B 407 -24.34 -13.83 -43.17
C GLN B 407 -23.07 -13.00 -43.31
N ARG B 408 -22.84 -12.06 -42.40
CA ARG B 408 -21.71 -11.15 -42.51
C ARG B 408 -20.67 -11.28 -41.41
N GLU B 409 -19.41 -11.03 -41.76
CA GLU B 409 -18.34 -11.18 -40.80
C GLU B 409 -18.06 -9.90 -40.02
N GLY B 410 -18.10 -10.00 -38.70
CA GLY B 410 -17.96 -8.84 -37.86
C GLY B 410 -18.53 -9.15 -36.50
N THR B 411 -19.42 -8.30 -36.03
CA THR B 411 -20.07 -8.59 -34.77
C THR B 411 -21.57 -8.79 -34.95
N ASN B 412 -22.07 -9.96 -34.59
CA ASN B 412 -23.48 -10.30 -34.74
C ASN B 412 -24.18 -10.57 -33.42
N THR B 413 -25.19 -9.79 -33.11
CA THR B 413 -25.88 -9.92 -31.83
C THR B 413 -27.34 -10.29 -32.10
N PRO B 414 -27.75 -11.49 -31.70
CA PRO B 414 -29.13 -11.92 -31.96
C PRO B 414 -30.06 -11.77 -30.77
N LEU B 415 -31.37 -11.63 -31.07
CA LEU B 415 -32.45 -11.72 -30.09
C LEU B 415 -33.54 -12.66 -30.68
N PHE B 416 -33.56 -13.90 -30.21
CA PHE B 416 -34.49 -14.91 -30.75
C PHE B 416 -35.91 -14.91 -30.23
N SER B 417 -36.82 -15.61 -30.93
CA SER B 417 -38.19 -15.73 -30.45
C SER B 417 -38.31 -16.93 -29.54
N GLN B 418 -39.43 -17.06 -28.84
CA GLN B 418 -39.60 -18.15 -27.86
C GLN B 418 -39.56 -19.47 -28.53
N SER B 419 -40.02 -19.49 -29.74
CA SER B 419 -40.05 -20.69 -30.50
C SER B 419 -38.70 -21.05 -31.05
N MET B 420 -37.82 -20.06 -31.20
CA MET B 420 -36.46 -20.25 -31.73
C MET B 420 -36.54 -20.36 -33.23
N LYS B 421 -37.72 -20.10 -33.78
CA LYS B 421 -37.90 -20.10 -35.21
C LYS B 421 -37.24 -18.94 -35.90
N TYR B 422 -37.32 -17.78 -35.30
CA TYR B 422 -36.75 -16.58 -35.89
C TYR B 422 -35.92 -15.77 -34.92
N TYR B 423 -35.11 -14.86 -35.45
CA TYR B 423 -34.31 -14.00 -34.64
C TYR B 423 -33.99 -12.67 -35.24
N MET B 424 -33.96 -11.63 -34.42
CA MET B 424 -33.48 -10.31 -34.86
C MET B 424 -31.98 -10.23 -34.68
N ASN B 425 -31.30 -9.83 -35.73
CA ASN B 425 -29.86 -9.73 -35.81
C ASN B 425 -29.45 -8.28 -35.91
N LYS B 426 -28.59 -7.85 -34.96
CA LYS B 426 -27.86 -6.59 -35.05
C LYS B 426 -26.40 -6.85 -35.44
N PHE B 427 -25.96 -6.24 -36.55
CA PHE B 427 -24.63 -6.43 -37.14
C PHE B 427 -23.90 -5.10 -37.22
N SER B 428 -22.59 -5.17 -36.95
CA SER B 428 -21.67 -4.05 -37.04
C SER B 428 -20.30 -4.58 -37.39
N ASN B 429 -19.50 -3.75 -38.06
CA ASN B 429 -18.04 -4.00 -38.21
C ASN B 429 -17.37 -2.64 -38.37
N LEU B 430 -16.08 -2.62 -38.69
CA LEU B 430 -15.37 -1.33 -38.72
C LEU B 430 -16.02 -0.33 -39.69
N ASP B 431 -16.60 -0.83 -40.77
CA ASP B 431 -17.06 -0.02 -41.89
C ASP B 431 -18.57 0.15 -41.91
N THR B 432 -19.30 -0.55 -41.06
CA THR B 432 -20.76 -0.59 -41.12
C THR B 432 -21.38 -0.28 -39.78
N PRO B 433 -22.11 0.83 -39.64
CA PRO B 433 -22.58 1.28 -38.33
C PRO B 433 -23.51 0.34 -37.60
N MET B 434 -24.65 0.05 -38.20
CA MET B 434 -25.57 -0.87 -37.55
C MET B 434 -26.56 -1.30 -38.62
N LEU B 435 -26.67 -2.61 -38.75
CA LEU B 435 -27.52 -3.28 -39.73
C LEU B 435 -28.44 -4.20 -38.94
N VAL B 436 -29.72 -3.85 -38.80
CA VAL B 436 -30.65 -4.72 -38.09
C VAL B 436 -31.51 -5.43 -39.10
N THR B 437 -31.44 -6.77 -39.08
CA THR B 437 -32.23 -7.59 -39.98
C THR B 437 -33.02 -8.61 -39.17
N LEU B 438 -33.98 -9.25 -39.85
CA LEU B 438 -34.77 -10.35 -39.32
C LEU B 438 -34.35 -11.61 -40.06
N ASN B 439 -34.17 -12.70 -39.32
CA ASN B 439 -33.61 -13.92 -39.87
C ASN B 439 -34.43 -15.12 -39.41
N ASP B 440 -34.42 -16.20 -40.19
CA ASP B 440 -34.97 -17.44 -39.66
C ASP B 440 -33.86 -18.29 -39.04
N ASN B 441 -34.24 -19.45 -38.52
CA ASN B 441 -33.29 -20.31 -37.81
C ASN B 441 -32.29 -21.00 -38.75
N THR B 442 -32.34 -20.80 -40.07
CA THR B 442 -31.24 -21.20 -40.96
C THR B 442 -30.28 -20.04 -41.22
N GLY B 443 -30.56 -18.86 -40.68
CA GLY B 443 -29.75 -17.71 -41.02
C GLY B 443 -30.16 -16.84 -42.20
N LYS B 444 -31.23 -17.20 -42.93
CA LYS B 444 -31.84 -16.46 -43.96
C LYS B 444 -32.28 -15.07 -43.48
N THR B 445 -31.78 -14.10 -44.18
CA THR B 445 -32.22 -12.76 -44.03
C THR B 445 -33.62 -12.71 -44.58
N LEU B 446 -34.55 -12.38 -43.72
CA LEU B 446 -35.92 -12.19 -44.10
C LEU B 446 -36.19 -10.76 -44.49
N LYS B 447 -35.65 -9.83 -43.74
CA LYS B 447 -35.92 -8.45 -44.07
C LYS B 447 -34.89 -7.62 -43.36
N THR B 448 -34.60 -6.47 -43.94
CA THR B 448 -33.67 -5.51 -43.38
C THR B 448 -34.50 -4.38 -42.79
N LEU B 449 -34.54 -4.30 -41.44
CA LEU B 449 -35.24 -3.24 -40.70
C LEU B 449 -34.46 -1.91 -40.71
N ILE B 450 -33.15 -1.94 -40.44
CA ILE B 450 -32.33 -0.73 -40.30
C ILE B 450 -31.00 -0.92 -41.01
N ASN B 451 -30.64 0.01 -41.90
CA ASN B 451 -29.31 -0.03 -42.55
C ASN B 451 -28.44 1.19 -42.23
N ASN B 452 -29.01 2.20 -41.59
CA ASN B 452 -28.29 3.40 -41.20
C ASN B 452 -27.72 4.18 -42.40
N ASP B 453 -28.58 4.32 -43.44
CA ASP B 453 -28.15 5.07 -44.58
C ASP B 453 -27.91 6.57 -44.30
N GLN B 454 -28.69 7.37 -43.52
CA GLN B 454 -28.00 8.63 -43.50
C GLN B 454 -26.68 8.59 -42.63
N LEU B 455 -26.70 7.92 -41.54
CA LEU B 455 -25.51 8.09 -40.74
C LEU B 455 -24.31 8.09 -41.67
N LYS B 456 -24.39 7.29 -42.68
CA LYS B 456 -23.30 7.40 -43.51
C LYS B 456 -23.34 8.56 -44.42
N GLN B 457 -24.55 9.01 -44.73
CA GLN B 457 -24.55 10.13 -45.64
C GLN B 457 -23.90 11.36 -44.98
N THR B 458 -24.31 11.64 -43.75
CA THR B 458 -23.68 12.72 -42.99
C THR B 458 -22.15 12.52 -42.88
N LEU B 459 -21.71 11.28 -42.59
CA LEU B 459 -20.30 11.01 -42.38
C LEU B 459 -19.48 11.15 -43.65
N SER B 460 -20.08 10.92 -44.82
CA SER B 460 -19.30 11.13 -46.05
C SER B 460 -18.85 12.58 -46.16
N GLY B 461 -19.59 13.51 -45.52
CA GLY B 461 -19.19 14.91 -45.52
C GLY B 461 -18.09 15.33 -44.53
N TYR B 462 -17.67 14.42 -43.65
CA TYR B 462 -16.67 14.70 -42.64
C TYR B 462 -15.40 13.91 -42.96
N ALA B 463 -14.26 14.40 -42.45
CA ALA B 463 -12.99 13.70 -42.64
C ALA B 463 -12.81 12.70 -41.50
N ILE B 464 -13.11 11.44 -41.77
CA ILE B 464 -13.23 10.45 -40.72
C ILE B 464 -12.00 9.54 -40.78
N PRO B 465 -11.12 9.59 -39.78
CA PRO B 465 -10.07 8.57 -39.65
C PRO B 465 -10.71 7.17 -39.64
N GLN B 466 -10.00 6.18 -40.18
CA GLN B 466 -10.55 4.82 -40.28
C GLN B 466 -9.70 3.85 -39.48
N LYS B 467 -10.34 3.00 -38.70
CA LYS B 467 -9.60 1.95 -38.04
C LYS B 467 -9.10 0.92 -39.05
N GLU B 468 -7.97 0.31 -38.76
CA GLU B 468 -7.62 -0.96 -39.38
C GLU B 468 -6.96 -1.90 -38.35
N PHE B 469 -7.15 -3.21 -38.54
CA PHE B 469 -6.52 -4.12 -37.59
C PHE B 469 -5.07 -4.41 -37.92
N PHE B 470 -4.36 -4.96 -36.94
CA PHE B 470 -2.98 -5.36 -37.16
C PHE B 470 -2.58 -6.33 -36.06
N THR B 471 -1.43 -6.91 -36.25
CA THR B 471 -0.89 -7.82 -35.28
C THR B 471 0.59 -7.53 -35.08
N PHE B 472 1.12 -8.05 -34.01
CA PHE B 472 2.56 -7.95 -33.90
C PHE B 472 3.04 -8.95 -32.86
N GLN B 473 4.35 -9.15 -32.80
CA GLN B 473 4.93 -10.20 -31.96
C GLN B 473 5.67 -9.57 -30.77
N THR B 474 5.29 -9.97 -29.58
CA THR B 474 6.09 -9.58 -28.43
C THR B 474 7.45 -10.24 -28.48
N THR B 475 8.35 -9.73 -27.65
CA THR B 475 9.69 -10.30 -27.65
C THR B 475 9.72 -11.72 -27.11
N ASP B 476 8.62 -12.25 -26.56
CA ASP B 476 8.49 -13.67 -26.22
C ASP B 476 7.61 -14.43 -27.21
N GLY B 477 7.31 -13.85 -28.36
CA GLY B 477 6.71 -14.63 -29.40
C GLY B 477 5.21 -14.68 -29.44
N VAL B 478 4.55 -13.85 -28.65
CA VAL B 478 3.09 -13.83 -28.58
C VAL B 478 2.55 -12.94 -29.69
N THR B 479 1.58 -13.42 -30.45
CA THR B 479 0.85 -12.58 -31.37
C THR B 479 -0.22 -11.77 -30.62
N LEU B 480 -0.13 -10.44 -30.65
CA LEU B 480 -1.16 -9.58 -30.04
C LEU B 480 -1.91 -8.89 -31.17
N ASN B 481 -3.22 -8.79 -30.99
CA ASN B 481 -4.12 -8.07 -31.88
C ASN B 481 -4.34 -6.64 -31.44
N GLY B 482 -4.40 -5.74 -32.41
CA GLY B 482 -4.71 -4.37 -32.12
C GLY B 482 -5.38 -3.72 -33.30
N TRP B 483 -5.78 -2.48 -33.07
CA TRP B 483 -6.30 -1.65 -34.11
C TRP B 483 -5.50 -0.37 -34.16
N MET B 484 -5.41 0.25 -35.33
CA MET B 484 -4.67 1.48 -35.51
C MET B 484 -5.54 2.43 -36.28
N MET B 485 -5.44 3.70 -35.97
CA MET B 485 -6.27 4.70 -36.58
C MET B 485 -5.42 5.89 -36.91
N LYS B 486 -5.44 6.31 -38.15
CA LYS B 486 -4.59 7.40 -38.62
C LYS B 486 -5.43 8.58 -39.07
N PRO B 487 -4.89 9.79 -39.01
CA PRO B 487 -5.61 10.94 -39.55
C PRO B 487 -5.94 10.75 -41.01
N ALA B 488 -6.99 11.37 -41.46
CA ALA B 488 -7.41 11.22 -42.83
C ALA B 488 -6.41 11.75 -43.87
N ASN B 489 -5.43 12.51 -43.46
CA ASN B 489 -4.45 13.09 -44.37
C ASN B 489 -3.09 12.55 -44.11
N PHE B 490 -3.00 11.30 -43.73
CA PHE B 490 -1.74 10.74 -43.34
C PHE B 490 -0.69 10.81 -44.40
N SER B 491 0.53 11.14 -43.99
CA SER B 491 1.62 11.15 -44.91
C SER B 491 2.83 10.35 -44.48
N THR B 492 3.51 9.73 -45.43
CA THR B 492 4.71 8.98 -45.19
C THR B 492 5.82 9.91 -44.87
N SER B 493 5.66 11.13 -45.30
CA SER B 493 6.63 12.13 -44.98
C SER B 493 6.73 12.43 -43.50
N LYS B 494 5.60 12.53 -42.80
CA LYS B 494 5.59 12.95 -41.40
C LYS B 494 5.68 11.95 -40.25
N LYS B 495 6.32 12.35 -39.16
CA LYS B 495 6.30 11.52 -37.96
C LYS B 495 5.17 12.06 -37.10
N TYR B 496 4.36 11.21 -36.49
CA TYR B 496 3.16 11.63 -35.78
C TYR B 496 3.29 11.27 -34.32
N PRO B 497 2.65 12.02 -33.43
CA PRO B 497 2.48 11.57 -32.05
C PRO B 497 1.41 10.49 -31.99
N VAL B 498 1.42 9.74 -30.90
CA VAL B 498 0.58 8.55 -30.71
C VAL B 498 -0.26 8.65 -29.45
N LEU B 499 -1.50 8.26 -29.54
CA LEU B 499 -2.30 8.06 -28.35
C LEU B 499 -2.68 6.60 -28.31
N MET B 500 -2.22 5.87 -27.28
CA MET B 500 -2.58 4.47 -27.02
C MET B 500 -3.78 4.43 -26.09
N TYR B 501 -4.78 3.67 -26.45
CA TYR B 501 -5.92 3.48 -25.61
C TYR B 501 -5.99 1.98 -25.30
N GLN B 502 -6.39 1.61 -24.06
CA GLN B 502 -6.54 0.19 -23.65
C GLN B 502 -7.40 0.10 -22.39
N TYR B 503 -8.01 -1.07 -22.19
CA TYR B 503 -8.70 -1.40 -20.96
C TYR B 503 -7.96 -2.49 -20.20
N SER B 504 -7.64 -3.61 -20.86
CA SER B 504 -6.69 -4.60 -20.38
C SER B 504 -7.24 -5.53 -19.29
N GLY B 505 -8.44 -5.34 -18.81
CA GLY B 505 -8.91 -6.06 -17.63
C GLY B 505 -9.13 -7.53 -17.90
N PRO B 506 -9.04 -8.39 -16.89
CA PRO B 506 -9.26 -9.84 -17.12
C PRO B 506 -10.51 -10.15 -17.97
N GLY B 507 -10.32 -10.90 -19.04
CA GLY B 507 -11.47 -11.30 -19.81
C GLY B 507 -11.97 -10.28 -20.75
N SER B 508 -11.48 -9.05 -20.69
CA SER B 508 -12.07 -8.00 -21.52
C SER B 508 -11.48 -8.04 -22.93
N GLN B 509 -12.13 -7.35 -23.87
CA GLN B 509 -11.55 -7.08 -25.19
C GLN B 509 -12.01 -5.70 -25.68
N GLN B 510 -11.08 -4.85 -26.16
CA GLN B 510 -11.44 -3.65 -26.91
C GLN B 510 -11.08 -3.73 -28.40
N VAL B 511 -10.28 -4.70 -28.84
CA VAL B 511 -9.91 -4.82 -30.24
C VAL B 511 -10.93 -5.78 -30.83
N LEU B 512 -12.03 -5.19 -31.32
CA LEU B 512 -13.20 -5.95 -31.79
C LEU B 512 -13.65 -5.29 -33.07
N ASP B 513 -14.12 -6.13 -34.00
CA ASP B 513 -14.63 -5.78 -35.35
C ASP B 513 -16.03 -5.23 -35.23
N THR B 514 -16.13 -4.05 -34.68
CA THR B 514 -17.40 -3.41 -34.48
C THR B 514 -17.24 -1.94 -34.74
N TRP B 515 -18.38 -1.22 -34.93
CA TRP B 515 -18.34 0.18 -35.37
C TRP B 515 -18.43 1.17 -34.20
N GLY B 516 -17.82 2.35 -34.38
CA GLY B 516 -18.08 3.44 -33.45
C GLY B 516 -17.30 4.67 -33.86
N ILE B 517 -17.77 5.81 -33.37
CA ILE B 517 -16.98 7.05 -33.39
C ILE B 517 -16.82 7.55 -31.96
N SER B 518 -15.57 7.68 -31.50
CA SER B 518 -15.37 8.03 -30.12
C SER B 518 -14.36 9.16 -30.01
N TRP B 519 -14.07 9.50 -28.74
CA TRP B 519 -13.04 10.50 -28.48
C TRP B 519 -11.73 10.09 -29.15
N GLU B 520 -11.47 8.81 -29.20
CA GLU B 520 -10.28 8.36 -29.92
C GLU B 520 -10.30 8.79 -31.35
N THR B 521 -11.46 8.65 -32.03
CA THR B 521 -11.61 9.08 -33.41
C THR B 521 -11.34 10.58 -33.55
N TYR B 522 -11.79 11.36 -32.57
CA TYR B 522 -11.56 12.81 -32.58
C TYR B 522 -10.08 13.13 -32.47
N MET B 523 -9.40 12.48 -31.54
CA MET B 523 -7.96 12.69 -31.39
C MET B 523 -7.21 12.36 -32.69
N ALA B 524 -7.57 11.23 -33.36
CA ALA B 524 -6.97 10.88 -34.68
C ALA B 524 -7.20 11.98 -35.69
N SER B 525 -8.42 12.57 -35.70
CA SER B 525 -8.71 13.65 -36.61
C SER B 525 -7.95 14.90 -36.26
N LEU B 526 -7.43 15.04 -35.02
CA LEU B 526 -6.59 16.20 -34.71
C LEU B 526 -5.13 15.97 -35.05
N GLY B 527 -4.78 14.83 -35.68
CA GLY B 527 -3.41 14.58 -36.12
C GLY B 527 -2.64 13.52 -35.34
N TYR B 528 -3.31 12.76 -34.50
CA TYR B 528 -2.67 11.68 -33.76
C TYR B 528 -2.87 10.32 -34.42
N ILE B 529 -1.89 9.46 -34.31
CA ILE B 529 -2.17 8.07 -34.58
C ILE B 529 -2.65 7.46 -33.29
N VAL B 530 -3.86 6.89 -33.27
CA VAL B 530 -4.44 6.29 -32.07
C VAL B 530 -4.39 4.76 -32.17
N VAL B 531 -3.85 4.08 -31.14
CA VAL B 531 -3.69 2.63 -31.23
C VAL B 531 -4.32 1.97 -30.02
N CYS B 532 -4.90 0.75 -30.22
CA CYS B 532 -5.38 -0.07 -29.10
C CYS B 532 -4.92 -1.52 -29.25
N VAL B 533 -4.24 -2.08 -28.25
CA VAL B 533 -3.81 -3.48 -28.31
C VAL B 533 -4.38 -4.17 -27.08
N ASP B 534 -4.97 -5.36 -27.31
CA ASP B 534 -5.45 -6.23 -26.22
C ASP B 534 -4.31 -7.15 -25.81
N GLY B 535 -3.71 -6.88 -24.64
CA GLY B 535 -2.56 -7.65 -24.22
C GLY B 535 -2.96 -8.98 -23.60
N ARG B 536 -1.97 -9.69 -23.07
CA ARG B 536 -2.26 -10.92 -22.33
C ARG B 536 -3.14 -10.59 -21.15
N GLY B 537 -4.05 -11.52 -20.82
CA GLY B 537 -5.09 -11.27 -19.85
C GLY B 537 -6.44 -10.93 -20.44
N THR B 538 -6.47 -10.50 -21.69
CA THR B 538 -7.73 -10.16 -22.36
C THR B 538 -8.43 -11.43 -22.78
N GLY B 539 -9.70 -11.31 -23.19
CA GLY B 539 -10.49 -12.49 -23.45
C GLY B 539 -10.47 -12.89 -24.90
N GLY B 540 -11.20 -13.97 -25.20
CA GLY B 540 -11.45 -14.38 -26.56
C GLY B 540 -10.41 -15.31 -27.13
N ARG B 541 -9.34 -15.58 -26.40
CA ARG B 541 -8.30 -16.45 -26.91
C ARG B 541 -8.12 -17.67 -26.02
N GLY B 542 -9.05 -17.89 -25.09
CA GLY B 542 -9.04 -19.07 -24.25
C GLY B 542 -8.47 -18.78 -22.89
N GLU B 543 -8.68 -19.76 -22.04
CA GLU B 543 -8.40 -19.61 -20.63
C GLU B 543 -6.89 -19.35 -20.39
N ALA B 544 -5.98 -20.09 -21.07
CA ALA B 544 -4.56 -19.89 -20.77
C ALA B 544 -4.12 -18.45 -21.06
N PHE B 545 -4.54 -17.86 -22.20
CA PHE B 545 -4.16 -16.45 -22.50
C PHE B 545 -4.74 -15.51 -21.43
N GLU B 546 -5.97 -15.77 -21.05
CA GLU B 546 -6.68 -14.83 -20.21
C GLU B 546 -6.13 -14.89 -18.79
N LYS B 547 -5.87 -16.10 -18.28
CA LYS B 547 -5.68 -16.27 -16.85
C LYS B 547 -4.21 -16.51 -16.49
N CYS B 548 -3.28 -16.26 -17.43
CA CYS B 548 -1.85 -16.25 -17.10
C CYS B 548 -1.50 -15.16 -16.07
N THR B 549 -2.44 -14.32 -15.66
CA THR B 549 -2.20 -13.25 -14.69
C THR B 549 -2.50 -13.65 -13.23
N TYR B 550 -3.04 -14.88 -13.04
CA TYR B 550 -3.73 -15.24 -11.81
C TYR B 550 -2.79 -14.99 -10.64
N LEU B 551 -3.29 -14.29 -9.60
CA LEU B 551 -2.54 -14.02 -8.38
C LEU B 551 -1.52 -12.89 -8.61
N LYS B 552 -1.44 -12.33 -9.83
CA LYS B 552 -0.48 -11.26 -10.00
C LYS B 552 -0.94 -10.44 -11.19
N ILE B 553 -2.16 -9.89 -11.11
CA ILE B 553 -2.66 -9.13 -12.22
C ILE B 553 -1.87 -7.83 -12.37
N GLY B 554 -2.05 -7.24 -13.52
CA GLY B 554 -1.48 -6.01 -13.91
C GLY B 554 -0.10 -6.11 -14.50
N VAL B 555 0.78 -7.01 -13.96
CA VAL B 555 2.20 -7.00 -14.29
C VAL B 555 2.44 -7.33 -15.76
N LYS B 556 1.87 -8.45 -16.20
CA LYS B 556 2.04 -8.88 -17.59
C LYS B 556 1.36 -7.92 -18.57
N GLU B 557 0.21 -7.39 -18.17
CA GLU B 557 -0.51 -6.45 -19.03
C GLU B 557 0.31 -5.19 -19.25
N ALA B 558 1.00 -4.74 -18.23
CA ALA B 558 1.83 -3.56 -18.38
C ALA B 558 3.00 -3.86 -19.27
N LYS B 559 3.58 -5.06 -19.13
CA LYS B 559 4.70 -5.41 -20.01
C LYS B 559 4.26 -5.34 -21.45
N ASP B 560 3.07 -5.84 -21.71
CA ASP B 560 2.56 -5.85 -23.06
C ASP B 560 2.24 -4.46 -23.58
N GLN B 561 1.73 -3.52 -22.74
CA GLN B 561 1.56 -2.17 -23.27
C GLN B 561 2.90 -1.53 -23.62
N VAL B 562 3.92 -1.75 -22.77
CA VAL B 562 5.26 -1.28 -23.07
C VAL B 562 5.76 -1.91 -24.35
N GLU B 563 5.50 -3.20 -24.54
CA GLU B 563 5.86 -3.88 -25.80
C GLU B 563 5.17 -3.23 -27.00
N THR B 564 3.88 -2.93 -26.88
CA THR B 564 3.20 -2.22 -27.96
C THR B 564 3.87 -0.85 -28.23
N ALA B 565 4.13 -0.10 -27.19
CA ALA B 565 4.75 1.20 -27.41
C ALA B 565 6.10 1.08 -28.14
N LEU B 566 6.94 0.11 -27.70
CA LEU B 566 8.24 -0.11 -28.33
C LEU B 566 8.04 -0.49 -29.78
N TYR B 567 7.08 -1.34 -30.04
CA TYR B 567 6.84 -1.71 -31.43
C TYR B 567 6.44 -0.48 -32.25
N LEU B 568 5.62 0.36 -31.69
CA LEU B 568 5.22 1.58 -32.40
C LEU B 568 6.42 2.50 -32.63
N GLY B 569 7.29 2.62 -31.64
CA GLY B 569 8.48 3.45 -31.72
C GLY B 569 9.46 3.00 -32.79
N LYS B 570 9.38 1.73 -33.25
CA LYS B 570 10.13 1.27 -34.42
C LYS B 570 9.49 1.72 -35.72
N GLN B 571 8.29 2.18 -35.69
CA GLN B 571 7.69 2.52 -36.96
C GLN B 571 8.19 3.88 -37.42
N PRO B 572 8.46 4.03 -38.73
CA PRO B 572 9.02 5.28 -39.20
C PRO B 572 8.01 6.44 -39.24
N TYR B 573 6.71 6.19 -39.16
CA TYR B 573 5.75 7.29 -39.09
C TYR B 573 5.44 7.72 -37.64
N VAL B 574 6.16 7.22 -36.66
CA VAL B 574 5.88 7.47 -35.26
C VAL B 574 7.06 8.22 -34.64
N ASP B 575 6.75 9.27 -33.91
CA ASP B 575 7.73 9.92 -33.08
C ASP B 575 7.73 9.24 -31.72
N LYS B 576 8.72 8.41 -31.47
CA LYS B 576 8.64 7.66 -30.23
C LYS B 576 8.75 8.55 -28.99
N ASP B 577 9.15 9.80 -29.10
CA ASP B 577 9.20 10.62 -27.91
C ASP B 577 7.85 11.29 -27.62
N ARG B 578 6.84 11.00 -28.44
CA ARG B 578 5.52 11.58 -28.27
C ARG B 578 4.47 10.48 -28.26
N ILE B 579 4.64 9.48 -27.39
CA ILE B 579 3.62 8.43 -27.27
C ILE B 579 2.92 8.59 -25.94
N GLY B 580 1.61 8.75 -25.97
CA GLY B 580 0.83 8.81 -24.74
C GLY B 580 -0.12 7.65 -24.62
N ILE B 581 -0.65 7.44 -23.43
CA ILE B 581 -1.53 6.31 -23.16
C ILE B 581 -2.63 6.72 -22.19
N TRP B 582 -3.79 6.11 -22.30
CA TRP B 582 -4.82 6.47 -21.34
C TRP B 582 -5.81 5.32 -21.19
N GLY B 583 -6.61 5.40 -20.17
CA GLY B 583 -7.70 4.45 -20.03
C GLY B 583 -8.52 4.81 -18.82
N TRP B 584 -9.63 4.09 -18.65
CA TRP B 584 -10.66 4.35 -17.67
C TRP B 584 -10.89 3.05 -16.89
N SER B 585 -11.05 3.17 -15.53
CA SER B 585 -11.35 2.03 -14.70
C SER B 585 -10.14 1.07 -14.69
N TYR B 586 -10.27 -0.21 -15.09
CA TYR B 586 -9.07 -1.05 -15.22
C TYR B 586 -8.08 -0.40 -16.17
N GLY B 587 -8.56 0.24 -17.21
CA GLY B 587 -7.67 0.95 -18.12
C GLY B 587 -6.90 2.11 -17.49
N GLY B 588 -7.49 2.79 -16.49
CA GLY B 588 -6.71 3.83 -15.83
C GLY B 588 -5.63 3.24 -14.92
N TYR B 589 -6.00 2.14 -14.22
CA TYR B 589 -5.03 1.34 -13.46
C TYR B 589 -3.87 0.96 -14.36
N MET B 590 -4.17 0.56 -15.59
CA MET B 590 -3.13 0.05 -16.49
C MET B 590 -2.29 1.17 -17.05
N THR B 591 -2.88 2.38 -17.20
CA THR B 591 -2.10 3.57 -17.52
C THR B 591 -1.04 3.79 -16.46
N LEU B 592 -1.42 3.70 -15.20
CA LEU B 592 -0.44 3.85 -14.15
C LEU B 592 0.63 2.74 -14.19
N MET B 593 0.22 1.48 -14.26
CA MET B 593 1.18 0.36 -14.27
C MET B 593 2.07 0.45 -15.49
N SER B 594 1.53 0.87 -16.62
CA SER B 594 2.37 0.93 -17.79
C SER B 594 3.36 2.07 -17.68
N MET B 595 2.90 3.22 -17.19
CA MET B 595 3.86 4.32 -17.15
C MET B 595 4.88 4.18 -16.07
N SER B 596 4.70 3.25 -15.15
CA SER B 596 5.74 3.04 -14.14
C SER B 596 6.37 1.63 -14.22
N GLU B 597 6.33 0.99 -15.40
CA GLU B 597 6.89 -0.35 -15.61
C GLU B 597 8.42 -0.36 -15.59
N GLY B 598 9.08 0.76 -15.88
CA GLY B 598 10.53 0.83 -15.84
C GLY B 598 11.16 1.20 -17.16
N THR B 599 10.53 0.82 -18.27
CA THR B 599 10.97 1.29 -19.58
C THR B 599 10.29 2.62 -19.88
N PRO B 600 11.01 3.72 -20.00
CA PRO B 600 10.39 5.07 -20.05
C PRO B 600 9.85 5.39 -21.44
N VAL B 601 8.82 4.68 -21.89
CA VAL B 601 8.34 4.87 -23.27
C VAL B 601 7.22 5.89 -23.46
N PHE B 602 6.51 6.27 -22.39
CA PHE B 602 5.37 7.16 -22.52
C PHE B 602 5.73 8.58 -22.13
N LYS B 603 5.31 9.52 -22.97
CA LYS B 603 5.51 10.94 -22.72
C LYS B 603 4.46 11.51 -21.78
N ALA B 604 3.26 10.93 -21.80
CA ALA B 604 2.13 11.45 -21.05
C ALA B 604 1.07 10.37 -20.95
N GLY B 605 0.19 10.55 -19.98
CA GLY B 605 -0.93 9.61 -19.83
C GLY B 605 -2.03 10.18 -18.95
N VAL B 606 -3.23 9.60 -19.09
CA VAL B 606 -4.39 9.96 -18.29
C VAL B 606 -5.04 8.69 -17.75
N ALA B 607 -5.23 8.64 -16.43
CA ALA B 607 -5.92 7.55 -15.73
C ALA B 607 -7.19 8.07 -15.15
N VAL B 608 -8.30 7.56 -15.63
CA VAL B 608 -9.59 7.98 -15.17
C VAL B 608 -10.18 6.91 -14.25
N ALA B 609 -10.63 7.32 -13.08
CA ALA B 609 -11.26 6.42 -12.16
C ALA B 609 -10.43 5.13 -11.94
N ALA B 610 -9.15 5.26 -11.65
CA ALA B 610 -8.26 4.08 -11.58
C ALA B 610 -8.23 3.40 -10.20
N PRO B 611 -8.30 2.07 -10.12
CA PRO B 611 -7.80 1.40 -8.91
C PRO B 611 -6.31 1.59 -8.78
N THR B 612 -5.84 1.70 -7.54
CA THR B 612 -4.42 1.97 -7.44
C THR B 612 -3.77 0.93 -6.58
N ASP B 613 -4.51 0.35 -5.64
CA ASP B 613 -4.02 -0.75 -4.83
C ASP B 613 -5.21 -1.67 -4.64
N TRP B 614 -5.03 -2.98 -4.85
CA TRP B 614 -6.19 -3.88 -4.92
C TRP B 614 -6.75 -4.07 -3.53
N ARG B 615 -5.95 -3.80 -2.46
CA ARG B 615 -6.69 -3.88 -1.19
C ARG B 615 -7.76 -2.78 -1.03
N PHE B 616 -7.75 -1.70 -1.83
CA PHE B 616 -8.86 -0.74 -1.78
C PHE B 616 -10.11 -1.24 -2.52
N TYR B 617 -9.97 -2.18 -3.42
CA TYR B 617 -11.16 -2.58 -4.21
C TYR B 617 -11.92 -3.69 -3.50
N ASP B 618 -13.00 -4.22 -4.07
CA ASP B 618 -13.96 -5.02 -3.32
C ASP B 618 -13.58 -6.50 -3.25
N THR B 619 -14.34 -7.29 -2.47
CA THR B 619 -14.07 -8.73 -2.31
C THR B 619 -14.26 -9.48 -3.63
N ILE B 620 -15.46 -9.47 -4.23
CA ILE B 620 -15.69 -10.51 -5.25
C ILE B 620 -14.72 -10.43 -6.44
N TYR B 621 -14.55 -9.23 -7.01
CA TYR B 621 -13.68 -9.07 -8.17
C TYR B 621 -12.21 -9.26 -7.77
N THR B 622 -11.73 -8.49 -6.80
CA THR B 622 -10.30 -8.58 -6.47
C THR B 622 -9.87 -10.01 -6.18
N GLU B 623 -10.62 -10.71 -5.30
CA GLU B 623 -10.21 -12.02 -4.82
C GLU B 623 -10.38 -13.08 -5.92
N ARG B 624 -11.38 -12.90 -6.82
CA ARG B 624 -11.45 -13.84 -7.92
C ARG B 624 -10.07 -14.01 -8.57
N PHE B 625 -9.37 -12.92 -8.80
CA PHE B 625 -8.11 -13.02 -9.48
C PHE B 625 -6.90 -13.05 -8.57
N MET B 626 -7.05 -12.61 -7.34
CA MET B 626 -5.89 -12.45 -6.50
C MET B 626 -5.95 -13.10 -5.15
N ARG B 627 -7.09 -13.65 -4.80
CA ARG B 627 -7.30 -14.18 -3.46
C ARG B 627 -7.27 -13.05 -2.42
N THR B 628 -7.08 -13.37 -1.17
CA THR B 628 -7.08 -12.38 -0.13
C THR B 628 -5.73 -11.73 0.11
N PRO B 629 -5.75 -10.55 0.65
CA PRO B 629 -4.45 -9.98 0.89
C PRO B 629 -3.58 -10.83 1.86
N LYS B 630 -4.14 -11.43 2.88
CA LYS B 630 -3.38 -12.31 3.76
C LYS B 630 -2.86 -13.58 3.10
N GLU B 631 -3.65 -14.19 2.24
CA GLU B 631 -3.16 -15.32 1.45
C GLU B 631 -2.09 -14.96 0.42
N ASN B 632 -2.17 -13.79 -0.20
CA ASN B 632 -1.29 -13.40 -1.28
C ASN B 632 -0.58 -12.07 -1.03
N ALA B 633 0.11 -11.95 0.09
CA ALA B 633 0.67 -10.63 0.39
C ALA B 633 1.64 -10.19 -0.71
N GLU B 634 2.54 -11.12 -1.14
CA GLU B 634 3.49 -10.76 -2.21
C GLU B 634 2.76 -10.47 -3.53
N GLY B 635 1.65 -11.10 -3.80
CA GLY B 635 0.96 -10.75 -5.03
C GLY B 635 0.41 -9.34 -5.01
N TYR B 636 -0.32 -8.98 -3.96
CA TYR B 636 -0.89 -7.63 -3.93
C TYR B 636 0.21 -6.60 -3.96
N LYS B 637 1.31 -6.86 -3.26
CA LYS B 637 2.42 -5.92 -3.33
C LYS B 637 2.90 -5.74 -4.77
N GLU B 638 3.01 -6.82 -5.53
CA GLU B 638 3.61 -6.71 -6.87
C GLU B 638 2.61 -6.11 -7.87
N SER B 639 1.35 -6.37 -7.66
CA SER B 639 0.28 -5.76 -8.50
C SER B 639 -0.09 -4.32 -8.13
N SER B 640 0.45 -3.75 -7.05
CA SER B 640 0.04 -2.40 -6.63
C SER B 640 0.71 -1.34 -7.48
N ALA B 641 -0.06 -0.30 -7.89
CA ALA B 641 0.58 0.84 -8.54
C ALA B 641 1.50 1.56 -7.58
N PHE B 642 1.31 1.39 -6.27
CA PHE B 642 2.19 2.05 -5.30
C PHE B 642 3.59 1.52 -5.36
N THR B 643 3.72 0.18 -5.47
CA THR B 643 5.03 -0.45 -5.35
C THR B 643 5.97 0.10 -6.40
N ARG B 644 5.46 0.34 -7.62
CA ARG B 644 6.32 0.76 -8.72
C ARG B 644 6.28 2.25 -9.02
N ALA B 645 5.59 3.06 -8.18
CA ALA B 645 5.41 4.49 -8.48
C ALA B 645 6.71 5.24 -8.61
N ASP B 646 7.76 4.80 -7.91
CA ASP B 646 9.00 5.53 -8.07
C ASP B 646 9.49 5.47 -9.51
N LYS B 647 9.01 4.53 -10.33
CA LYS B 647 9.49 4.45 -11.71
C LYS B 647 8.56 5.17 -12.70
N LEU B 648 7.56 5.89 -12.19
CA LEU B 648 6.65 6.63 -13.05
C LEU B 648 7.42 7.58 -13.95
N HIS B 649 7.20 7.47 -15.22
CA HIS B 649 7.80 8.34 -16.20
C HIS B 649 6.73 8.85 -17.17
N GLY B 650 6.77 10.13 -17.55
CA GLY B 650 5.79 10.83 -18.35
C GLY B 650 4.90 11.74 -17.49
N ASN B 651 4.26 12.71 -18.13
CA ASN B 651 3.31 13.59 -17.41
C ASN B 651 1.98 12.90 -17.31
N LEU B 652 1.45 12.77 -16.08
CA LEU B 652 0.23 12.05 -15.77
C LEU B 652 -0.89 12.99 -15.34
N LEU B 653 -2.12 12.75 -15.82
CA LEU B 653 -3.32 13.38 -15.29
C LEU B 653 -4.19 12.31 -14.63
N LEU B 654 -4.55 12.54 -13.39
CA LEU B 654 -5.45 11.68 -12.66
C LEU B 654 -6.84 12.30 -12.64
N VAL B 655 -7.87 11.52 -13.01
CA VAL B 655 -9.23 12.01 -13.07
C VAL B 655 -10.03 11.08 -12.18
N HIS B 656 -10.91 11.64 -11.34
CA HIS B 656 -11.68 10.72 -10.54
C HIS B 656 -12.98 11.44 -10.15
N GLY B 657 -14.07 10.69 -10.00
CA GLY B 657 -15.29 11.26 -9.40
C GLY B 657 -15.27 11.08 -7.88
N MET B 658 -15.60 12.14 -7.14
CA MET B 658 -15.47 12.01 -5.69
C MET B 658 -16.52 11.15 -5.07
N ALA B 659 -17.65 10.93 -5.72
CA ALA B 659 -18.68 10.04 -5.22
C ALA B 659 -18.64 8.67 -5.89
N ASP B 660 -17.49 8.22 -6.31
CA ASP B 660 -17.39 6.92 -6.95
C ASP B 660 -17.66 5.82 -5.93
N ASP B 661 -18.79 5.18 -6.02
CA ASP B 661 -19.10 4.06 -5.14
C ASP B 661 -18.48 2.75 -5.62
N ASN B 662 -17.76 2.75 -6.72
CA ASN B 662 -17.18 1.54 -7.31
C ASN B 662 -15.67 1.51 -7.06
N VAL B 663 -14.93 2.43 -7.71
CA VAL B 663 -13.50 2.62 -7.39
C VAL B 663 -13.44 3.82 -6.44
N HIS B 664 -13.35 3.58 -5.17
CA HIS B 664 -13.36 4.69 -4.27
C HIS B 664 -12.37 5.79 -4.56
N PHE B 665 -12.75 7.02 -4.24
CA PHE B 665 -11.89 8.18 -4.42
C PHE B 665 -10.62 8.02 -3.57
N GLN B 666 -10.71 7.19 -2.54
CA GLN B 666 -9.57 6.87 -1.69
C GLN B 666 -8.39 6.39 -2.55
N ASN B 667 -8.64 5.66 -3.62
CA ASN B 667 -7.60 5.20 -4.50
C ASN B 667 -6.79 6.36 -5.09
N CYS B 668 -7.48 7.37 -5.59
CA CYS B 668 -6.82 8.53 -6.13
C CYS B 668 -6.10 9.31 -5.05
N ALA B 669 -6.79 9.51 -3.95
CA ALA B 669 -6.21 10.31 -2.86
C ALA B 669 -4.93 9.70 -2.25
N GLU B 670 -4.97 8.41 -1.98
CA GLU B 670 -3.79 7.73 -1.44
C GLU B 670 -2.63 7.66 -2.44
N TYR B 671 -2.92 7.34 -3.68
CA TYR B 671 -1.89 7.30 -4.72
C TYR B 671 -1.26 8.64 -4.99
N ALA B 672 -2.06 9.67 -5.00
CA ALA B 672 -1.54 11.00 -5.19
C ALA B 672 -0.56 11.41 -4.08
N GLU B 673 -0.88 11.12 -2.84
CA GLU B 673 0.02 11.42 -1.74
C GLU B 673 1.34 10.65 -1.88
N HIS B 674 1.23 9.41 -2.29
CA HIS B 674 2.41 8.64 -2.55
C HIS B 674 3.24 9.29 -3.62
N LEU B 675 2.62 9.73 -4.69
CA LEU B 675 3.38 10.47 -5.71
C LEU B 675 3.95 11.73 -5.11
N VAL B 676 3.18 12.43 -4.26
CA VAL B 676 3.71 13.68 -3.73
C VAL B 676 5.01 13.43 -2.98
N GLN B 677 5.02 12.45 -2.09
CA GLN B 677 6.18 12.18 -1.24
C GLN B 677 7.37 11.55 -2.00
N LEU B 678 7.14 10.90 -3.09
CA LEU B 678 8.19 10.54 -4.00
C LEU B 678 8.67 11.71 -4.84
N GLY B 679 8.05 12.89 -4.78
CA GLY B 679 8.55 13.92 -5.67
C GLY B 679 8.11 13.85 -7.13
N LYS B 680 7.08 13.11 -7.48
CA LYS B 680 6.56 13.04 -8.84
C LYS B 680 5.55 14.17 -9.08
N GLN B 681 5.71 14.92 -10.18
CA GLN B 681 4.76 15.94 -10.64
C GLN B 681 3.68 15.25 -11.46
N PHE B 682 2.43 15.66 -11.26
CA PHE B 682 1.28 15.12 -11.97
C PHE B 682 0.23 16.21 -11.87
N ASP B 683 -0.90 15.98 -12.49
CA ASP B 683 -2.03 16.86 -12.66
C ASP B 683 -3.28 16.12 -12.19
N MET B 684 -4.35 16.87 -11.85
CA MET B 684 -5.55 16.23 -11.35
C MET B 684 -6.81 16.91 -11.86
N GLN B 685 -7.90 16.16 -11.91
CA GLN B 685 -9.21 16.76 -12.15
C GLN B 685 -10.21 15.94 -11.35
N VAL B 686 -10.76 16.47 -10.24
CA VAL B 686 -11.65 15.65 -9.47
C VAL B 686 -13.05 16.28 -9.72
N TYR B 687 -14.06 15.43 -9.79
CA TYR B 687 -15.43 15.81 -10.11
C TYR B 687 -16.39 15.63 -8.94
N THR B 688 -16.96 16.75 -8.48
CA THR B 688 -17.78 16.77 -7.30
C THR B 688 -19.03 15.95 -7.49
N ASN B 689 -19.31 15.04 -6.54
CA ASN B 689 -20.56 14.28 -6.58
C ASN B 689 -20.63 13.35 -7.82
N ARG B 690 -19.53 13.03 -8.50
CA ARG B 690 -19.68 12.16 -9.67
C ARG B 690 -19.25 10.76 -9.33
N ASN B 691 -19.82 9.76 -10.00
CA ASN B 691 -19.53 8.37 -9.64
C ASN B 691 -18.53 7.75 -10.65
N HIS B 692 -18.55 6.46 -10.77
CA HIS B 692 -17.64 5.77 -11.66
C HIS B 692 -17.86 6.14 -13.12
N GLY B 693 -19.06 6.61 -13.47
CA GLY B 693 -19.32 7.04 -14.85
C GLY B 693 -18.96 8.50 -15.18
N ILE B 694 -18.62 9.35 -14.18
CA ILE B 694 -18.29 10.77 -14.36
C ILE B 694 -19.18 11.41 -15.46
N TYR B 695 -20.44 11.67 -15.18
CA TYR B 695 -21.35 12.25 -16.18
C TYR B 695 -22.35 13.12 -15.46
N GLY B 696 -22.99 14.03 -16.19
CA GLY B 696 -24.05 14.84 -15.66
C GLY B 696 -23.96 16.26 -16.15
N GLY B 697 -24.97 16.76 -16.83
CA GLY B 697 -24.83 18.07 -17.37
C GLY B 697 -23.66 18.13 -18.33
N ASN B 698 -22.88 19.18 -18.19
CA ASN B 698 -21.76 19.42 -19.06
C ASN B 698 -20.56 18.55 -18.68
N THR B 699 -20.67 17.63 -17.67
CA THR B 699 -19.51 16.90 -17.16
C THR B 699 -18.72 16.15 -18.26
N ARG B 700 -19.39 15.37 -19.14
CA ARG B 700 -18.66 14.58 -20.15
C ARG B 700 -17.94 15.46 -21.14
N GLN B 701 -18.59 16.44 -21.67
CA GLN B 701 -17.89 17.34 -22.57
C GLN B 701 -16.70 18.03 -21.87
N HIS B 702 -16.91 18.47 -20.62
CA HIS B 702 -15.85 19.12 -19.87
C HIS B 702 -14.64 18.20 -19.72
N LEU B 703 -14.87 16.93 -19.40
CA LEU B 703 -13.87 15.93 -19.20
C LEU B 703 -13.10 15.60 -20.46
N TYR B 704 -13.82 15.34 -21.57
CA TYR B 704 -13.10 15.00 -22.81
C TYR B 704 -12.39 16.26 -23.35
N THR B 705 -12.93 17.46 -23.11
CA THR B 705 -12.15 18.63 -23.43
C THR B 705 -10.88 18.68 -22.60
N ARG B 706 -10.96 18.34 -21.30
CA ARG B 706 -9.76 18.34 -20.47
C ARG B 706 -8.69 17.33 -20.95
N LEU B 707 -9.15 16.15 -21.33
CA LEU B 707 -8.26 15.14 -21.84
C LEU B 707 -7.66 15.58 -23.14
N THR B 708 -8.48 16.14 -24.03
CA THR B 708 -7.94 16.60 -25.31
C THR B 708 -6.83 17.59 -25.07
N ASN B 709 -7.13 18.65 -24.28
CA ASN B 709 -6.13 19.69 -24.05
C ASN B 709 -4.89 19.12 -23.39
N PHE B 710 -5.06 18.15 -22.49
CA PHE B 710 -3.91 17.55 -21.79
C PHE B 710 -2.95 16.89 -22.77
N PHE B 711 -3.47 16.08 -23.72
CA PHE B 711 -2.58 15.47 -24.72
C PHE B 711 -2.09 16.50 -25.73
N LEU B 712 -2.90 17.51 -26.07
CA LEU B 712 -2.39 18.55 -26.99
C LEU B 712 -1.18 19.20 -26.40
N ASN B 713 -1.24 19.53 -25.10
CA ASN B 713 -0.16 20.26 -24.45
C ASN B 713 1.03 19.37 -24.15
N ASN B 714 0.83 18.10 -23.77
CA ASN B 714 2.01 17.33 -23.40
C ASN B 714 2.59 16.51 -24.57
N LEU B 715 1.86 16.29 -25.68
CA LEU B 715 2.30 15.59 -26.95
C LEU B 715 2.44 16.37 -28.32
N GLN C 1 26.96 34.50 -8.46
CA GLN C 1 26.41 34.18 -9.77
C GLN C 1 25.64 32.82 -9.80
N LYS C 2 25.45 32.03 -8.71
CA LYS C 2 24.58 30.87 -8.88
C LYS C 2 23.23 31.35 -9.21
N ALA C 3 22.44 30.38 -9.57
CA ALA C 3 21.03 30.58 -9.77
C ALA C 3 20.37 30.07 -8.50
N LEU C 4 19.37 30.80 -8.07
CA LEU C 4 18.55 30.34 -6.98
C LEU C 4 17.98 28.98 -7.31
N ASP C 5 17.94 28.13 -6.29
CA ASP C 5 17.33 26.82 -6.42
C ASP C 5 16.11 26.77 -5.52
N LEU C 6 14.94 26.32 -6.08
CA LEU C 6 13.70 26.32 -5.30
C LEU C 6 13.82 25.54 -4.00
N LYS C 7 14.52 24.40 -4.01
CA LYS C 7 14.59 23.52 -2.83
C LYS C 7 15.32 24.22 -1.71
N ASP C 8 16.31 25.01 -2.05
CA ASP C 8 16.94 25.82 -1.04
C ASP C 8 15.97 26.78 -0.37
N ILE C 9 15.03 27.34 -1.12
CA ILE C 9 14.04 28.25 -0.55
C ILE C 9 13.03 27.50 0.32
N THR C 10 12.52 26.33 -0.14
CA THR C 10 11.52 25.63 0.67
C THR C 10 12.13 24.92 1.87
N SER C 11 13.41 24.56 1.82
CA SER C 11 14.11 23.98 2.97
C SER C 11 14.60 25.04 3.96
N GLY C 12 14.29 26.31 3.74
CA GLY C 12 14.69 27.36 4.64
C GLY C 12 16.21 27.61 4.70
N ARG C 13 16.93 27.33 3.62
CA ARG C 13 18.36 27.55 3.62
C ARG C 13 18.73 29.01 3.74
N PHE C 14 17.85 29.94 3.43
CA PHE C 14 18.19 31.34 3.54
C PHE C 14 17.50 31.96 4.73
N ARG C 15 17.24 31.17 5.73
CA ARG C 15 16.63 31.66 6.93
C ARG C 15 17.55 32.63 7.62
N PRO C 16 17.01 33.81 8.04
CA PRO C 16 17.97 34.62 8.78
C PRO C 16 18.15 34.08 10.19
N GLU C 17 19.33 34.21 10.76
CA GLU C 17 19.53 33.81 12.16
C GLU C 17 18.65 34.66 13.03
N ASN C 18 18.05 34.02 13.99
CA ASN C 18 17.12 34.72 14.83
C ASN C 18 17.29 34.15 16.19
N ILE C 19 16.70 34.81 17.17
CA ILE C 19 16.75 34.26 18.49
C ILE C 19 15.40 33.75 18.88
N GLN C 20 15.37 32.54 19.43
CA GLN C 20 14.13 31.88 19.73
C GLN C 20 13.73 31.80 21.18
N GLY C 21 12.46 32.00 21.45
CA GLY C 21 12.00 31.83 22.80
C GLY C 21 12.64 32.75 23.75
N VAL C 22 12.81 33.99 23.32
CA VAL C 22 13.33 34.94 24.22
C VAL C 22 12.24 35.24 25.19
N ILE C 23 12.49 34.99 26.47
CA ILE C 23 11.54 35.33 27.51
C ILE C 23 12.21 36.30 28.51
N PRO C 24 11.69 37.55 28.65
CA PRO C 24 12.35 38.39 29.62
C PRO C 24 12.13 37.94 31.04
N MET C 25 13.20 37.64 31.81
CA MET C 25 12.98 37.35 33.21
C MET C 25 12.32 38.43 34.01
N PRO C 26 11.61 37.99 35.04
CA PRO C 26 10.84 38.91 35.87
C PRO C 26 11.61 40.05 36.47
N ASP C 27 12.94 39.94 36.68
CA ASP C 27 13.66 41.01 37.37
C ASP C 27 13.65 42.36 36.62
N GLY C 28 13.56 42.34 35.30
CA GLY C 28 13.58 43.59 34.53
C GLY C 28 14.93 43.97 33.97
N GLU C 29 15.93 43.12 34.18
CA GLU C 29 17.29 43.33 33.76
C GLU C 29 17.84 42.21 32.89
N HIS C 30 17.19 41.05 32.82
CA HIS C 30 17.72 39.90 32.13
C HIS C 30 16.67 39.28 31.23
N TYR C 31 17.13 38.49 30.26
CA TYR C 31 16.23 37.66 29.49
C TYR C 31 16.88 36.28 29.31
N THR C 32 16.03 35.30 29.10
CA THR C 32 16.46 33.95 28.78
C THR C 32 16.09 33.55 27.38
N GLN C 33 16.83 32.57 26.91
CA GLN C 33 16.61 32.08 25.58
C GLN C 33 16.88 30.59 25.60
N MET C 34 16.35 29.93 24.62
CA MET C 34 16.47 28.51 24.48
C MET C 34 17.70 28.17 23.65
N SER C 35 18.37 27.05 23.95
CA SER C 35 19.48 26.65 23.11
C SER C 35 18.96 26.08 21.80
N ALA C 36 19.81 26.17 20.75
CA ALA C 36 19.41 25.62 19.45
C ALA C 36 19.25 24.11 19.58
N ASP C 37 20.14 23.47 20.33
CA ASP C 37 19.97 22.06 20.63
C ASP C 37 18.57 21.72 21.10
N GLY C 38 17.84 22.68 21.66
CA GLY C 38 16.61 22.36 22.37
C GLY C 38 16.85 21.64 23.69
N THR C 39 18.07 21.68 24.21
CA THR C 39 18.39 20.97 25.43
C THR C 39 18.75 21.88 26.60
N GLN C 40 18.72 23.20 26.45
CA GLN C 40 19.22 24.10 27.48
C GLN C 40 18.42 25.39 27.52
N ILE C 41 18.46 26.05 28.66
CA ILE C 41 17.92 27.40 28.80
C ILE C 41 18.99 28.25 29.44
N ILE C 42 19.26 29.41 28.83
CA ILE C 42 20.42 30.24 29.18
C ILE C 42 19.96 31.68 29.43
N LYS C 43 20.64 32.34 30.40
CA LYS C 43 20.34 33.71 30.80
C LYS C 43 21.29 34.71 30.23
N TYR C 44 20.82 35.91 29.96
CA TYR C 44 21.64 36.95 29.33
C TYR C 44 21.20 38.29 29.84
N SER C 45 22.07 39.28 29.68
CA SER C 45 21.74 40.61 30.14
C SER C 45 21.22 41.52 29.06
N PHE C 46 20.16 42.23 29.33
CA PHE C 46 19.65 43.19 28.40
C PHE C 46 20.65 44.32 28.18
N ARG C 47 21.29 44.78 29.23
CA ARG C 47 22.26 45.87 29.12
C ARG C 47 23.54 45.58 28.34
N THR C 48 24.11 44.41 28.55
CA THR C 48 25.38 44.09 27.93
C THR C 48 25.36 42.97 26.91
N GLY C 49 24.36 42.10 27.00
CA GLY C 49 24.28 40.97 26.09
C GLY C 49 25.11 39.76 26.43
N GLU C 50 25.74 39.77 27.58
CA GLU C 50 26.60 38.67 27.97
C GLU C 50 25.91 37.43 28.44
N LYS C 51 26.53 36.27 28.21
CA LYS C 51 25.98 35.06 28.78
C LYS C 51 26.23 35.18 30.24
N VAL C 52 25.20 35.02 31.04
CA VAL C 52 25.38 35.08 32.45
C VAL C 52 25.59 33.67 32.95
N GLU C 53 24.60 32.79 32.76
CA GLU C 53 24.71 31.42 33.22
C GLU C 53 23.71 30.57 32.46
N VAL C 54 23.88 29.26 32.50
CA VAL C 54 22.89 28.36 31.94
C VAL C 54 21.96 27.98 33.08
N ILE C 55 20.74 28.47 33.09
CA ILE C 55 19.77 28.05 34.10
C ILE C 55 19.30 26.59 34.09
N PHE C 56 19.23 25.93 32.92
CA PHE C 56 18.76 24.52 32.82
C PHE C 56 19.37 23.73 31.70
N ASP C 57 19.82 22.49 31.93
CA ASP C 57 20.29 21.60 30.86
C ASP C 57 19.75 20.20 31.05
N VAL C 58 19.25 19.57 29.98
CA VAL C 58 18.72 18.22 30.04
C VAL C 58 19.69 17.13 30.39
N ASN C 59 20.86 17.12 29.77
CA ASN C 59 21.86 16.11 30.03
C ASN C 59 22.47 16.27 31.39
N GLN C 60 22.32 17.44 31.99
CA GLN C 60 22.83 17.69 33.31
C GLN C 60 21.75 17.67 34.38
N ALA C 61 20.66 16.97 34.12
CA ALA C 61 19.58 16.99 35.08
C ALA C 61 19.00 15.64 35.31
N ARG C 62 18.39 15.44 36.47
CA ARG C 62 17.86 14.12 36.81
C ARG C 62 16.39 14.08 36.65
N GLU C 63 15.84 12.89 36.43
CA GLU C 63 14.40 12.72 36.15
C GLU C 63 14.06 13.14 34.72
N CYS C 64 15.05 13.27 33.85
CA CYS C 64 14.78 13.75 32.50
C CYS C 64 14.52 12.66 31.46
N ASP C 65 13.26 12.29 31.26
CA ASP C 65 12.90 11.31 30.26
C ASP C 65 13.17 11.83 28.86
N PHE C 66 12.90 13.09 28.66
CA PHE C 66 13.09 13.69 27.36
C PHE C 66 14.49 14.10 27.00
N LYS C 67 14.79 14.09 25.71
CA LYS C 67 16.07 14.59 25.27
C LYS C 67 15.93 15.96 24.60
N ASN C 68 14.72 16.35 24.23
CA ASN C 68 14.50 17.69 23.68
C ASN C 68 13.32 18.37 24.29
N PHE C 69 13.40 19.67 24.49
CA PHE C 69 12.23 20.36 24.96
C PHE C 69 11.73 21.35 23.94
N ASP C 70 10.53 21.88 24.13
CA ASP C 70 9.88 22.74 23.14
C ASP C 70 9.75 24.20 23.55
N SER C 71 9.36 24.49 24.78
CA SER C 71 9.01 25.85 25.19
C SER C 71 9.04 25.91 26.72
N TYR C 72 8.99 27.12 27.25
CA TYR C 72 9.12 27.29 28.69
C TYR C 72 8.56 28.64 29.11
N GLN C 73 8.30 28.74 30.41
CA GLN C 73 7.69 29.90 31.02
C GLN C 73 8.29 30.09 32.40
N PHE C 74 8.09 31.29 32.97
CA PHE C 74 8.57 31.61 34.31
C PHE C 74 7.47 31.90 35.27
N SER C 75 7.70 31.59 36.55
CA SER C 75 6.74 31.96 37.56
C SER C 75 6.81 33.45 37.74
N PRO C 76 5.74 34.06 38.18
CA PRO C 76 5.89 35.48 38.42
C PRO C 76 6.87 35.75 39.59
N ASP C 77 6.95 34.86 40.57
CA ASP C 77 7.93 34.98 41.66
C ASP C 77 9.35 34.89 41.10
N GLY C 78 9.53 34.26 39.94
CA GLY C 78 10.83 34.10 39.32
C GLY C 78 11.59 32.89 39.81
N ASP C 79 11.03 32.10 40.74
CA ASP C 79 11.73 30.98 41.35
C ASP C 79 11.54 29.65 40.62
N LYS C 80 10.64 29.59 39.63
CA LYS C 80 10.29 28.32 39.01
C LYS C 80 10.11 28.50 37.52
N LEU C 81 10.46 27.44 36.79
CA LEU C 81 10.21 27.30 35.36
C LEU C 81 9.14 26.24 35.13
N LEU C 82 8.23 26.50 34.20
CA LEU C 82 7.34 25.47 33.66
C LEU C 82 7.82 25.15 32.24
N ILE C 83 8.11 23.88 31.97
CA ILE C 83 8.72 23.44 30.71
C ILE C 83 7.81 22.45 29.96
N ALA C 84 7.74 22.60 28.64
CA ALA C 84 6.81 21.82 27.84
C ALA C 84 7.57 20.86 26.94
N THR C 85 7.06 19.65 26.88
CA THR C 85 7.64 18.64 26.04
C THR C 85 6.52 18.01 25.26
N ARG C 86 6.85 17.31 24.20
CA ARG C 86 5.88 16.59 23.41
C ARG C 86 4.74 17.44 22.86
N THR C 87 5.03 18.66 22.49
CA THR C 87 4.00 19.53 21.98
C THR C 87 3.26 18.91 20.81
N THR C 88 1.96 18.73 20.98
CA THR C 88 1.11 18.16 19.95
C THR C 88 0.10 19.21 19.51
N PRO C 89 0.24 19.83 18.34
CA PRO C 89 -0.71 20.86 17.90
C PRO C 89 -2.11 20.32 17.71
N ILE C 90 -3.08 21.21 17.92
CA ILE C 90 -4.48 20.91 17.69
C ILE C 90 -4.95 21.80 16.56
N TYR C 91 -5.13 23.09 16.82
CA TYR C 91 -5.37 24.02 15.70
C TYR C 91 -4.24 25.02 15.59
N ARG C 92 -4.53 26.24 15.18
CA ARG C 92 -3.41 27.16 14.96
C ARG C 92 -2.72 27.47 16.27
N HIS C 93 -3.46 27.75 17.35
CA HIS C 93 -2.82 28.18 18.60
C HIS C 93 -2.81 27.13 19.72
N SER C 94 -3.66 26.10 19.66
CA SER C 94 -3.89 25.14 20.73
C SER C 94 -3.00 23.92 20.58
N TYR C 95 -2.69 23.32 21.71
CA TYR C 95 -1.83 22.16 21.72
C TYR C 95 -1.93 21.53 23.09
N THR C 96 -1.59 20.26 23.13
CA THR C 96 -1.29 19.59 24.38
C THR C 96 0.22 19.49 24.48
N ALA C 97 0.73 19.50 25.70
CA ALA C 97 2.13 19.23 26.02
C ALA C 97 2.24 18.57 27.39
N VAL C 98 3.26 17.75 27.60
CA VAL C 98 3.59 17.26 28.93
C VAL C 98 4.48 18.30 29.58
N HIS C 99 3.98 18.96 30.61
CA HIS C 99 4.74 19.99 31.29
C HIS C 99 5.45 19.49 32.56
N TYR C 100 6.48 20.25 32.94
CA TYR C 100 7.35 19.92 34.03
C TYR C 100 7.68 21.18 34.81
N ILE C 101 7.68 21.09 36.14
CA ILE C 101 8.06 22.21 36.99
C ILE C 101 9.51 22.05 37.38
N TYR C 102 10.30 23.08 37.19
CA TYR C 102 11.71 23.02 37.51
C TYR C 102 12.09 24.18 38.40
N PRO C 103 12.64 23.87 39.57
CA PRO C 103 12.93 24.96 40.48
C PRO C 103 14.23 25.63 40.16
N LEU C 104 14.27 26.94 40.30
CA LEU C 104 15.52 27.63 40.09
C LEU C 104 16.23 27.81 41.42
N LYS C 105 16.96 26.79 41.84
CA LYS C 105 17.59 26.87 43.12
C LYS C 105 19.08 26.74 42.99
N ARG C 106 19.81 27.71 43.53
CA ARG C 106 21.25 27.58 43.51
C ARG C 106 21.63 26.45 44.44
N ASN C 107 22.40 25.50 43.94
CA ASN C 107 22.74 24.31 44.70
C ASN C 107 24.01 24.39 45.49
N ASP C 108 24.54 23.23 45.87
CA ASP C 108 25.79 23.17 46.62
C ASP C 108 26.97 23.80 45.90
N LYS C 109 27.05 23.61 44.60
CA LYS C 109 28.11 24.25 43.85
C LYS C 109 27.69 25.57 43.20
N GLY C 110 26.51 26.08 43.56
CA GLY C 110 26.04 27.37 43.05
C GLY C 110 25.33 27.38 41.71
N VAL C 111 25.09 26.21 41.15
CA VAL C 111 24.49 26.14 39.84
C VAL C 111 23.05 25.65 39.88
N THR C 112 22.21 26.21 39.00
CA THR C 112 20.79 25.85 39.00
C THR C 112 20.58 24.67 38.12
N THR C 113 21.64 24.19 37.51
CA THR C 113 21.56 23.07 36.60
C THR C 113 21.10 21.71 37.12
N ASN C 114 21.36 21.39 38.38
CA ASN C 114 21.05 20.05 38.89
C ASN C 114 19.88 19.91 39.90
N ASN C 115 18.99 20.89 39.97
CA ASN C 115 17.82 20.75 40.82
C ASN C 115 16.86 19.73 40.21
N ILE C 116 15.85 19.31 40.94
CA ILE C 116 14.98 18.23 40.44
C ILE C 116 13.75 18.60 39.56
N ILE C 117 13.53 17.83 38.50
CA ILE C 117 12.41 18.10 37.60
C ILE C 117 11.16 17.28 37.88
N GLU C 118 10.03 17.95 38.00
CA GLU C 118 8.79 17.27 38.37
C GLU C 118 7.68 17.37 37.34
N ARG C 119 7.00 16.27 37.05
CA ARG C 119 5.85 16.28 36.16
C ARG C 119 4.83 17.23 36.69
N LEU C 120 4.25 18.04 35.81
CA LEU C 120 3.19 18.90 36.31
C LEU C 120 2.01 18.05 36.75
N SER C 121 1.84 16.85 36.17
CA SER C 121 0.71 16.02 36.46
C SER C 121 1.03 14.55 36.15
N ASP C 122 0.58 13.62 37.01
CA ASP C 122 0.59 12.20 36.67
C ASP C 122 -0.48 11.82 35.69
N GLY C 123 -1.47 12.68 35.47
CA GLY C 123 -2.47 12.44 34.44
C GLY C 123 -1.97 12.74 33.04
N GLY C 124 -2.86 13.03 32.13
CA GLY C 124 -2.44 13.17 30.77
C GLY C 124 -1.87 14.52 30.42
N PRO C 125 -1.48 14.69 29.16
CA PRO C 125 -0.93 15.99 28.71
C PRO C 125 -1.89 17.14 28.94
N GLN C 126 -1.33 18.34 29.16
CA GLN C 126 -2.09 19.48 29.61
C GLN C 126 -2.13 20.62 28.59
N GLN C 127 -3.08 21.53 28.77
CA GLN C 127 -3.25 22.68 27.89
C GLN C 127 -3.19 23.98 28.68
N VAL C 128 -2.69 25.03 28.06
CA VAL C 128 -2.66 26.40 28.55
C VAL C 128 -2.37 26.54 30.05
N PRO C 129 -1.35 25.91 30.61
CA PRO C 129 -1.08 26.14 32.03
C PRO C 129 -0.64 27.57 32.28
N VAL C 130 -1.06 28.13 33.44
CA VAL C 130 -0.81 29.51 33.82
C VAL C 130 -0.61 29.57 35.34
N PHE C 131 0.38 30.35 35.77
CA PHE C 131 0.71 30.54 37.18
C PHE C 131 -0.22 31.53 37.84
N SER C 132 -0.39 31.37 39.16
CA SER C 132 -1.01 32.42 39.93
C SER C 132 -0.02 33.57 40.17
N PRO C 133 -0.53 34.75 40.42
CA PRO C 133 0.36 35.90 40.56
C PRO C 133 1.44 35.67 41.61
N ASP C 134 1.14 34.93 42.67
CA ASP C 134 2.17 34.64 43.66
C ASP C 134 3.06 33.48 43.27
N GLY C 135 2.71 32.75 42.21
CA GLY C 135 3.50 31.61 41.81
C GLY C 135 3.23 30.35 42.60
N THR C 136 2.23 30.34 43.50
CA THR C 136 1.93 29.18 44.32
C THR C 136 1.04 28.15 43.63
N MET C 137 0.35 28.50 42.54
CA MET C 137 -0.62 27.60 41.94
C MET C 137 -0.47 27.63 40.42
N ILE C 138 -0.80 26.51 39.79
CA ILE C 138 -0.82 26.37 38.34
C ILE C 138 -2.17 25.80 38.00
N ALA C 139 -2.93 26.49 37.14
CA ALA C 139 -4.16 25.96 36.58
C ALA C 139 -3.93 25.55 35.13
N PHE C 140 -4.48 24.42 34.71
CA PHE C 140 -4.33 23.96 33.32
C PHE C 140 -5.63 23.32 32.86
N VAL C 141 -5.71 22.94 31.58
CA VAL C 141 -6.89 22.34 31.00
C VAL C 141 -6.54 20.99 30.42
N ARG C 142 -7.43 20.03 30.58
CA ARG C 142 -7.24 18.72 29.98
C ARG C 142 -8.62 18.09 29.79
N ASP C 143 -8.86 17.53 28.60
CA ASP C 143 -10.17 16.92 28.30
C ASP C 143 -11.28 17.92 28.63
N ASN C 144 -11.01 19.19 28.28
CA ASN C 144 -11.96 20.28 28.39
C ASN C 144 -12.34 20.66 29.84
N ASN C 145 -11.57 20.23 30.87
CA ASN C 145 -11.78 20.60 32.26
C ASN C 145 -10.57 21.33 32.82
N ILE C 146 -10.81 22.08 33.86
CA ILE C 146 -9.75 22.83 34.53
C ILE C 146 -9.24 22.06 35.74
N PHE C 147 -7.92 22.01 35.87
CA PHE C 147 -7.28 21.37 37.01
C PHE C 147 -6.33 22.35 37.70
N LEU C 148 -6.23 22.24 39.02
CA LEU C 148 -5.40 23.15 39.82
C LEU C 148 -4.33 22.43 40.56
N VAL C 149 -3.10 22.87 40.39
CA VAL C 149 -2.00 22.27 41.08
C VAL C 149 -1.44 23.25 42.13
N LYS C 150 -1.43 22.83 43.40
CA LYS C 150 -0.95 23.70 44.49
C LYS C 150 0.46 23.29 44.84
N LEU C 151 1.43 24.09 44.45
CA LEU C 151 2.84 23.80 44.64
C LEU C 151 3.37 23.78 46.08
N LEU C 152 2.88 24.68 46.92
CA LEU C 152 3.27 24.69 48.31
C LEU C 152 2.79 23.40 48.95
N TYR C 153 1.60 22.94 48.58
CA TYR C 153 1.07 21.71 49.11
C TYR C 153 1.33 20.45 48.34
N GLY C 154 2.57 20.16 48.03
CA GLY C 154 2.91 18.91 47.34
C GLY C 154 2.50 18.68 45.89
N ASN C 155 2.42 19.73 45.08
CA ASN C 155 1.95 19.61 43.68
C ASN C 155 0.65 18.85 43.71
N SER C 156 -0.25 19.29 44.56
CA SER C 156 -1.52 18.64 44.71
C SER C 156 -2.54 19.06 43.69
N GLU C 157 -3.16 18.10 43.05
CA GLU C 157 -4.09 18.40 41.98
C GLU C 157 -5.54 18.18 42.28
N SER C 158 -6.35 19.19 42.02
CA SER C 158 -7.77 19.12 42.23
C SER C 158 -8.46 19.41 40.90
N GLN C 159 -9.64 18.83 40.69
CA GLN C 159 -10.38 19.08 39.47
C GLN C 159 -11.33 20.19 39.73
N VAL C 160 -11.25 21.24 38.92
CA VAL C 160 -12.09 22.43 39.18
C VAL C 160 -13.46 22.37 38.49
N THR C 161 -13.57 21.76 37.34
CA THR C 161 -14.83 21.75 36.61
C THR C 161 -15.08 20.32 36.27
N GLU C 162 -16.36 19.93 36.00
CA GLU C 162 -16.32 18.53 35.65
C GLU C 162 -17.35 18.19 34.53
N ASP C 163 -17.95 19.21 33.93
CA ASP C 163 -18.87 19.04 32.81
C ASP C 163 -18.18 19.20 31.47
N GLY C 164 -16.87 19.35 31.46
CA GLY C 164 -16.15 19.43 30.20
C GLY C 164 -16.40 18.17 29.42
N LYS C 165 -16.44 18.31 28.07
CA LYS C 165 -16.76 17.17 27.22
C LYS C 165 -16.47 17.44 25.76
N GLN C 166 -15.92 16.47 24.95
CA GLN C 166 -15.77 16.92 23.56
C GLN C 166 -17.01 17.23 22.80
N ASN C 167 -16.82 18.27 22.10
CA ASN C 167 -17.71 18.79 21.14
C ASN C 167 -18.95 19.27 21.80
N SER C 168 -18.84 19.53 23.10
CA SER C 168 -20.01 19.92 23.84
C SER C 168 -19.74 21.06 24.81
N VAL C 169 -18.84 20.88 25.78
CA VAL C 169 -18.55 21.92 26.76
C VAL C 169 -17.05 22.04 26.94
N LEU C 170 -16.52 23.27 26.78
CA LEU C 170 -15.11 23.53 26.99
C LEU C 170 -14.96 24.50 28.17
N ASN C 171 -14.06 24.19 29.09
CA ASN C 171 -13.77 25.06 30.22
C ASN C 171 -12.35 25.64 30.11
N GLY C 172 -12.24 26.93 29.98
CA GLY C 172 -10.95 27.58 30.05
C GLY C 172 -10.18 27.69 28.74
N ILE C 173 -10.62 27.06 27.66
CA ILE C 173 -10.02 27.13 26.32
C ILE C 173 -11.14 27.36 25.36
N PRO C 174 -10.92 28.10 24.30
CA PRO C 174 -11.98 28.42 23.36
C PRO C 174 -12.27 27.32 22.35
N ASP C 175 -13.44 27.48 21.70
CA ASP C 175 -13.83 26.58 20.63
C ASP C 175 -13.05 26.95 19.37
N TRP C 176 -13.32 26.26 18.24
CA TRP C 176 -12.49 26.44 17.06
C TRP C 176 -12.54 27.91 16.57
N VAL C 177 -13.75 28.43 16.38
CA VAL C 177 -13.88 29.74 15.73
C VAL C 177 -13.37 30.87 16.67
N TYR C 178 -13.60 30.78 17.99
CA TYR C 178 -13.03 31.82 18.87
C TYR C 178 -11.51 31.79 18.80
N GLU C 179 -10.93 30.55 18.88
CA GLU C 179 -9.48 30.39 18.85
C GLU C 179 -8.88 31.02 17.61
N GLU C 180 -9.43 30.70 16.44
CA GLU C 180 -8.93 31.19 15.16
C GLU C 180 -9.20 32.66 15.00
N GLU C 181 -10.39 33.10 15.33
CA GLU C 181 -10.78 34.46 14.98
C GLU C 181 -10.56 35.54 16.07
N PHE C 182 -10.56 35.18 17.32
CA PHE C 182 -10.14 36.15 18.33
C PHE C 182 -8.68 35.92 18.69
N GLY C 183 -8.03 34.94 18.04
CA GLY C 183 -6.61 34.77 18.10
C GLY C 183 -6.09 34.51 19.51
N PHE C 184 -6.55 33.45 20.22
CA PHE C 184 -6.10 33.19 21.59
C PHE C 184 -6.39 31.73 21.91
N ASN C 185 -5.73 31.17 22.93
CA ASN C 185 -5.94 29.77 23.28
C ASN C 185 -6.28 29.56 24.74
N ARG C 186 -6.29 30.61 25.57
CA ARG C 186 -6.56 30.41 26.97
C ARG C 186 -7.54 31.44 27.49
N ALA C 187 -8.60 30.96 28.20
CA ALA C 187 -9.54 31.81 28.93
C ALA C 187 -9.59 31.35 30.36
N LEU C 188 -8.50 31.53 31.06
CA LEU C 188 -8.35 31.05 32.42
C LEU C 188 -7.43 32.02 33.12
N GLU C 189 -7.89 32.62 34.21
CA GLU C 189 -7.11 33.62 34.94
C GLU C 189 -7.10 33.42 36.46
N PHE C 190 -6.08 33.95 37.09
CA PHE C 190 -5.98 33.88 38.54
C PHE C 190 -6.07 35.30 39.06
N SER C 191 -6.70 35.48 40.20
CA SER C 191 -6.85 36.80 40.77
C SER C 191 -5.66 37.42 41.40
N ALA C 192 -5.69 38.73 41.49
CA ALA C 192 -4.64 39.43 42.18
C ALA C 192 -4.68 39.01 43.65
N ASP C 193 -5.87 38.81 44.20
CA ASP C 193 -6.00 38.32 45.58
C ASP C 193 -5.39 36.95 45.70
N ASN C 194 -5.35 36.15 44.62
CA ASN C 194 -4.82 34.77 44.59
C ASN C 194 -5.84 33.87 45.16
N THR C 195 -7.03 34.43 45.32
CA THR C 195 -8.11 33.70 45.89
C THR C 195 -9.19 33.22 44.95
N MET C 196 -9.19 33.73 43.72
CA MET C 196 -10.20 33.33 42.75
C MET C 196 -9.66 32.95 41.37
N ILE C 197 -10.28 31.98 40.75
CA ILE C 197 -9.88 31.55 39.42
C ILE C 197 -11.03 31.95 38.56
N ALA C 198 -10.76 32.59 37.42
CA ALA C 198 -11.83 32.92 36.52
C ALA C 198 -11.62 32.19 35.20
N PHE C 199 -12.71 31.81 34.55
CA PHE C 199 -12.58 31.15 33.26
C PHE C 199 -13.86 31.36 32.45
N ILE C 200 -13.75 31.17 31.11
CA ILE C 200 -14.92 31.18 30.24
C ILE C 200 -15.32 29.74 29.99
N ARG C 201 -16.62 29.50 29.97
CA ARG C 201 -17.21 28.21 29.65
C ARG C 201 -17.95 28.36 28.31
N PHE C 202 -17.57 27.53 27.34
CA PHE C 202 -18.19 27.51 26.01
C PHE C 202 -19.08 26.29 25.90
N ASP C 203 -20.33 26.52 25.61
CA ASP C 203 -21.29 25.46 25.38
C ASP C 203 -21.54 25.47 23.87
N GLU C 204 -20.83 24.59 23.16
CA GLU C 204 -20.99 24.45 21.72
C GLU C 204 -21.93 23.33 21.33
N SER C 205 -22.80 22.88 22.24
CA SER C 205 -23.60 21.69 21.92
C SER C 205 -24.57 21.97 20.78
N GLU C 206 -24.99 23.22 20.64
CA GLU C 206 -25.91 23.58 19.59
C GLU C 206 -25.20 24.22 18.43
N VAL C 207 -23.88 24.25 18.46
CA VAL C 207 -23.15 24.66 17.27
C VAL C 207 -23.17 23.51 16.26
N PRO C 208 -23.27 23.76 14.94
CA PRO C 208 -23.27 22.65 13.97
C PRO C 208 -21.98 21.83 13.92
N SER C 209 -22.06 20.50 13.73
CA SER C 209 -20.84 19.72 13.54
C SER C 209 -20.44 19.79 12.11
N TYR C 210 -19.16 19.63 11.88
CA TYR C 210 -18.61 19.52 10.55
C TYR C 210 -17.66 18.33 10.54
N SER C 211 -17.62 17.55 9.48
CA SER C 211 -16.80 16.37 9.29
C SER C 211 -16.15 16.29 7.90
N PHE C 212 -14.85 15.87 7.82
CA PHE C 212 -14.23 15.58 6.53
C PHE C 212 -13.43 14.28 6.60
N PRO C 213 -13.24 13.61 5.46
CA PRO C 213 -12.55 12.32 5.51
C PRO C 213 -11.11 12.51 5.90
N MET C 214 -10.56 11.46 6.53
CA MET C 214 -9.12 11.31 6.76
C MET C 214 -8.71 10.02 6.11
N PHE C 215 -7.64 10.05 5.34
CA PHE C 215 -7.10 8.80 4.77
C PHE C 215 -5.85 8.40 5.53
N ALA C 216 -5.21 7.28 5.17
CA ALA C 216 -3.90 6.95 5.80
C ALA C 216 -2.86 8.01 5.46
N GLY C 217 -2.66 8.30 4.18
CA GLY C 217 -1.72 9.31 3.79
C GLY C 217 -0.29 8.96 4.12
N GLU C 218 0.54 9.98 4.05
CA GLU C 218 1.94 9.77 4.38
C GLU C 218 2.41 11.04 5.09
N ALA C 219 3.46 10.88 5.89
CA ALA C 219 4.15 12.01 6.50
C ALA C 219 3.16 12.96 7.16
N PRO C 220 2.45 12.50 8.17
CA PRO C 220 2.53 11.18 8.77
C PRO C 220 1.57 10.22 8.10
N GLN C 221 1.84 8.96 8.18
CA GLN C 221 0.84 7.96 7.83
C GLN C 221 -0.08 7.70 9.02
N ILE C 222 -1.38 7.67 8.80
CA ILE C 222 -2.35 7.34 9.84
C ILE C 222 -2.69 5.86 9.64
N THR C 223 -1.87 4.99 10.23
CA THR C 223 -1.87 3.58 9.87
C THR C 223 -3.20 2.89 10.17
N PRO C 224 -3.99 3.24 11.20
CA PRO C 224 -5.31 2.60 11.31
C PRO C 224 -6.19 2.80 10.07
N LEU C 225 -5.88 3.77 9.24
CA LEU C 225 -6.79 4.05 8.12
C LEU C 225 -6.32 3.42 6.82
N LYS C 226 -5.40 2.45 6.90
CA LYS C 226 -4.76 1.95 5.70
C LYS C 226 -5.78 1.30 4.74
N ASP C 227 -6.84 0.70 5.26
CA ASP C 227 -7.82 0.02 4.41
C ASP C 227 -9.14 0.78 4.30
N TYR C 228 -9.73 1.23 5.42
CA TYR C 228 -10.97 1.97 5.42
C TYR C 228 -10.68 3.35 5.96
N PRO C 229 -11.07 4.36 5.27
CA PRO C 229 -10.74 5.72 5.72
C PRO C 229 -11.55 6.09 6.97
N GLY C 230 -11.08 7.11 7.67
CA GLY C 230 -11.90 7.58 8.79
C GLY C 230 -12.33 9.00 8.56
N GLU C 231 -12.54 9.74 9.65
CA GLU C 231 -12.98 11.13 9.51
C GLU C 231 -12.54 11.95 10.72
N TYR C 232 -12.59 13.27 10.57
CA TYR C 232 -12.39 14.20 11.65
C TYR C 232 -13.66 15.03 11.81
N THR C 233 -14.18 15.15 13.06
CA THR C 233 -15.41 15.91 13.34
C THR C 233 -15.16 16.93 14.42
N TYR C 234 -15.79 18.11 14.27
CA TYR C 234 -15.63 19.19 15.23
C TYR C 234 -16.76 20.20 14.99
N LYS C 235 -16.91 21.14 15.92
CA LYS C 235 -17.92 22.14 15.85
C LYS C 235 -17.38 23.33 15.10
N TYR C 236 -18.13 23.74 14.04
CA TYR C 236 -17.72 24.83 13.16
C TYR C 236 -18.98 25.52 12.67
N PRO C 237 -19.26 26.71 13.18
CA PRO C 237 -20.43 27.46 12.70
C PRO C 237 -20.10 28.25 11.46
N LYS C 238 -20.83 28.00 10.34
CA LYS C 238 -20.65 28.84 9.16
C LYS C 238 -21.40 30.15 9.31
N ALA C 239 -21.08 31.12 8.45
CA ALA C 239 -21.72 32.48 8.55
C ALA C 239 -23.21 32.35 8.87
N GLY C 240 -23.67 33.08 9.91
CA GLY C 240 -25.09 33.13 10.27
C GLY C 240 -25.59 31.95 11.10
N TYR C 241 -24.79 30.93 11.29
CA TYR C 241 -25.17 29.81 12.15
C TYR C 241 -24.82 30.11 13.62
N PRO C 242 -25.34 29.35 14.56
CA PRO C 242 -25.24 29.75 15.97
C PRO C 242 -23.86 29.53 16.51
N ASN C 243 -23.42 30.49 17.34
CA ASN C 243 -22.14 30.42 18.06
C ASN C 243 -22.32 29.73 19.41
N SER C 244 -21.19 29.39 20.02
CA SER C 244 -21.20 28.81 21.35
C SER C 244 -21.89 29.74 22.30
N LYS C 245 -22.65 29.17 23.21
CA LYS C 245 -23.12 29.96 24.35
C LYS C 245 -21.99 30.08 25.36
N VAL C 246 -21.71 31.28 25.90
CA VAL C 246 -20.51 31.46 26.69
C VAL C 246 -20.84 32.17 28.00
N GLU C 247 -20.10 31.84 29.05
CA GLU C 247 -20.30 32.54 30.29
C GLU C 247 -19.00 32.54 31.06
N VAL C 248 -18.91 33.46 31.99
CA VAL C 248 -17.76 33.61 32.83
C VAL C 248 -18.08 33.06 34.18
N ARG C 249 -17.19 32.27 34.72
CA ARG C 249 -17.42 31.66 35.97
C ARG C 249 -16.23 31.80 36.83
N THR C 250 -16.44 31.82 38.16
CA THR C 250 -15.35 31.88 39.10
C THR C 250 -15.36 30.76 40.11
N TYR C 251 -14.18 30.38 40.56
CA TYR C 251 -14.05 29.36 41.53
C TYR C 251 -13.26 29.93 42.69
N ASP C 252 -13.75 29.81 43.92
CA ASP C 252 -12.98 30.25 45.10
C ASP C 252 -12.07 29.13 45.48
N ILE C 253 -10.79 29.40 45.49
CA ILE C 253 -9.87 28.32 45.75
C ILE C 253 -10.03 27.70 47.14
N LYS C 254 -10.13 28.51 48.18
CA LYS C 254 -10.42 27.95 49.52
C LYS C 254 -11.82 27.44 49.75
N SER C 255 -12.82 28.17 49.30
CA SER C 255 -14.21 27.72 49.40
C SER C 255 -14.62 26.51 48.53
N HIS C 256 -14.09 26.36 47.31
CA HIS C 256 -14.49 25.32 46.33
C HIS C 256 -15.83 25.62 45.78
N VAL C 257 -16.26 26.87 45.91
CA VAL C 257 -17.54 27.27 45.43
C VAL C 257 -17.41 27.86 44.05
N THR C 258 -18.33 27.54 43.16
CA THR C 258 -18.32 28.09 41.84
C THR C 258 -19.48 29.01 41.57
N ARG C 259 -19.20 30.18 41.00
CA ARG C 259 -20.25 31.12 40.66
C ARG C 259 -20.20 31.59 39.21
N THR C 260 -21.30 32.10 38.71
CA THR C 260 -21.38 32.61 37.37
C THR C 260 -21.56 34.13 37.42
N MET C 261 -20.74 34.88 36.68
CA MET C 261 -20.89 36.32 36.61
C MET C 261 -22.18 36.73 35.88
N LYS C 262 -22.92 37.71 36.41
CA LYS C 262 -24.12 38.17 35.70
C LYS C 262 -23.82 39.22 34.72
N LEU C 263 -23.07 38.84 33.70
CA LEU C 263 -22.71 39.74 32.67
C LEU C 263 -23.95 39.97 31.90
N PRO C 264 -24.29 41.28 31.67
CA PRO C 264 -25.41 41.44 30.78
C PRO C 264 -24.86 41.40 29.35
N ILE C 265 -25.07 40.30 28.64
CA ILE C 265 -24.55 40.17 27.30
C ILE C 265 -25.67 39.77 26.41
N ASP C 266 -25.58 40.17 25.16
CA ASP C 266 -26.59 39.80 24.20
C ASP C 266 -26.60 38.29 24.04
N ALA C 267 -27.76 37.77 23.71
CA ALA C 267 -27.87 36.32 23.60
C ALA C 267 -26.90 35.76 22.56
N ASP C 268 -26.54 36.54 21.59
CA ASP C 268 -25.71 36.06 20.53
C ASP C 268 -24.41 36.84 20.47
N GLY C 269 -24.02 37.43 21.61
CA GLY C 269 -22.77 38.17 21.71
C GLY C 269 -21.57 37.26 22.00
N TYR C 270 -20.39 37.86 22.02
CA TYR C 270 -19.13 37.19 22.20
C TYR C 270 -18.42 37.71 23.45
N ILE C 271 -17.58 36.86 24.03
CA ILE C 271 -16.61 37.21 25.06
C ILE C 271 -15.21 36.86 24.55
N PRO C 272 -14.54 37.76 23.81
CA PRO C 272 -13.20 37.45 23.27
C PRO C 272 -12.10 37.32 24.33
N ARG C 273 -12.26 37.92 25.52
CA ARG C 273 -11.22 37.85 26.53
C ARG C 273 -11.82 38.06 27.90
N ILE C 274 -11.13 37.51 28.87
CA ILE C 274 -11.26 37.90 30.27
C ILE C 274 -9.84 38.15 30.78
N ARG C 275 -9.72 39.07 31.71
CA ARG C 275 -8.41 39.45 32.22
C ARG C 275 -8.65 39.94 33.62
N PHE C 276 -8.03 39.34 34.64
CA PHE C 276 -8.06 40.01 35.95
C PHE C 276 -7.24 41.31 36.00
N THR C 277 -7.83 42.37 36.58
CA THR C 277 -7.17 43.66 36.76
C THR C 277 -6.28 43.58 37.99
N LYS C 278 -5.68 44.70 38.37
CA LYS C 278 -4.89 44.71 39.60
C LYS C 278 -5.74 44.66 40.87
N ASP C 279 -6.94 45.25 40.84
CA ASP C 279 -7.94 45.12 41.89
C ASP C 279 -8.58 43.73 41.85
N ALA C 280 -8.55 43.05 43.02
CA ALA C 280 -9.00 41.68 43.10
C ALA C 280 -10.45 41.55 42.74
N SER C 281 -11.30 42.45 43.19
CA SER C 281 -12.73 42.25 42.97
C SER C 281 -13.24 42.98 41.70
N LYS C 282 -12.32 43.19 40.75
CA LYS C 282 -12.67 43.59 39.39
C LYS C 282 -12.02 42.63 38.36
N LEU C 283 -12.83 41.93 37.62
CA LEU C 283 -12.35 41.06 36.54
C LEU C 283 -12.82 41.70 35.27
N ALA C 284 -11.90 42.12 34.41
CA ALA C 284 -12.30 42.66 33.11
C ALA C 284 -12.86 41.54 32.26
N VAL C 285 -14.05 41.76 31.71
CA VAL C 285 -14.69 40.88 30.77
C VAL C 285 -14.94 41.70 29.53
N MET C 286 -14.39 41.25 28.41
CA MET C 286 -14.51 41.98 27.15
C MET C 286 -15.66 41.39 26.34
N THR C 287 -16.58 42.24 25.86
CA THR C 287 -17.75 41.72 25.16
C THR C 287 -17.94 42.45 23.85
N LEU C 288 -18.41 41.73 22.84
CA LEU C 288 -18.84 42.32 21.58
C LEU C 288 -20.28 41.90 21.31
N ASN C 289 -21.03 42.74 20.62
CA ASN C 289 -22.21 42.19 20.01
C ASN C 289 -21.86 41.38 18.76
N ARG C 290 -22.88 40.68 18.23
CA ARG C 290 -22.64 39.81 17.09
C ARG C 290 -22.19 40.62 15.89
N HIS C 291 -22.71 41.85 15.73
CA HIS C 291 -22.23 42.75 14.69
C HIS C 291 -20.81 43.19 14.93
N GLN C 292 -20.24 42.95 16.12
CA GLN C 292 -18.81 43.25 16.39
C GLN C 292 -18.47 44.71 16.21
N ASP C 293 -19.44 45.62 16.40
CA ASP C 293 -19.22 47.07 16.25
C ASP C 293 -19.41 47.87 17.52
N ARG C 294 -19.65 47.13 18.60
CA ARG C 294 -19.71 47.58 19.95
C ARG C 294 -19.10 46.73 21.03
N PHE C 295 -17.98 47.27 21.46
CA PHE C 295 -17.11 46.68 22.46
C PHE C 295 -17.50 47.29 23.79
N ASP C 296 -18.05 46.48 24.70
CA ASP C 296 -18.42 46.89 26.06
C ASP C 296 -17.42 46.18 26.98
N LEU C 297 -16.65 46.96 27.71
CA LEU C 297 -15.73 46.44 28.72
C LEU C 297 -16.44 46.46 30.07
N TYR C 298 -16.62 45.27 30.66
CA TYR C 298 -17.27 45.15 31.95
C TYR C 298 -16.24 44.80 33.00
N PHE C 299 -16.44 45.30 34.25
CA PHE C 299 -15.66 44.91 35.44
C PHE C 299 -16.61 44.14 36.36
N ALA C 300 -16.36 42.83 36.53
CA ALA C 300 -17.20 41.94 37.33
C ALA C 300 -16.53 41.59 38.66
N ASP C 301 -17.32 41.59 39.73
CA ASP C 301 -16.83 41.13 41.02
C ASP C 301 -16.85 39.61 41.12
N PRO C 302 -15.72 38.93 41.35
CA PRO C 302 -15.73 37.47 41.29
C PRO C 302 -16.55 36.85 42.37
N ARG C 303 -16.69 37.52 43.51
CA ARG C 303 -17.41 36.93 44.64
C ARG C 303 -18.87 37.32 44.64
N SER C 304 -19.18 38.61 44.47
CA SER C 304 -20.58 39.03 44.54
C SER C 304 -21.25 38.74 43.23
N THR C 305 -20.44 38.43 42.25
CA THR C 305 -20.79 38.12 40.90
C THR C 305 -21.18 39.37 40.11
N LEU C 306 -21.04 40.61 40.61
CA LEU C 306 -21.87 41.47 39.82
C LEU C 306 -21.01 42.24 38.80
N CYS C 307 -21.65 42.74 37.73
CA CYS C 307 -20.96 43.26 36.56
C CYS C 307 -21.40 44.70 36.29
N LYS C 308 -20.44 45.57 36.10
CA LYS C 308 -20.69 46.98 35.84
C LYS C 308 -20.01 47.37 34.51
N LEU C 309 -20.78 47.91 33.57
CA LEU C 309 -20.20 48.48 32.36
C LEU C 309 -19.21 49.59 32.70
N VAL C 310 -17.99 49.46 32.20
CA VAL C 310 -16.95 50.46 32.40
C VAL C 310 -16.70 51.30 31.15
N LEU C 311 -16.79 50.70 29.98
CA LEU C 311 -16.40 51.41 28.79
C LEU C 311 -17.24 50.90 27.62
N ARG C 312 -17.70 51.79 26.76
CA ARG C 312 -18.32 51.35 25.52
C ARG C 312 -17.64 52.10 24.39
N ASP C 313 -17.08 51.33 23.45
CA ASP C 313 -16.44 51.84 22.24
C ASP C 313 -17.19 51.29 21.04
N GLU C 314 -17.73 52.17 20.21
CA GLU C 314 -18.54 51.80 19.07
C GLU C 314 -17.83 52.28 17.82
N SER C 315 -18.15 51.64 16.71
CA SER C 315 -17.63 51.88 15.38
C SER C 315 -18.81 51.81 14.43
N PRO C 316 -18.81 52.66 13.42
CA PRO C 316 -19.78 52.48 12.35
C PRO C 316 -19.47 51.27 11.49
N TYR C 317 -18.27 50.67 11.69
CA TYR C 317 -17.83 49.51 10.94
C TYR C 317 -17.79 48.33 11.89
N TYR C 318 -16.68 48.11 12.58
CA TYR C 318 -16.50 46.97 13.47
C TYR C 318 -15.28 47.24 14.31
N ILE C 319 -15.19 46.56 15.43
CA ILE C 319 -14.00 46.59 16.28
C ILE C 319 -13.08 45.47 15.81
N LYS C 320 -11.78 45.78 15.62
CA LYS C 320 -10.87 44.72 15.21
C LYS C 320 -10.38 43.94 16.42
N GLU C 321 -10.10 42.67 16.14
CA GLU C 321 -9.55 41.69 17.07
C GLU C 321 -8.33 42.18 17.81
N ASN C 322 -7.46 42.87 17.08
CA ASN C 322 -6.21 43.50 17.49
C ASN C 322 -6.33 44.22 18.84
N VAL C 323 -7.46 44.87 19.10
CA VAL C 323 -7.54 45.73 20.28
C VAL C 323 -7.42 44.92 21.57
N PHE C 324 -7.98 43.69 21.62
CA PHE C 324 -8.20 43.09 22.95
C PHE C 324 -6.91 42.89 23.71
N ASP C 325 -5.81 42.51 23.03
CA ASP C 325 -4.55 42.19 23.71
C ASP C 325 -3.66 43.39 23.90
N ASN C 326 -4.10 44.55 23.44
CA ASN C 326 -3.36 45.74 23.77
C ASN C 326 -3.93 46.43 25.01
N ILE C 327 -4.92 45.82 25.67
CA ILE C 327 -5.50 46.35 26.90
C ILE C 327 -4.70 45.82 28.08
N LYS C 328 -3.89 46.67 28.68
CA LYS C 328 -3.04 46.28 29.80
C LYS C 328 -3.46 47.06 31.05
N PHE C 329 -3.59 46.37 32.16
CA PHE C 329 -4.11 47.01 33.37
C PHE C 329 -3.06 47.48 34.31
N TYR C 330 -3.36 48.60 34.94
CA TYR C 330 -2.42 49.23 35.81
C TYR C 330 -3.22 49.59 37.07
N PRO C 331 -2.55 50.02 38.13
CA PRO C 331 -3.33 50.21 39.37
C PRO C 331 -4.55 51.12 39.30
N GLU C 332 -4.53 52.29 38.70
CA GLU C 332 -5.80 53.07 38.59
C GLU C 332 -6.19 53.32 37.17
N THR C 333 -5.50 52.68 36.26
CA THR C 333 -5.68 52.97 34.86
C THR C 333 -5.56 51.80 33.92
N PHE C 334 -6.09 51.93 32.73
CA PHE C 334 -5.88 50.90 31.72
C PHE C 334 -5.65 51.46 30.32
N SER C 335 -4.86 50.77 29.51
CA SER C 335 -4.71 51.12 28.07
C SER C 335 -5.81 50.65 27.18
N LEU C 336 -5.96 51.27 26.00
CA LEU C 336 -6.92 50.84 25.01
C LEU C 336 -6.58 51.36 23.64
N LEU C 337 -6.29 50.48 22.69
CA LEU C 337 -6.16 50.92 21.31
C LEU C 337 -7.54 51.03 20.66
N SER C 338 -7.76 52.13 19.95
CA SER C 338 -9.08 52.32 19.36
C SER C 338 -8.90 53.10 18.07
N GLU C 339 -9.81 52.85 17.12
CA GLU C 339 -9.88 53.51 15.83
C GLU C 339 -10.99 54.55 15.77
N ARG C 340 -11.38 55.09 16.92
CA ARG C 340 -12.52 55.99 16.96
C ARG C 340 -12.33 57.20 16.04
N ASP C 341 -11.11 57.78 15.98
CA ASP C 341 -10.88 58.99 15.17
C ASP C 341 -10.59 58.71 13.71
N GLY C 342 -10.69 57.44 13.30
CA GLY C 342 -10.30 57.01 11.96
C GLY C 342 -8.92 56.37 11.87
N PHE C 343 -8.13 56.40 12.95
CA PHE C 343 -6.82 55.74 12.95
C PHE C 343 -6.65 54.99 14.27
N SER C 344 -5.88 53.91 14.22
CA SER C 344 -5.59 53.15 15.42
C SER C 344 -4.69 53.98 16.36
N HIS C 345 -5.23 54.41 17.48
CA HIS C 345 -4.50 55.23 18.43
C HIS C 345 -4.68 54.73 19.85
N LEU C 346 -3.76 55.18 20.69
CA LEU C 346 -3.67 54.75 22.07
C LEU C 346 -4.42 55.70 23.01
N TYR C 347 -5.24 55.11 23.87
CA TYR C 347 -6.06 55.86 24.79
C TYR C 347 -5.79 55.35 26.18
N TRP C 348 -5.91 56.25 27.17
CA TRP C 348 -5.51 55.97 28.54
C TRP C 348 -6.67 56.34 29.42
N TYR C 349 -7.20 55.34 30.16
CA TYR C 349 -8.48 55.41 30.84
C TYR C 349 -8.32 55.20 32.34
N SER C 350 -9.30 55.70 33.08
CA SER C 350 -9.32 55.47 34.53
C SER C 350 -10.21 54.26 34.73
N MET C 351 -10.10 53.65 35.90
CA MET C 351 -10.87 52.45 36.17
C MET C 351 -12.34 52.72 36.23
N GLY C 352 -12.73 53.96 36.52
CA GLY C 352 -14.13 54.31 36.49
C GLY C 352 -14.67 54.40 35.08
N GLY C 353 -13.78 54.35 34.12
CA GLY C 353 -14.19 54.44 32.76
C GLY C 353 -14.06 55.81 32.20
N ASN C 354 -13.35 56.77 32.85
CA ASN C 354 -13.51 58.10 32.29
C ASN C 354 -12.21 58.26 31.48
N LEU C 355 -12.30 58.79 30.29
CA LEU C 355 -11.06 58.95 29.53
C LEU C 355 -10.14 59.99 30.18
N ILE C 356 -8.92 59.54 30.52
CA ILE C 356 -7.88 60.42 31.04
C ILE C 356 -7.20 61.20 29.92
N LYS C 357 -6.72 60.52 28.89
CA LYS C 357 -6.18 61.24 27.74
C LYS C 357 -6.02 60.35 26.51
N LYS C 358 -6.03 61.01 25.35
CA LYS C 358 -5.68 60.38 24.08
C LYS C 358 -4.19 60.58 23.88
N VAL C 359 -3.40 59.50 23.92
CA VAL C 359 -1.94 59.62 23.99
C VAL C 359 -1.35 59.94 22.63
N THR C 360 -1.75 59.20 21.62
CA THR C 360 -1.23 59.34 20.29
C THR C 360 -2.29 60.02 19.43
N ASN C 361 -1.83 60.74 18.40
CA ASN C 361 -2.72 61.43 17.48
C ASN C 361 -1.95 61.63 16.18
N GLY C 362 -2.70 61.74 15.08
CA GLY C 362 -2.12 61.95 13.78
C GLY C 362 -2.66 60.96 12.78
N LYS C 363 -2.20 61.10 11.55
CA LYS C 363 -2.74 60.33 10.46
C LYS C 363 -1.84 59.12 10.18
N TYR C 364 -1.69 58.31 11.20
CA TYR C 364 -0.90 57.08 11.12
C TYR C 364 -1.49 56.11 12.15
N GLU C 365 -1.03 54.86 12.08
CA GLU C 365 -1.57 53.78 12.89
C GLU C 365 -0.57 53.32 13.95
N VAL C 366 -1.01 53.24 15.22
CA VAL C 366 -0.27 52.53 16.26
C VAL C 366 -0.54 51.05 16.05
N LYS C 367 0.51 50.21 16.05
CA LYS C 367 0.41 48.77 15.86
C LYS C 367 0.30 47.99 17.16
N ASP C 368 1.26 48.16 18.08
CA ASP C 368 1.25 47.45 19.34
C ASP C 368 1.59 48.46 20.40
N PHE C 369 0.88 48.35 21.50
CA PHE C 369 1.16 49.07 22.73
C PHE C 369 2.12 48.20 23.54
N LEU C 370 3.31 48.68 23.79
CA LEU C 370 4.33 47.88 24.44
C LEU C 370 4.49 48.07 25.96
N GLY C 371 4.27 49.29 26.46
CA GLY C 371 4.27 49.53 27.91
C GLY C 371 3.90 50.87 28.52
N TYR C 372 3.51 50.93 29.80
CA TYR C 372 3.31 52.21 30.50
C TYR C 372 4.19 52.22 31.72
N ASP C 373 5.10 53.18 31.82
CA ASP C 373 6.02 53.31 32.96
C ASP C 373 5.66 54.41 33.94
N GLU C 374 5.37 54.08 35.18
CA GLU C 374 5.07 55.09 36.23
C GLU C 374 6.26 55.97 36.52
N ALA C 375 7.46 55.39 36.43
CA ALA C 375 8.67 56.13 36.75
C ALA C 375 8.86 57.35 35.91
N ASP C 376 8.57 57.28 34.62
CA ASP C 376 8.69 58.42 33.76
C ASP C 376 7.31 58.94 33.39
N GLY C 377 6.25 58.19 33.71
CA GLY C 377 4.90 58.58 33.28
C GLY C 377 4.80 58.35 31.79
N SER C 378 5.59 57.44 31.27
CA SER C 378 5.68 57.24 29.85
C SER C 378 5.01 56.07 29.14
N PHE C 379 4.72 56.26 27.85
CA PHE C 379 4.11 55.22 27.04
C PHE C 379 5.04 54.76 25.93
N TYR C 380 5.18 53.45 25.74
CA TYR C 380 5.99 52.91 24.66
C TYR C 380 5.11 52.15 23.63
N TYR C 381 5.33 52.34 22.33
CA TYR C 381 4.47 51.71 21.33
C TYR C 381 5.16 51.62 19.96
N THR C 382 4.54 50.86 19.03
CA THR C 382 5.00 50.79 17.64
C THR C 382 3.99 51.50 16.74
N SER C 383 4.48 52.09 15.65
CA SER C 383 3.53 52.68 14.70
C SER C 383 4.19 52.74 13.34
N ASN C 384 3.40 53.14 12.34
CA ASN C 384 3.88 53.29 10.98
C ASN C 384 3.99 54.75 10.56
N GLU C 385 4.18 55.65 11.55
CA GLU C 385 4.23 57.10 11.33
C GLU C 385 5.18 57.50 10.20
N GLU C 386 6.28 56.83 10.01
CA GLU C 386 7.10 57.15 8.86
C GLU C 386 6.45 56.84 7.51
N SER C 387 5.97 55.62 7.32
CA SER C 387 5.29 55.19 6.10
C SER C 387 4.46 53.95 6.43
N PRO C 388 3.40 53.70 5.67
CA PRO C 388 2.64 52.46 5.89
C PRO C 388 3.47 51.22 5.63
N LEU C 389 4.63 51.36 5.03
CA LEU C 389 5.49 50.23 4.70
C LEU C 389 6.45 49.98 5.80
N ARG C 390 6.41 50.82 6.80
CA ARG C 390 7.38 50.75 7.85
C ARG C 390 6.82 50.66 9.25
N LYS C 391 7.59 50.15 10.19
CA LYS C 391 7.19 50.16 11.59
C LYS C 391 8.38 50.61 12.43
N ALA C 392 8.10 51.46 13.42
CA ALA C 392 9.16 51.93 14.29
C ALA C 392 8.61 51.96 15.70
N VAL C 393 9.54 52.04 16.68
CA VAL C 393 9.25 52.17 18.11
C VAL C 393 9.24 53.64 18.50
N TYR C 394 8.26 54.02 19.28
CA TYR C 394 8.15 55.39 19.74
C TYR C 394 7.89 55.51 21.24
N LYS C 395 8.20 56.67 21.82
CA LYS C 395 7.94 56.96 23.24
C LYS C 395 7.22 58.26 23.36
N ILE C 396 6.17 58.30 24.15
CA ILE C 396 5.50 59.56 24.43
C ILE C 396 5.52 59.68 25.95
N ASP C 397 6.01 60.81 26.45
CA ASP C 397 6.09 61.00 27.90
C ASP C 397 4.88 61.66 28.51
N LYS C 398 4.96 61.96 29.79
CA LYS C 398 3.83 62.54 30.46
C LYS C 398 3.50 63.88 29.85
N LYS C 399 4.54 64.63 29.55
CA LYS C 399 4.37 65.97 28.98
C LYS C 399 3.70 65.92 27.62
N GLY C 400 3.89 64.83 26.90
CA GLY C 400 3.41 64.70 25.54
C GLY C 400 4.51 64.70 24.50
N LYS C 401 5.77 64.61 24.91
CA LYS C 401 6.90 64.70 23.99
C LYS C 401 7.18 63.33 23.38
N LYS C 402 7.31 63.31 22.07
CA LYS C 402 7.45 62.05 21.36
C LYS C 402 8.88 61.90 20.87
N LEU C 403 9.47 60.74 21.11
CA LEU C 403 10.75 60.41 20.53
C LEU C 403 10.62 59.10 19.78
N LYS C 404 11.27 59.05 18.62
CA LYS C 404 11.40 57.84 17.82
C LYS C 404 12.64 57.10 18.30
N LEU C 405 12.43 55.96 18.93
CA LEU C 405 13.53 55.17 19.51
C LEU C 405 14.30 54.47 18.41
N SER C 406 13.60 54.05 17.36
CA SER C 406 14.18 53.21 16.33
C SER C 406 15.26 53.98 15.61
N GLN C 407 16.41 53.37 15.48
CA GLN C 407 17.52 54.01 14.82
C GLN C 407 17.46 53.87 13.32
N ARG C 408 16.87 52.79 12.84
CA ARG C 408 16.88 52.51 11.41
C ARG C 408 15.50 52.45 10.80
N GLU C 409 15.41 52.87 9.57
CA GLU C 409 14.13 52.93 8.92
C GLU C 409 13.82 51.67 8.15
N GLY C 410 12.67 51.07 8.48
CA GLY C 410 12.32 49.79 7.90
C GLY C 410 11.30 49.12 8.80
N THR C 411 11.54 47.88 9.15
CA THR C 411 10.65 47.21 10.08
C THR C 411 11.34 46.92 11.42
N ASN C 412 10.80 47.50 12.48
CA ASN C 412 11.37 47.31 13.80
C ASN C 412 10.48 46.56 14.77
N THR C 413 10.97 45.45 15.26
CA THR C 413 10.19 44.62 16.15
C THR C 413 10.79 44.55 17.60
N PRO C 414 10.12 45.13 18.62
CA PRO C 414 10.74 45.15 19.95
C PRO C 414 10.17 44.13 20.92
N LEU C 415 11.03 43.75 21.86
CA LEU C 415 10.63 42.86 22.95
C LEU C 415 11.23 43.52 24.21
N PHE C 416 10.43 44.32 24.90
CA PHE C 416 10.89 45.03 26.08
C PHE C 416 11.13 44.22 27.33
N SER C 417 12.00 44.72 28.20
CA SER C 417 12.29 44.11 29.49
C SER C 417 11.13 44.33 30.35
N GLN C 418 11.05 43.57 31.42
CA GLN C 418 9.88 43.64 32.26
C GLN C 418 9.65 45.02 32.82
N SER C 419 10.73 45.72 33.12
CA SER C 419 10.62 47.06 33.67
C SER C 419 10.59 48.18 32.67
N MET C 420 10.74 47.87 31.38
CA MET C 420 10.77 48.86 30.30
C MET C 420 12.09 49.62 30.21
N LYS C 421 13.09 49.15 30.94
CA LYS C 421 14.41 49.74 30.84
C LYS C 421 15.12 49.48 29.56
N TYR C 422 14.99 48.26 29.08
CA TYR C 422 15.72 47.88 27.90
C TYR C 422 14.85 47.08 26.94
N TYR C 423 15.27 47.01 25.68
CA TYR C 423 14.54 46.23 24.71
C TYR C 423 15.35 45.59 23.66
N MET C 424 15.00 44.35 23.34
CA MET C 424 15.63 43.68 22.20
C MET C 424 14.90 44.07 20.91
N ASN C 425 15.65 44.55 19.93
CA ASN C 425 15.09 45.08 18.69
C ASN C 425 15.50 44.16 17.56
N LYS C 426 14.49 43.66 16.79
CA LYS C 426 14.68 42.96 15.51
C LYS C 426 14.39 43.89 14.32
N PHE C 427 15.41 44.15 13.51
CA PHE C 427 15.29 45.12 12.44
C PHE C 427 15.51 44.42 11.09
N SER C 428 14.68 44.80 10.11
CA SER C 428 14.84 44.29 8.75
C SER C 428 14.39 45.34 7.73
N ASN C 429 14.97 45.33 6.53
CA ASN C 429 14.39 46.04 5.40
C ASN C 429 14.69 45.29 4.12
N LEU C 430 14.40 45.91 2.98
CA LEU C 430 14.51 45.18 1.71
C LEU C 430 15.89 44.59 1.49
N ASP C 431 16.94 45.30 1.90
CA ASP C 431 18.26 44.71 1.68
C ASP C 431 19.01 44.41 2.97
N THR C 432 18.33 44.39 4.12
CA THR C 432 18.93 44.03 5.39
C THR C 432 18.14 42.89 5.96
N PRO C 433 18.70 41.72 5.99
CA PRO C 433 17.99 40.51 6.38
C PRO C 433 17.40 40.43 7.76
N MET C 434 18.23 40.56 8.75
CA MET C 434 17.78 40.58 10.14
C MET C 434 18.96 41.07 10.98
N LEU C 435 18.72 42.08 11.81
CA LEU C 435 19.72 42.67 12.69
C LEU C 435 19.12 42.74 14.09
N VAL C 436 19.57 41.91 15.03
CA VAL C 436 18.99 42.03 16.37
C VAL C 436 19.99 42.73 17.28
N THR C 437 19.52 43.79 17.96
CA THR C 437 20.33 44.60 18.87
C THR C 437 19.68 44.68 20.24
N LEU C 438 20.44 45.19 21.22
CA LEU C 438 19.87 45.44 22.54
C LEU C 438 19.93 46.92 22.65
N ASN C 439 18.91 47.50 23.20
CA ASN C 439 18.82 48.93 23.25
C ASN C 439 18.26 49.39 24.55
N ASP C 440 18.49 50.63 24.90
CA ASP C 440 17.90 51.19 26.09
C ASP C 440 16.62 51.87 25.74
N ASN C 441 15.97 52.45 26.72
CA ASN C 441 14.73 53.15 26.48
C ASN C 441 14.88 54.46 25.76
N THR C 442 16.10 54.93 25.54
CA THR C 442 16.27 56.13 24.70
C THR C 442 16.52 55.66 23.27
N GLY C 443 16.66 54.37 23.07
CA GLY C 443 16.88 53.82 21.76
C GLY C 443 18.29 53.64 21.32
N LYS C 444 19.22 54.05 22.14
CA LYS C 444 20.59 53.81 21.79
C LYS C 444 20.92 52.36 21.83
N THR C 445 21.80 51.97 20.95
CA THR C 445 22.14 50.60 20.85
C THR C 445 23.17 50.24 21.87
N LEU C 446 22.91 49.21 22.64
CA LEU C 446 23.83 48.76 23.62
C LEU C 446 24.73 47.67 23.06
N LYS C 447 24.20 46.81 22.17
CA LYS C 447 25.02 45.79 21.57
C LYS C 447 24.33 45.23 20.34
N THR C 448 25.14 44.78 19.39
CA THR C 448 24.66 44.10 18.20
C THR C 448 24.90 42.62 18.43
N LEU C 449 23.81 41.86 18.70
CA LEU C 449 23.80 40.42 18.93
C LEU C 449 23.89 39.61 17.64
N ILE C 450 23.13 40.01 16.58
CA ILE C 450 23.03 39.18 15.39
C ILE C 450 23.11 40.14 14.21
N ASN C 451 24.01 39.88 13.27
CA ASN C 451 24.11 40.73 12.09
C ASN C 451 23.83 40.01 10.76
N ASN C 452 23.86 38.68 10.74
CA ASN C 452 23.59 37.90 9.54
C ASN C 452 24.52 38.26 8.37
N ASP C 453 25.78 38.69 8.55
CA ASP C 453 26.67 38.86 7.38
C ASP C 453 26.98 37.57 6.65
N GLN C 454 27.09 36.45 7.40
CA GLN C 454 27.25 35.11 6.81
C GLN C 454 26.07 34.77 5.88
N LEU C 455 24.84 35.15 6.20
CA LEU C 455 23.82 35.00 5.17
C LEU C 455 24.08 35.93 3.95
N LYS C 456 24.46 37.16 4.23
CA LYS C 456 24.70 38.11 3.17
C LYS C 456 25.76 37.62 2.25
N GLN C 457 26.77 37.00 2.81
CA GLN C 457 27.84 36.46 2.00
C GLN C 457 27.46 35.32 1.10
N THR C 458 26.71 34.38 1.63
CA THR C 458 26.29 33.23 0.86
C THR C 458 25.52 33.78 -0.31
N LEU C 459 24.76 34.82 -0.03
CA LEU C 459 23.89 35.40 -1.05
C LEU C 459 24.60 36.23 -2.11
N SER C 460 25.70 36.91 -1.78
CA SER C 460 26.42 37.62 -2.83
C SER C 460 26.94 36.65 -3.86
N GLY C 461 27.00 35.35 -3.52
CA GLY C 461 27.32 34.33 -4.49
C GLY C 461 26.20 33.92 -5.44
N TYR C 462 24.96 34.39 -5.23
CA TYR C 462 23.78 34.06 -6.05
C TYR C 462 23.27 35.31 -6.78
N ALA C 463 22.61 35.08 -7.91
CA ALA C 463 22.02 36.20 -8.64
C ALA C 463 20.60 36.45 -8.13
N ILE C 464 20.47 37.44 -7.25
CA ILE C 464 19.27 37.66 -6.46
C ILE C 464 18.51 38.82 -7.07
N PRO C 465 17.28 38.61 -7.57
CA PRO C 465 16.42 39.77 -7.87
C PRO C 465 16.20 40.68 -6.66
N GLN C 466 16.10 42.00 -6.89
CA GLN C 466 15.84 42.92 -5.76
C GLN C 466 14.47 43.59 -5.87
N LYS C 467 13.76 43.64 -4.74
CA LYS C 467 12.54 44.40 -4.69
C LYS C 467 12.81 45.91 -4.77
N GLU C 468 11.89 46.64 -5.40
CA GLU C 468 11.85 48.06 -5.09
C GLU C 468 10.40 48.49 -4.95
N PHE C 469 10.18 49.54 -4.17
CA PHE C 469 8.81 49.97 -4.03
C PHE C 469 8.39 50.91 -5.16
N PHE C 470 7.07 51.04 -5.31
CA PHE C 470 6.58 51.95 -6.32
C PHE C 470 5.18 52.34 -5.95
N THR C 471 4.65 53.30 -6.68
CA THR C 471 3.27 53.71 -6.49
C THR C 471 2.57 53.91 -7.82
N PHE C 472 1.25 53.94 -7.80
CA PHE C 472 0.60 54.32 -9.05
C PHE C 472 -0.80 54.76 -8.72
N GLN C 473 -1.46 55.34 -9.72
CA GLN C 473 -2.75 56.00 -9.53
C GLN C 473 -3.84 55.15 -10.20
N THR C 474 -4.82 54.75 -9.42
CA THR C 474 -5.96 54.11 -10.08
C THR C 474 -6.74 55.09 -10.99
N THR C 475 -7.61 54.50 -11.82
CA THR C 475 -8.37 55.39 -12.67
C THR C 475 -9.34 56.27 -11.89
N ASP C 476 -9.51 56.06 -10.57
CA ASP C 476 -10.21 56.99 -9.68
C ASP C 476 -9.29 57.80 -8.75
N GLY C 477 -7.99 57.82 -9.00
CA GLY C 477 -7.15 58.76 -8.28
C GLY C 477 -6.56 58.29 -6.98
N VAL C 478 -6.65 56.99 -6.67
CA VAL C 478 -6.08 56.42 -5.45
C VAL C 478 -4.61 56.11 -5.70
N THR C 479 -3.75 56.57 -4.81
CA THR C 479 -2.37 56.13 -4.82
C THR C 479 -2.27 54.78 -4.10
N LEU C 480 -1.79 53.75 -4.81
CA LEU C 480 -1.58 52.43 -4.22
C LEU C 480 -0.10 52.14 -4.22
N ASN C 481 0.36 51.52 -3.12
CA ASN C 481 1.74 51.08 -2.90
C ASN C 481 1.94 49.64 -3.37
N GLY C 482 3.07 49.40 -4.02
CA GLY C 482 3.37 48.04 -4.39
C GLY C 482 4.85 47.86 -4.34
N TRP C 483 5.28 46.64 -4.65
CA TRP C 483 6.67 46.33 -4.83
C TRP C 483 6.86 45.63 -6.16
N MET C 484 8.00 45.81 -6.79
CA MET C 484 8.30 45.19 -8.07
C MET C 484 9.64 44.54 -8.00
N MET C 485 9.76 43.37 -8.57
CA MET C 485 10.97 42.61 -8.53
C MET C 485 11.32 42.13 -9.91
N LYS C 486 12.50 42.47 -10.37
CA LYS C 486 12.94 42.14 -11.71
C LYS C 486 14.08 41.16 -11.67
N PRO C 487 14.27 40.36 -12.70
CA PRO C 487 15.44 39.46 -12.73
C PRO C 487 16.71 40.27 -12.65
N ALA C 488 17.76 39.63 -12.10
CA ALA C 488 19.05 40.29 -11.99
C ALA C 488 19.61 40.77 -13.34
N ASN C 489 19.22 40.16 -14.45
CA ASN C 489 19.68 40.54 -15.76
C ASN C 489 18.69 41.33 -16.57
N PHE C 490 17.94 42.18 -15.92
CA PHE C 490 16.90 42.89 -16.60
C PHE C 490 17.41 43.76 -17.71
N SER C 491 16.73 43.72 -18.82
CA SER C 491 17.10 44.54 -19.94
C SER C 491 15.97 45.40 -20.44
N THR C 492 16.28 46.61 -20.88
CA THR C 492 15.30 47.54 -21.39
C THR C 492 14.90 47.18 -22.78
N SER C 493 15.67 46.31 -23.39
CA SER C 493 15.32 45.82 -24.68
C SER C 493 14.09 44.94 -24.66
N LYS C 494 13.98 44.06 -23.67
CA LYS C 494 12.93 43.05 -23.61
C LYS C 494 11.58 43.34 -22.97
N LYS C 495 10.52 42.75 -23.51
CA LYS C 495 9.21 42.85 -22.86
C LYS C 495 9.13 41.57 -22.06
N TYR C 496 8.64 41.63 -20.84
CA TYR C 496 8.71 40.46 -19.91
C TYR C 496 7.33 39.95 -19.51
N PRO C 497 7.20 38.65 -19.17
CA PRO C 497 5.97 38.16 -18.52
C PRO C 497 5.94 38.56 -17.06
N VAL C 498 4.73 38.60 -16.49
CA VAL C 498 4.51 39.16 -15.15
C VAL C 498 3.81 38.14 -14.26
N LEU C 499 4.25 38.05 -13.03
CA LEU C 499 3.53 37.34 -12.00
C LEU C 499 3.13 38.32 -10.90
N MET C 500 1.83 38.49 -10.69
CA MET C 500 1.28 39.29 -9.60
C MET C 500 1.00 38.42 -8.38
N TYR C 501 1.41 38.89 -7.25
CA TYR C 501 1.13 38.21 -6.01
C TYR C 501 0.38 39.18 -5.11
N GLN C 502 -0.59 38.67 -4.33
CA GLN C 502 -1.37 39.53 -3.41
C GLN C 502 -2.04 38.65 -2.37
N TYR C 503 -2.38 39.27 -1.23
CA TYR C 503 -3.20 38.65 -0.20
C TYR C 503 -4.53 39.40 -0.14
N SER C 504 -4.51 40.72 0.04
CA SER C 504 -5.64 41.61 -0.17
C SER C 504 -6.68 41.56 0.94
N GLY C 505 -6.55 40.70 1.94
CA GLY C 505 -7.56 40.54 2.98
C GLY C 505 -7.66 41.77 3.88
N PRO C 506 -8.80 42.00 4.43
CA PRO C 506 -9.01 43.19 5.30
C PRO C 506 -7.95 43.46 6.35
N GLY C 507 -7.38 44.65 6.30
CA GLY C 507 -6.41 44.98 7.28
C GLY C 507 -5.03 44.42 7.04
N SER C 508 -4.82 43.57 6.05
CA SER C 508 -3.53 42.93 5.86
C SER C 508 -2.59 43.84 5.07
N GLN C 509 -1.32 43.49 5.04
CA GLN C 509 -0.39 44.19 4.17
C GLN C 509 0.67 43.19 3.70
N GLN C 510 0.94 43.12 2.38
CA GLN C 510 2.14 42.43 1.96
C GLN C 510 3.21 43.37 1.42
N VAL C 511 2.87 44.64 1.19
CA VAL C 511 3.84 45.56 0.66
C VAL C 511 4.48 46.21 1.88
N LEU C 512 5.56 45.58 2.42
CA LEU C 512 6.20 45.99 3.67
C LEU C 512 7.71 46.06 3.50
N ASP C 513 8.36 47.08 4.12
CA ASP C 513 9.83 47.27 4.09
C ASP C 513 10.49 46.28 5.04
N THR C 514 10.43 44.99 4.66
CA THR C 514 11.03 43.91 5.44
C THR C 514 11.63 42.93 4.47
N TRP C 515 12.50 42.05 4.99
CA TRP C 515 13.33 41.22 4.13
C TRP C 515 12.77 39.82 3.93
N GLY C 516 13.06 39.22 2.78
CA GLY C 516 12.74 37.79 2.61
C GLY C 516 13.21 37.29 1.25
N ILE C 517 13.39 35.99 1.17
CA ILE C 517 13.53 35.30 -0.11
C ILE C 517 12.49 34.23 -0.20
N SER C 518 11.61 34.31 -1.22
CA SER C 518 10.50 33.41 -1.33
C SER C 518 10.40 32.87 -2.76
N TRP C 519 9.33 32.12 -2.93
CA TRP C 519 9.01 31.56 -4.24
C TRP C 519 8.86 32.67 -5.27
N GLU C 520 8.34 33.83 -4.87
CA GLU C 520 8.27 34.97 -5.77
C GLU C 520 9.64 35.36 -6.25
N THR C 521 10.60 35.42 -5.34
CA THR C 521 11.99 35.75 -5.69
C THR C 521 12.54 34.74 -6.69
N TYR C 522 12.26 33.45 -6.49
CA TYR C 522 12.66 32.42 -7.46
C TYR C 522 11.99 32.63 -8.84
N MET C 523 10.68 32.86 -8.88
CA MET C 523 10.04 33.15 -10.17
C MET C 523 10.72 34.35 -10.87
N ALA C 524 11.01 35.46 -10.12
CA ALA C 524 11.71 36.61 -10.69
C ALA C 524 13.03 36.15 -11.27
N SER C 525 13.74 35.24 -10.55
CA SER C 525 15.01 34.78 -11.06
C SER C 525 14.83 33.93 -12.28
N LEU C 526 13.63 33.38 -12.54
CA LEU C 526 13.47 32.64 -13.78
C LEU C 526 13.12 33.51 -14.96
N GLY C 527 13.06 34.84 -14.79
CA GLY C 527 12.75 35.75 -15.90
C GLY C 527 11.40 36.42 -15.86
N TYR C 528 10.68 36.36 -14.75
CA TYR C 528 9.39 37.04 -14.57
C TYR C 528 9.60 38.34 -13.83
N ILE C 529 8.80 39.32 -14.17
CA ILE C 529 8.67 40.46 -13.29
C ILE C 529 7.57 40.12 -12.32
N VAL C 530 7.90 40.15 -11.01
CA VAL C 530 6.94 39.82 -9.96
C VAL C 530 6.51 41.11 -9.26
N VAL C 531 5.23 41.32 -9.14
CA VAL C 531 4.65 42.57 -8.60
C VAL C 531 3.65 42.23 -7.51
N CYS C 532 3.60 43.06 -6.47
CA CYS C 532 2.57 42.93 -5.42
C CYS C 532 2.03 44.30 -5.05
N VAL C 533 0.71 44.52 -5.14
CA VAL C 533 0.09 45.77 -4.75
C VAL C 533 -0.94 45.48 -3.65
N ASP C 534 -0.90 46.28 -2.60
CA ASP C 534 -1.91 46.23 -1.56
C ASP C 534 -3.00 47.18 -2.00
N GLY C 535 -4.16 46.64 -2.41
CA GLY C 535 -5.26 47.45 -2.89
C GLY C 535 -6.06 48.02 -1.76
N ARG C 536 -7.17 48.70 -2.11
CA ARG C 536 -8.06 49.16 -1.07
C ARG C 536 -8.56 47.97 -0.25
N GLY C 537 -8.77 48.21 1.04
CA GLY C 537 -9.14 47.17 1.97
C GLY C 537 -7.99 46.68 2.82
N THR C 538 -6.75 46.91 2.38
CA THR C 538 -5.54 46.55 3.12
C THR C 538 -5.33 47.55 4.24
N GLY C 539 -4.45 47.19 5.21
CA GLY C 539 -4.29 47.97 6.42
C GLY C 539 -3.14 49.00 6.34
N GLY C 540 -2.94 49.71 7.46
CA GLY C 540 -1.83 50.61 7.58
C GLY C 540 -2.10 52.01 7.06
N ARG C 541 -3.22 52.28 6.43
CA ARG C 541 -3.49 53.59 5.89
C ARG C 541 -4.74 54.21 6.54
N GLY C 542 -5.17 53.64 7.66
CA GLY C 542 -6.32 54.15 8.41
C GLY C 542 -7.59 53.37 8.10
N GLU C 543 -8.59 53.65 8.90
CA GLU C 543 -9.85 52.93 8.84
C GLU C 543 -10.57 53.16 7.51
N ALA C 544 -10.60 54.39 6.98
CA ALA C 544 -11.36 54.65 5.76
C ALA C 544 -10.83 53.77 4.60
N PHE C 545 -9.51 53.71 4.44
CA PHE C 545 -8.91 52.89 3.39
C PHE C 545 -9.21 51.41 3.60
N GLU C 546 -9.09 50.96 4.85
CA GLU C 546 -9.23 49.54 5.10
C GLU C 546 -10.68 49.09 4.99
N LYS C 547 -11.63 49.88 5.49
CA LYS C 547 -12.98 49.38 5.72
C LYS C 547 -13.98 49.90 4.70
N CYS C 548 -13.50 50.54 3.62
CA CYS C 548 -14.34 50.86 2.46
C CYS C 548 -14.97 49.61 1.81
N THR C 549 -14.61 48.38 2.22
CA THR C 549 -15.14 47.15 1.64
C THR C 549 -16.32 46.60 2.41
N TYR C 550 -16.68 47.26 3.52
CA TYR C 550 -17.59 46.75 4.52
C TYR C 550 -18.90 46.39 3.85
N LEU C 551 -19.41 45.17 4.13
CA LEU C 551 -20.65 44.62 3.60
C LEU C 551 -20.48 44.15 2.15
N LYS C 552 -19.33 44.35 1.49
CA LYS C 552 -19.26 43.84 0.14
C LYS C 552 -17.81 43.63 -0.22
N ILE C 553 -17.14 42.71 0.51
CA ILE C 553 -15.73 42.48 0.39
C ILE C 553 -15.39 41.86 -0.95
N GLY C 554 -14.09 41.92 -1.28
CA GLY C 554 -13.61 41.35 -2.52
C GLY C 554 -13.79 42.19 -3.76
N VAL C 555 -14.91 42.94 -3.90
CA VAL C 555 -15.25 43.63 -5.16
C VAL C 555 -14.24 44.74 -5.48
N LYS C 556 -14.03 45.63 -4.53
CA LYS C 556 -13.07 46.71 -4.71
C LYS C 556 -11.64 46.19 -4.83
N GLU C 557 -11.27 45.19 -4.01
CA GLU C 557 -9.93 44.64 -4.09
C GLU C 557 -9.62 44.06 -5.45
N ALA C 558 -10.62 43.42 -6.05
CA ALA C 558 -10.42 42.85 -7.39
C ALA C 558 -10.29 43.93 -8.44
N LYS C 559 -11.12 44.99 -8.31
CA LYS C 559 -10.93 46.09 -9.25
C LYS C 559 -9.52 46.64 -9.15
N ASP C 560 -9.00 46.74 -7.93
CA ASP C 560 -7.65 47.28 -7.80
C ASP C 560 -6.59 46.33 -8.36
N GLN C 561 -6.75 45.00 -8.24
CA GLN C 561 -5.78 44.12 -8.90
C GLN C 561 -5.85 44.26 -10.43
N VAL C 562 -7.06 44.38 -11.00
CA VAL C 562 -7.20 44.63 -12.43
C VAL C 562 -6.55 45.95 -12.79
N GLU C 563 -6.70 46.94 -11.93
CA GLU C 563 -6.08 48.24 -12.17
C GLU C 563 -4.58 48.12 -12.19
N THR C 564 -4.03 47.35 -11.24
CA THR C 564 -2.60 47.08 -11.27
C THR C 564 -2.21 46.41 -12.59
N ALA C 565 -2.93 45.36 -12.98
CA ALA C 565 -2.56 44.69 -14.25
C ALA C 565 -2.55 45.67 -15.41
N LEU C 566 -3.61 46.49 -15.53
CA LEU C 566 -3.70 47.45 -16.62
C LEU C 566 -2.54 48.40 -16.57
N TYR C 567 -2.21 48.87 -15.37
CA TYR C 567 -1.07 49.78 -15.27
C TYR C 567 0.21 49.09 -15.69
N LEU C 568 0.36 47.84 -15.32
CA LEU C 568 1.56 47.12 -15.69
C LEU C 568 1.65 46.94 -17.17
N GLY C 569 0.50 46.67 -17.80
CA GLY C 569 0.40 46.44 -19.22
C GLY C 569 0.77 47.64 -20.02
N LYS C 570 0.71 48.85 -19.41
CA LYS C 570 1.20 50.08 -20.04
C LYS C 570 2.70 50.20 -20.03
N GLN C 571 3.38 49.36 -19.30
CA GLN C 571 4.82 49.57 -19.17
C GLN C 571 5.54 49.00 -20.38
N PRO C 572 6.65 49.63 -20.80
CA PRO C 572 7.33 49.15 -22.01
C PRO C 572 8.05 47.84 -21.77
N TYR C 573 8.29 47.46 -20.55
CA TYR C 573 8.96 46.20 -20.32
C TYR C 573 8.00 45.05 -20.00
N VAL C 574 6.70 45.24 -20.09
CA VAL C 574 5.74 44.22 -19.72
C VAL C 574 5.06 43.71 -20.99
N ASP C 575 4.92 42.39 -21.09
CA ASP C 575 4.14 41.80 -22.16
C ASP C 575 2.76 41.60 -21.53
N LYS C 576 1.86 42.51 -21.88
CA LYS C 576 0.49 42.50 -21.40
C LYS C 576 -0.31 41.21 -21.66
N ASP C 577 0.12 40.41 -22.60
CA ASP C 577 -0.56 39.17 -22.90
C ASP C 577 -0.08 38.05 -22.00
N ARG C 578 0.91 38.31 -21.16
CA ARG C 578 1.46 37.28 -20.34
C ARG C 578 1.44 37.71 -18.90
N ILE C 579 0.27 38.09 -18.38
CA ILE C 579 0.22 38.50 -16.95
C ILE C 579 -0.52 37.47 -16.16
N GLY C 580 0.11 36.91 -15.12
CA GLY C 580 -0.54 35.93 -14.26
C GLY C 580 -0.71 36.46 -12.83
N ILE C 581 -1.54 35.81 -12.02
CA ILE C 581 -1.76 36.27 -10.62
C ILE C 581 -1.94 35.07 -9.71
N TRP C 582 -1.51 35.17 -8.45
CA TRP C 582 -1.81 34.03 -7.58
C TRP C 582 -1.90 34.54 -6.14
N GLY C 583 -2.41 33.67 -5.30
CA GLY C 583 -2.42 33.96 -3.90
C GLY C 583 -2.97 32.76 -3.19
N TRP C 584 -2.87 32.84 -1.86
CA TRP C 584 -3.17 31.76 -0.94
C TRP C 584 -4.16 32.28 0.09
N SER C 585 -5.20 31.47 0.41
CA SER C 585 -6.17 31.87 1.41
C SER C 585 -7.02 33.05 0.95
N TYR C 586 -7.08 34.19 1.66
CA TYR C 586 -7.76 35.33 1.05
C TYR C 586 -7.19 35.65 -0.33
N GLY C 587 -5.88 35.46 -0.49
CA GLY C 587 -5.21 35.74 -1.75
C GLY C 587 -5.64 34.81 -2.86
N GLY C 588 -6.01 33.60 -2.53
CA GLY C 588 -6.54 32.71 -3.54
C GLY C 588 -7.96 33.09 -3.93
N TYR C 589 -8.75 33.49 -2.91
CA TYR C 589 -10.05 34.04 -3.22
C TYR C 589 -9.94 35.22 -4.23
N MET C 590 -8.96 36.11 -3.97
CA MET C 590 -8.85 37.31 -4.78
C MET C 590 -8.31 36.93 -6.15
N THR C 591 -7.53 35.83 -6.25
CA THR C 591 -7.19 35.36 -7.60
C THR C 591 -8.43 35.05 -8.40
N LEU C 592 -9.34 34.28 -7.82
CA LEU C 592 -10.56 34.04 -8.55
C LEU C 592 -11.30 35.36 -8.86
N MET C 593 -11.48 36.18 -7.84
CA MET C 593 -12.30 37.35 -8.01
C MET C 593 -11.70 38.26 -9.07
N SER C 594 -10.35 38.38 -9.09
CA SER C 594 -9.70 39.23 -10.08
C SER C 594 -9.76 38.61 -11.44
N MET C 595 -9.56 37.30 -11.53
CA MET C 595 -9.63 36.74 -12.86
C MET C 595 -11.04 36.70 -13.42
N SER C 596 -12.07 36.95 -12.61
CA SER C 596 -13.40 36.99 -13.21
C SER C 596 -14.11 38.35 -13.04
N GLU C 597 -13.34 39.42 -12.93
CA GLU C 597 -13.85 40.77 -12.76
C GLU C 597 -14.54 41.30 -14.00
N GLY C 598 -14.21 40.79 -15.18
CA GLY C 598 -14.82 41.23 -16.41
C GLY C 598 -13.82 41.78 -17.41
N THR C 599 -12.74 42.39 -16.91
CA THR C 599 -11.68 42.87 -17.78
C THR C 599 -10.69 41.74 -17.99
N PRO C 600 -10.54 41.24 -19.22
CA PRO C 600 -9.75 40.03 -19.47
C PRO C 600 -8.25 40.33 -19.46
N VAL C 601 -7.69 40.73 -18.31
CA VAL C 601 -6.28 41.11 -18.28
C VAL C 601 -5.30 39.99 -17.93
N PHE C 602 -5.79 38.89 -17.38
CA PHE C 602 -4.95 37.83 -16.84
C PHE C 602 -4.89 36.63 -17.81
N LYS C 603 -3.68 36.13 -18.03
CA LYS C 603 -3.50 34.95 -18.88
C LYS C 603 -3.64 33.66 -18.07
N ALA C 604 -3.31 33.71 -16.78
CA ALA C 604 -3.27 32.52 -15.93
C ALA C 604 -3.29 32.93 -14.46
N GLY C 605 -3.69 31.99 -13.61
CA GLY C 605 -3.60 32.24 -12.18
C GLY C 605 -3.67 30.97 -11.33
N VAL C 606 -3.25 31.10 -10.07
CA VAL C 606 -3.30 29.97 -9.14
C VAL C 606 -3.96 30.46 -7.86
N ALA C 607 -5.00 29.77 -7.41
CA ALA C 607 -5.69 30.03 -6.15
C ALA C 607 -5.43 28.86 -5.19
N VAL C 608 -4.73 29.12 -4.10
CA VAL C 608 -4.43 28.07 -3.13
C VAL C 608 -5.33 28.25 -1.92
N ALA C 609 -6.03 27.19 -1.51
CA ALA C 609 -6.86 27.19 -0.29
C ALA C 609 -7.85 28.35 -0.23
N ALA C 610 -8.56 28.55 -1.30
CA ALA C 610 -9.35 29.77 -1.46
C ALA C 610 -10.79 29.61 -0.94
N PRO C 611 -11.27 30.55 -0.12
CA PRO C 611 -12.72 30.70 0.04
C PRO C 611 -13.35 31.06 -1.34
N THR C 612 -14.52 30.51 -1.62
CA THR C 612 -15.19 30.79 -2.87
C THR C 612 -16.56 31.31 -2.64
N ASP C 613 -17.19 30.98 -1.51
CA ASP C 613 -18.41 31.67 -1.19
C ASP C 613 -18.41 31.92 0.31
N TRP C 614 -18.68 33.16 0.71
CA TRP C 614 -18.51 33.46 2.12
C TRP C 614 -19.51 32.71 2.98
N ARG C 615 -20.61 32.24 2.43
CA ARG C 615 -21.42 31.47 3.33
C ARG C 615 -20.75 30.16 3.75
N PHE C 616 -19.69 29.69 3.09
CA PHE C 616 -18.98 28.51 3.57
C PHE C 616 -18.02 28.79 4.71
N TYR C 617 -17.63 30.05 4.91
CA TYR C 617 -16.62 30.34 5.92
C TYR C 617 -17.29 30.59 7.26
N ASP C 618 -16.51 30.89 8.31
CA ASP C 618 -17.03 30.81 9.69
C ASP C 618 -17.73 32.11 10.11
N THR C 619 -18.37 32.08 11.31
CA THR C 619 -19.14 33.24 11.81
C THR C 619 -18.23 34.42 12.09
N ILE C 620 -17.23 34.28 12.99
CA ILE C 620 -16.63 35.51 13.54
C ILE C 620 -15.97 36.36 12.43
N TYR C 621 -15.17 35.74 11.59
CA TYR C 621 -14.47 36.48 10.55
C TYR C 621 -15.45 36.98 9.47
N THR C 622 -16.23 36.08 8.88
CA THR C 622 -17.11 36.51 7.78
C THR C 622 -18.01 37.63 8.22
N GLU C 623 -18.68 37.45 9.37
CA GLU C 623 -19.67 38.41 9.83
C GLU C 623 -19.00 39.72 10.26
N ARG C 624 -17.73 39.69 10.73
CA ARG C 624 -17.10 40.97 11.01
C ARG C 624 -17.21 41.92 9.83
N PHE C 625 -16.98 41.42 8.62
CA PHE C 625 -16.97 42.27 7.43
C PHE C 625 -18.27 42.27 6.65
N MET C 626 -19.11 41.29 6.85
CA MET C 626 -20.28 41.06 6.03
C MET C 626 -21.57 40.91 6.78
N ARG C 627 -21.55 40.95 8.10
CA ARG C 627 -22.72 40.54 8.87
C ARG C 627 -23.21 39.16 8.38
N THR C 628 -24.49 38.80 8.66
CA THR C 628 -24.94 37.44 8.35
C THR C 628 -25.58 37.37 6.99
N PRO C 629 -25.59 36.18 6.36
CA PRO C 629 -26.21 36.07 5.03
C PRO C 629 -27.63 36.51 5.00
N LYS C 630 -28.39 36.34 6.09
CA LYS C 630 -29.77 36.79 6.02
C LYS C 630 -29.88 38.29 6.13
N GLU C 631 -28.96 38.96 6.85
CA GLU C 631 -29.06 40.43 6.89
C GLU C 631 -28.49 41.11 5.66
N ASN C 632 -27.66 40.44 4.88
CA ASN C 632 -26.85 41.00 3.81
C ASN C 632 -26.82 40.07 2.59
N ALA C 633 -28.02 39.68 2.13
CA ALA C 633 -28.13 38.73 1.03
C ALA C 633 -27.44 39.27 -0.21
N GLU C 634 -27.69 40.54 -0.55
CA GLU C 634 -27.07 41.03 -1.78
C GLU C 634 -25.58 41.14 -1.64
N GLY C 635 -25.10 41.47 -0.47
CA GLY C 635 -23.67 41.51 -0.27
C GLY C 635 -23.03 40.16 -0.49
N TYR C 636 -23.56 39.10 0.14
CA TYR C 636 -22.91 37.80 -0.03
C TYR C 636 -22.94 37.42 -1.48
N LYS C 637 -24.06 37.70 -2.17
CA LYS C 637 -24.11 37.41 -3.59
C LYS C 637 -23.05 38.15 -4.38
N GLU C 638 -22.83 39.43 -4.08
CA GLU C 638 -21.85 40.18 -4.87
C GLU C 638 -20.41 39.82 -4.55
N SER C 639 -20.13 39.39 -3.32
CA SER C 639 -18.80 38.99 -2.92
C SER C 639 -18.44 37.56 -3.30
N SER C 640 -19.39 36.76 -3.80
CA SER C 640 -19.12 35.38 -4.08
C SER C 640 -18.36 35.23 -5.40
N ALA C 641 -17.31 34.35 -5.37
CA ALA C 641 -16.65 34.01 -6.63
C ALA C 641 -17.62 33.26 -7.57
N PHE C 642 -18.70 32.60 -7.07
CA PHE C 642 -19.66 31.91 -7.97
C PHE C 642 -20.40 32.88 -8.88
N THR C 643 -20.84 34.04 -8.34
CA THR C 643 -21.71 34.93 -9.05
C THR C 643 -21.06 35.39 -10.35
N ARG C 644 -19.75 35.69 -10.32
CA ARG C 644 -19.05 36.20 -11.47
C ARG C 644 -18.21 35.16 -12.24
N ALA C 645 -18.34 33.86 -11.92
CA ALA C 645 -17.48 32.85 -12.55
C ALA C 645 -17.67 32.80 -14.05
N ASP C 646 -18.83 33.19 -14.56
CA ASP C 646 -18.96 33.11 -15.98
C ASP C 646 -17.96 34.05 -16.68
N LYS C 647 -17.40 35.03 -15.98
CA LYS C 647 -16.46 35.93 -16.63
C LYS C 647 -15.00 35.50 -16.40
N LEU C 648 -14.81 34.32 -15.82
CA LEU C 648 -13.46 33.78 -15.56
C LEU C 648 -12.72 33.77 -16.86
N HIS C 649 -11.58 34.43 -16.90
CA HIS C 649 -10.75 34.51 -18.08
C HIS C 649 -9.30 34.27 -17.66
N GLY C 650 -8.53 33.50 -18.42
CA GLY C 650 -7.20 32.99 -18.09
C GLY C 650 -7.25 31.50 -17.68
N ASN C 651 -6.08 30.85 -17.70
CA ASN C 651 -5.98 29.45 -17.26
C ASN C 651 -5.80 29.42 -15.74
N LEU C 652 -6.67 28.70 -15.03
CA LEU C 652 -6.70 28.67 -13.58
C LEU C 652 -6.24 27.31 -13.06
N LEU C 653 -5.41 27.33 -12.00
CA LEU C 653 -5.08 26.14 -11.20
C LEU C 653 -5.69 26.32 -9.81
N LEU C 654 -6.55 25.37 -9.39
CA LEU C 654 -7.12 25.36 -8.05
C LEU C 654 -6.34 24.37 -7.19
N VAL C 655 -5.81 24.84 -6.05
CA VAL C 655 -5.03 23.99 -5.14
C VAL C 655 -5.74 24.00 -3.80
N HIS C 656 -5.96 22.84 -3.19
CA HIS C 656 -6.58 22.86 -1.87
C HIS C 656 -6.10 21.66 -1.07
N GLY C 657 -6.02 21.79 0.25
CA GLY C 657 -5.80 20.59 1.13
C GLY C 657 -7.15 19.98 1.54
N MET C 658 -7.25 18.64 1.50
CA MET C 658 -8.61 18.06 1.66
C MET C 658 -9.00 18.03 3.13
N ALA C 659 -8.04 18.16 4.04
CA ALA C 659 -8.33 18.19 5.48
C ALA C 659 -8.29 19.62 6.03
N ASP C 660 -8.54 20.61 5.19
CA ASP C 660 -8.51 22.00 5.63
C ASP C 660 -9.65 22.21 6.63
N ASP C 661 -9.30 22.39 7.91
CA ASP C 661 -10.30 22.69 8.93
C ASP C 661 -10.66 24.16 8.98
N ASN C 662 -10.04 25.02 8.16
CA ASN C 662 -10.21 26.47 8.19
C ASN C 662 -11.05 26.88 6.99
N VAL C 663 -10.52 26.76 5.76
CA VAL C 663 -11.33 26.95 4.54
C VAL C 663 -11.65 25.55 4.04
N HIS C 664 -12.86 25.08 4.36
CA HIS C 664 -13.26 23.71 4.04
C HIS C 664 -13.02 23.38 2.57
N PHE C 665 -12.57 22.15 2.31
CA PHE C 665 -12.39 21.68 0.92
C PHE C 665 -13.69 21.81 0.13
N GLN C 666 -14.84 21.74 0.79
CA GLN C 666 -16.11 22.17 0.21
C GLN C 666 -16.00 23.42 -0.64
N ASN C 667 -15.19 24.43 -0.23
CA ASN C 667 -15.14 25.64 -1.08
C ASN C 667 -14.74 25.29 -2.51
N CYS C 668 -13.67 24.52 -2.61
CA CYS C 668 -13.07 24.12 -3.86
C CYS C 668 -13.97 23.13 -4.57
N ALA C 669 -14.45 22.11 -3.87
CA ALA C 669 -15.30 21.17 -4.59
C ALA C 669 -16.55 21.85 -5.24
N GLU C 670 -17.20 22.73 -4.49
CA GLU C 670 -18.44 23.35 -5.03
C GLU C 670 -18.15 24.31 -6.20
N TYR C 671 -17.12 25.14 -6.03
CA TYR C 671 -16.77 26.07 -7.11
C TYR C 671 -16.31 25.36 -8.35
N ALA C 672 -15.51 24.28 -8.18
CA ALA C 672 -15.06 23.55 -9.37
C ALA C 672 -16.22 23.06 -10.16
N GLU C 673 -17.27 22.52 -9.48
CA GLU C 673 -18.42 22.04 -10.21
C GLU C 673 -19.23 23.18 -10.89
N HIS C 674 -19.33 24.31 -10.24
CA HIS C 674 -19.90 25.45 -10.96
C HIS C 674 -19.14 25.73 -12.26
N LEU C 675 -17.82 25.80 -12.17
CA LEU C 675 -17.02 25.98 -13.35
C LEU C 675 -17.27 24.88 -14.35
N VAL C 676 -17.35 23.62 -13.91
CA VAL C 676 -17.57 22.55 -14.89
C VAL C 676 -18.87 22.85 -15.65
N GLN C 677 -19.92 23.20 -14.93
CA GLN C 677 -21.20 23.39 -15.62
C GLN C 677 -21.24 24.66 -16.48
N LEU C 678 -20.46 25.67 -16.16
CA LEU C 678 -20.29 26.77 -17.07
C LEU C 678 -19.41 26.40 -18.24
N GLY C 679 -18.77 25.24 -18.25
CA GLY C 679 -17.86 25.03 -19.38
C GLY C 679 -16.49 25.71 -19.31
N LYS C 680 -16.01 26.14 -18.15
CA LYS C 680 -14.66 26.70 -17.97
C LYS C 680 -13.69 25.55 -17.76
N GLN C 681 -12.56 25.55 -18.49
CA GLN C 681 -11.50 24.57 -18.29
C GLN C 681 -10.62 25.13 -17.22
N PHE C 682 -10.14 24.29 -16.34
CA PHE C 682 -9.23 24.75 -15.29
C PHE C 682 -8.43 23.50 -14.91
N ASP C 683 -7.49 23.65 -14.00
CA ASP C 683 -6.62 22.59 -13.56
C ASP C 683 -6.76 22.46 -12.03
N MET C 684 -6.41 21.28 -11.47
CA MET C 684 -6.48 21.08 -10.00
C MET C 684 -5.31 20.32 -9.42
N GLN C 685 -5.06 20.57 -8.11
CA GLN C 685 -4.11 19.79 -7.37
C GLN C 685 -4.67 19.69 -5.96
N VAL C 686 -5.18 18.52 -5.52
CA VAL C 686 -5.72 18.44 -4.17
C VAL C 686 -4.75 17.60 -3.32
N TYR C 687 -4.53 17.98 -2.08
CA TYR C 687 -3.52 17.32 -1.25
C TYR C 687 -4.22 16.54 -0.12
N THR C 688 -4.00 15.21 -0.07
CA THR C 688 -4.58 14.32 0.89
C THR C 688 -4.19 14.65 2.29
N ASN C 689 -5.21 14.77 3.16
CA ASN C 689 -4.95 14.94 4.59
C ASN C 689 -4.25 16.25 4.90
N ARG C 690 -4.24 17.25 4.01
CA ARG C 690 -3.48 18.47 4.33
C ARG C 690 -4.44 19.55 4.76
N ASN C 691 -3.95 20.51 5.62
CA ASN C 691 -4.80 21.55 6.18
C ASN C 691 -4.60 22.88 5.41
N HIS C 692 -4.97 24.00 6.04
CA HIS C 692 -4.82 25.29 5.40
C HIS C 692 -3.39 25.64 5.08
N GLY C 693 -2.41 25.03 5.76
CA GLY C 693 -0.99 25.26 5.54
C GLY C 693 -0.33 24.42 4.45
N ILE C 694 -1.05 23.42 3.93
CA ILE C 694 -0.59 22.43 2.97
C ILE C 694 0.91 22.14 3.13
N TYR C 695 1.25 21.34 4.10
CA TYR C 695 2.66 21.08 4.36
C TYR C 695 2.78 19.68 4.89
N GLY C 696 4.02 19.10 4.83
CA GLY C 696 4.31 17.80 5.37
C GLY C 696 5.22 16.95 4.51
N GLY C 697 6.40 16.57 4.99
CA GLY C 697 7.29 15.88 4.08
C GLY C 697 7.61 16.74 2.88
N ASN C 698 7.51 16.15 1.69
CA ASN C 698 7.86 16.82 0.45
C ASN C 698 6.74 17.73 -0.10
N THR C 699 5.63 17.89 0.66
CA THR C 699 4.46 18.63 0.18
C THR C 699 4.79 20.04 -0.30
N ARG C 700 5.52 20.86 0.48
CA ARG C 700 5.75 22.24 0.08
C ARG C 700 6.60 22.31 -1.16
N GLN C 701 7.65 21.56 -1.22
CA GLN C 701 8.47 21.53 -2.43
C GLN C 701 7.64 21.07 -3.63
N HIS C 702 6.81 20.04 -3.45
CA HIS C 702 5.97 19.52 -4.53
C HIS C 702 5.02 20.61 -5.02
N LEU C 703 4.42 21.34 -4.07
CA LEU C 703 3.42 22.34 -4.37
C LEU C 703 4.04 23.49 -5.12
N TYR C 704 5.19 23.98 -4.65
CA TYR C 704 5.75 25.15 -5.32
C TYR C 704 6.35 24.77 -6.67
N THR C 705 6.80 23.52 -6.81
CA THR C 705 7.20 23.01 -8.13
C THR C 705 6.01 23.00 -9.07
N ARG C 706 4.83 22.57 -8.57
CA ARG C 706 3.61 22.56 -9.38
C ARG C 706 3.19 24.00 -9.78
N LEU C 707 3.27 24.93 -8.86
CA LEU C 707 3.00 26.31 -9.18
C LEU C 707 3.99 26.85 -10.23
N THR C 708 5.26 26.58 -10.04
CA THR C 708 6.27 27.01 -11.01
C THR C 708 5.93 26.51 -12.40
N ASN C 709 5.71 25.18 -12.49
CA ASN C 709 5.48 24.55 -13.79
C ASN C 709 4.26 25.13 -14.43
N PHE C 710 3.23 25.38 -13.60
CA PHE C 710 1.97 25.89 -14.11
C PHE C 710 2.18 27.25 -14.80
N PHE C 711 2.93 28.17 -14.13
CA PHE C 711 3.18 29.48 -14.71
C PHE C 711 4.18 29.40 -15.88
N LEU C 712 5.15 28.50 -15.84
CA LEU C 712 5.99 28.31 -17.00
C LEU C 712 5.16 27.93 -18.21
N ASN C 713 4.24 26.99 -18.04
CA ASN C 713 3.54 26.50 -19.21
C ASN C 713 2.46 27.49 -19.67
N ASN C 714 1.79 28.16 -18.76
CA ASN C 714 0.71 29.02 -19.18
C ASN C 714 1.13 30.48 -19.43
N LEU C 715 2.31 30.94 -19.01
CA LEU C 715 2.71 32.34 -19.32
C LEU C 715 3.70 32.40 -20.51
C1 715 D . 16.23 -33.61 -3.95
C2 715 D . 16.87 -32.98 -2.75
C3 715 D . 16.81 -31.52 -2.45
C4 715 D . 16.13 -30.57 -3.35
C5 715 D . 15.46 -31.18 -4.58
C6 715 D . 15.50 -32.66 -4.81
F9 715 D . 14.78 -30.44 -5.53
F10 715 D . 17.48 -33.85 -1.98
C11 715 D . 17.48 -30.94 -1.22
C12 715 D . 16.39 -30.84 -0.15
C15 715 D . 17.07 -30.50 1.19
C16 715 D . 17.38 -28.98 1.26
N19 715 D . 17.76 -28.37 2.53
N20 715 D . 15.65 -32.10 -0.09
O22 715 D . 17.18 -28.34 0.27
C25 715 D . 17.91 -29.15 3.74
C26 715 D . 19.22 -28.97 4.43
N27 715 D . 19.78 -27.56 4.52
C28 715 D . 19.23 -26.58 3.70
C29 715 D . 18.02 -26.96 2.77
C39 715 D . 20.84 -27.03 5.23
N40 715 D . 20.95 -25.70 4.96
N41 715 D . 19.92 -25.44 4.00
C42 715 D . 21.68 -27.81 6.24
F43 715 D . 22.69 -27.01 6.68
F44 715 D . 22.12 -28.99 5.75
F45 715 D . 20.88 -28.16 7.30
F46 715 D . 14.93 -33.06 -5.96
C1 715 E . -13.95 -0.93 -11.84
C2 715 E . -15.03 -1.79 -12.42
C3 715 E . -14.75 -3.06 -13.06
C4 715 E . -13.33 -3.56 -13.09
C5 715 E . -12.27 -2.73 -12.49
C6 715 E . -12.56 -1.41 -11.85
F9 715 E . -10.99 -3.12 -12.43
F10 715 E . -16.28 -1.31 -12.42
C11 715 E . -15.83 -3.90 -13.66
C12 715 E . -16.24 -4.92 -12.61
C15 715 E . -17.49 -5.72 -13.06
C16 715 E . -17.17 -6.86 -14.02
N19 715 E . -18.12 -7.90 -14.43
N20 715 E . -16.49 -4.26 -11.33
O22 715 E . -16.08 -6.92 -14.39
C25 715 E . -19.46 -7.83 -13.97
C26 715 E . -20.41 -7.75 -15.11
N27 715 E . -20.16 -8.65 -16.25
C28 715 E . -18.94 -9.29 -16.37
C29 715 E . -17.86 -9.03 -15.29
C39 715 E . -20.92 -9.01 -17.31
N40 715 E . -20.24 -9.88 -18.09
N41 715 E . -19.01 -10.05 -17.47
C42 715 E . -22.29 -8.49 -17.60
F43 715 E . -22.67 -9.19 -18.71
F44 715 E . -22.14 -7.17 -17.97
F45 715 E . -23.07 -8.58 -16.49
F46 715 E . -11.50 -0.70 -11.30
C1 715 F . -8.46 31.87 5.90
C2 715 F . -7.87 32.45 7.15
C3 715 F . -7.92 33.88 7.50
C4 715 F . -8.65 34.79 6.55
C5 715 F . -9.25 34.16 5.31
C6 715 F . -9.16 32.74 4.97
F9 715 F . -9.93 34.91 4.43
F10 715 F . -7.26 31.55 7.88
C11 715 F . -7.22 34.44 8.73
C12 715 F . -8.34 34.60 9.70
C15 715 F . -7.83 34.99 11.07
C16 715 F . -7.51 36.49 11.06
N19 715 F . -7.17 37.13 12.34
N20 715 F . -9.04 33.33 9.69
O22 715 F . -7.60 37.06 10.02
C25 715 F . -7.10 36.35 13.55
C26 715 F . -5.77 36.47 14.26
N27 715 F . -5.19 37.84 14.35
C28 715 F . -5.68 38.86 13.55
C29 715 F . -6.87 38.52 12.57
C39 715 F . -4.19 38.37 15.14
N40 715 F . -4.05 39.70 14.88
N41 715 F . -5.00 39.98 13.88
C42 715 F . -3.35 37.57 16.11
F43 715 F . -2.51 38.47 16.72
F44 715 F . -2.57 36.71 15.43
F45 715 F . -4.13 36.83 16.96
F46 715 F . -9.79 32.27 3.82
#